data_5D1Z
#
_entry.id   5D1Z
#
_cell.length_a   115.292
_cell.length_b   147.005
_cell.length_c   165.045
_cell.angle_alpha   90.00
_cell.angle_beta   90.00
_cell.angle_gamma   90.00
#
_symmetry.space_group_name_H-M   'P 2 21 21'
#
loop_
_entity.id
_entity.type
_entity.pdbx_description
1 polymer 'Y10 Light Chain'
2 polymer 'Y10 Heavy Chain'
3 polymer 'D4-10 Light Chain'
4 polymer 'D4-10 Heavy Chain'
5 polymer 'Iron-regulated surface determinant protein B'
#
loop_
_entity_poly.entity_id
_entity_poly.type
_entity_poly.pdbx_seq_one_letter_code
_entity_poly.pdbx_strand_id
1 'polypeptide(L)'
;DIQMTQSPSFLSASVGDRVTITCRASQGITTYLGWYQQRPGKAPQLLIYAASSLQSGVPPRFSGSGSGTEFTLTISSLQP
EDFATYYCQQLNTYPYTFGPGTRLEIKRTVAAPSVFIFPPSDEQLKSGTASVVCLLNNFYPREAKVQWKVDNALQSGNSQ
ESVTEQDSKDSTYSLSSTLTLSKADYEKHKVYACEVTHQGLSSPVTKSFNRGEC
;
A,H
2 'polypeptide(L)'
;AEVQLVESGGGVVQPGGSLRLSCAASGFTFNKFWMNWVRQAPGKGLEWVADIQVDGSEKNYVDSVKGRFTISRDNGKNSL
YLQMNSLRAEDTGVYYCARGRYDYWSGYLSPWGQGTLVTVSSASTKGPSVFPLAPSSKSTSGGTAALGCLVKDYFPEPVT
VSWNSGALTSGVHTFPAVLQSSGLYSLSSVVTVPSSSLGTQTYICNVNHKPSNTKVDKKVEPKSCGGGSGHHHHHHHHHH
GGDYKDHDGDYKDHDIDYKDDDDK
;
B,G
3 'polypeptide(L)'
;DIQLTQSPSFLSASVADRVTITCRASQAVRSSLAWYQQKPGKAPQLLIYSASTLENGVSSRFSGSGPGTEFTLTISSLQP
EDVGTYYCQQLNTYPFTFGPGTKVEIKRTVAAPSVFIFPPSDEQLKSGTASVVCLLNNFYPREAKVQWKVDNALQSGNSQ
ESVTEQDSKDSTYSLSSTLTLSKADYEKHKVYACEVTHQGLSSPVTKSFNRGEC
;
C,E
4 'polypeptide(L)'
;QVQLQESGPGLVKPSETLSLICTVSGGSISSSSYYWGWIRQTPERNLEWIGIIYFSGTTYYNPSLQSRVSMSLDRSTNRF
SLRLSSVTAADTAIYYCAKPKSRDRGGPGDDYFGMDVWGQGIMVTVSSASTKGPSVFPLAPSSKSTSGGTAALGCLVKDY
FPEPVTVSWNSGALTSGVHTFPAVLQSSGLYSLSSVVTVPSSSLGTQTYICNVNHKPSNTKVDKKVEPKSCGGGSGHHHH
HHHHHHGGDYKDHDGDYKDHDIDYKDDDDK
;
D,F
5 'polypeptide(L)'
;GPAKATNNTYPILNQELREAIKNPAIKDKDHSAPNSRPIDFEMKKKDGTQQFYHYASSVKPARVIFTDSKPEIELGLQSG
QFWRKFEVYEGDKKLPIKLVSYDTVKDYAYIRFSVSNGTKAVKIVSSTHFNNKEEKYDYTLMEFAQPIYNSADKFKT
;
I,J
#
# COMPACT_ATOMS: atom_id res chain seq x y z
N ASP A 1 33.06 10.85 18.58
CA ASP A 1 32.16 10.17 17.60
C ASP A 1 31.59 8.89 18.21
N ILE A 2 30.35 8.54 17.81
CA ILE A 2 29.77 7.17 17.89
C ILE A 2 29.88 6.59 16.46
N GLN A 3 30.59 5.47 16.27
CA GLN A 3 30.90 4.93 14.90
C GLN A 3 29.76 4.03 14.49
N MET A 4 29.26 4.26 13.27
CA MET A 4 28.26 3.41 12.63
C MET A 4 28.97 2.58 11.57
N THR A 5 28.98 1.25 11.72
CA THR A 5 29.51 0.31 10.71
C THR A 5 28.30 -0.46 10.08
N GLN A 6 28.44 -0.98 8.85
CA GLN A 6 27.32 -1.63 8.10
C GLN A 6 27.66 -2.92 7.30
N SER A 7 26.79 -3.93 7.45
CA SER A 7 26.89 -5.27 6.81
C SER A 7 25.65 -5.64 5.93
N PRO A 8 25.84 -6.17 4.70
CA PRO A 8 27.10 -6.11 3.94
C PRO A 8 27.27 -4.69 3.40
N SER A 9 28.40 -4.35 2.79
CA SER A 9 28.48 -3.06 2.06
C SER A 9 28.12 -3.13 0.53
N PHE A 10 28.11 -4.31 -0.10
CA PHE A 10 27.52 -4.54 -1.45
C PHE A 10 26.66 -5.81 -1.33
N LEU A 11 25.48 -5.87 -1.97
CA LEU A 11 24.57 -7.05 -1.88
C LEU A 11 23.90 -7.35 -3.22
N SER A 12 24.09 -8.57 -3.73
CA SER A 12 23.47 -9.00 -5.00
C SER A 12 22.07 -9.52 -4.69
N ALA A 13 21.08 -9.13 -5.50
CA ALA A 13 19.64 -9.45 -5.24
C ALA A 13 18.66 -9.24 -6.45
N SER A 14 17.72 -10.18 -6.66
CA SER A 14 16.73 -10.11 -7.75
C SER A 14 15.41 -9.45 -7.30
N VAL A 15 14.57 -9.12 -8.29
CA VAL A 15 13.29 -8.41 -8.08
C VAL A 15 12.18 -9.41 -7.69
N GLY A 16 11.72 -9.36 -6.43
CA GLY A 16 10.84 -10.39 -5.83
C GLY A 16 11.39 -10.85 -4.47
N ASP A 17 12.74 -11.04 -4.41
CA ASP A 17 13.53 -11.46 -3.21
C ASP A 17 13.17 -10.71 -1.91
N ARG A 18 13.51 -11.33 -0.78
CA ARG A 18 13.29 -10.80 0.56
C ARG A 18 14.63 -10.40 1.20
N VAL A 19 14.92 -9.11 1.20
CA VAL A 19 16.24 -8.57 1.55
C VAL A 19 16.28 -8.02 2.96
N THR A 20 17.41 -8.25 3.62
CA THR A 20 17.75 -7.64 4.91
C THR A 20 19.20 -7.07 4.88
N ILE A 21 19.41 -5.97 5.62
CA ILE A 21 20.75 -5.29 5.76
C ILE A 21 20.86 -4.75 7.20
N THR A 22 22.02 -4.90 7.84
CA THR A 22 22.16 -4.48 9.23
C THR A 22 22.91 -3.14 9.35
N CYS A 23 22.73 -2.52 10.51
CA CYS A 23 23.50 -1.37 11.01
C CYS A 23 23.85 -1.60 12.49
N ARG A 24 25.12 -1.45 12.87
CA ARG A 24 25.64 -1.66 14.24
C ARG A 24 26.35 -0.39 14.77
N ALA A 25 26.27 -0.12 16.07
CA ALA A 25 26.92 1.05 16.69
C ALA A 25 27.86 0.68 17.81
N SER A 26 28.89 1.50 18.00
CA SER A 26 29.90 1.27 19.03
C SER A 26 29.39 1.48 20.47
N GLN A 27 28.20 2.07 20.64
CA GLN A 27 27.54 2.28 21.96
C GLN A 27 26.05 1.98 21.94
N GLY A 28 25.42 2.02 23.11
CA GLY A 28 23.98 1.82 23.25
C GLY A 28 23.27 3.10 22.84
N ILE A 29 22.25 2.98 21.95
CA ILE A 29 21.43 4.12 21.45
C ILE A 29 19.87 3.97 21.52
N THR A 30 19.33 3.25 22.52
CA THR A 30 17.87 3.00 22.63
C THR A 30 17.34 2.61 21.22
N THR A 31 16.20 3.17 20.77
CA THR A 31 15.79 3.13 19.36
C THR A 31 15.87 4.52 18.71
N TYR A 32 16.93 5.29 18.97
CA TYR A 32 17.17 6.60 18.31
C TYR A 32 18.02 6.42 17.04
N LEU A 33 17.40 5.96 15.95
CA LEU A 33 18.10 5.66 14.66
C LEU A 33 17.21 5.71 13.41
N GLY A 34 17.70 6.31 12.34
CA GLY A 34 16.96 6.43 11.09
C GLY A 34 17.55 5.59 10.00
N TRP A 35 16.73 5.26 9.00
CA TRP A 35 17.18 4.68 7.72
C TRP A 35 16.84 5.64 6.58
N TYR A 36 17.83 5.92 5.72
CA TYR A 36 17.72 6.83 4.53
C TYR A 36 18.04 6.09 3.22
N GLN A 37 17.41 6.54 2.12
CA GLN A 37 17.56 5.95 0.78
C GLN A 37 18.02 7.03 -0.15
N GLN A 38 19.04 6.71 -0.94
CA GLN A 38 19.55 7.62 -1.95
C GLN A 38 19.71 6.82 -3.22
N ARG A 39 18.99 7.17 -4.29
CA ARG A 39 19.23 6.57 -5.61
C ARG A 39 20.49 7.24 -6.23
N PRO A 40 21.06 6.69 -7.33
CA PRO A 40 22.19 7.41 -7.98
C PRO A 40 21.79 8.80 -8.57
N GLY A 41 22.68 9.80 -8.42
CA GLY A 41 22.48 11.18 -8.93
C GLY A 41 21.32 12.01 -8.34
N LYS A 42 20.99 11.73 -7.08
CA LYS A 42 19.73 12.17 -6.46
C LYS A 42 19.90 12.38 -4.93
N ALA A 43 19.16 13.35 -4.36
CA ALA A 43 19.17 13.63 -2.92
C ALA A 43 18.62 12.47 -2.08
N PRO A 44 19.10 12.30 -0.84
CA PRO A 44 18.47 11.27 0.03
C PRO A 44 17.03 11.57 0.52
N GLN A 45 16.40 10.54 1.13
CA GLN A 45 14.99 10.55 1.54
C GLN A 45 14.82 9.72 2.78
N LEU A 46 13.97 10.12 3.73
CA LEU A 46 13.79 9.34 4.97
C LEU A 46 12.79 8.15 4.77
N LEU A 47 13.24 6.93 5.10
CA LEU A 47 12.43 5.69 5.05
C LEU A 47 11.83 5.34 6.40
N ILE A 48 12.70 5.25 7.42
CA ILE A 48 12.38 4.80 8.82
C ILE A 48 12.98 5.78 9.86
N TYR A 49 12.23 6.06 10.93
CA TYR A 49 12.71 6.84 12.09
C TYR A 49 12.30 6.11 13.41
N ALA A 50 12.95 6.45 14.53
CA ALA A 50 12.77 5.77 15.82
C ALA A 50 12.99 4.23 15.78
N ALA A 51 13.91 3.77 14.90
CA ALA A 51 14.23 2.33 14.59
C ALA A 51 13.19 1.49 13.80
N SER A 52 11.89 1.74 14.10
CA SER A 52 10.66 1.05 13.59
C SER A 52 9.72 1.86 12.72
N SER A 53 9.58 3.17 13.00
CA SER A 53 8.49 4.00 12.47
C SER A 53 8.70 4.43 11.03
N LEU A 54 7.67 4.24 10.22
CA LEU A 54 7.61 4.46 8.76
C LEU A 54 7.23 5.93 8.36
N GLN A 55 8.16 6.67 7.76
CA GLN A 55 7.91 8.05 7.31
C GLN A 55 6.73 8.13 6.31
N SER A 56 5.96 9.22 6.34
CA SER A 56 4.80 9.40 5.44
C SER A 56 5.26 9.32 3.99
N GLY A 57 4.51 8.57 3.20
CA GLY A 57 4.77 8.44 1.78
C GLY A 57 5.60 7.25 1.37
N VAL A 58 6.05 6.44 2.34
CA VAL A 58 6.89 5.24 2.09
C VAL A 58 5.95 4.01 2.00
N PRO A 59 6.25 3.06 1.07
CA PRO A 59 5.32 1.94 0.90
C PRO A 59 5.36 0.95 2.08
N PRO A 60 4.27 0.16 2.31
CA PRO A 60 4.23 -0.76 3.47
C PRO A 60 5.24 -1.94 3.51
N ARG A 61 6.06 -2.16 2.48
CA ARG A 61 7.04 -3.30 2.49
C ARG A 61 8.38 -3.07 3.25
N PHE A 62 8.72 -1.80 3.55
CA PHE A 62 9.91 -1.44 4.36
C PHE A 62 9.67 -1.56 5.89
N SER A 63 10.27 -2.57 6.56
CA SER A 63 10.22 -2.73 8.05
C SER A 63 11.48 -2.17 8.73
N GLY A 64 11.38 -1.98 10.05
CA GLY A 64 12.48 -1.47 10.85
C GLY A 64 12.48 -2.19 12.18
N SER A 65 13.65 -2.67 12.58
CA SER A 65 13.77 -3.60 13.72
C SER A 65 15.06 -3.35 14.50
N GLY A 66 15.14 -3.89 15.72
CA GLY A 66 16.30 -3.75 16.63
C GLY A 66 16.24 -2.62 17.65
N SER A 67 16.95 -2.80 18.76
CA SER A 67 16.99 -1.87 19.90
C SER A 67 18.30 -2.09 20.71
N GLY A 68 19.10 -1.05 20.91
CA GLY A 68 20.39 -1.10 21.63
C GLY A 68 21.58 -0.69 20.74
N THR A 69 22.34 -1.69 20.27
CA THR A 69 23.48 -1.55 19.37
C THR A 69 23.20 -2.11 17.97
N GLU A 70 22.51 -3.25 17.85
CA GLU A 70 22.28 -3.95 16.56
C GLU A 70 20.92 -3.55 15.96
N PHE A 71 20.91 -3.04 14.72
CA PHE A 71 19.68 -2.54 14.03
C PHE A 71 19.47 -3.17 12.62
N THR A 72 18.21 -3.38 12.23
CA THR A 72 17.81 -4.07 10.96
C THR A 72 16.77 -3.27 10.11
N LEU A 73 17.03 -3.18 8.78
CA LEU A 73 16.05 -2.77 7.73
C LEU A 73 15.72 -3.94 6.81
N THR A 74 14.42 -4.18 6.58
CA THR A 74 13.93 -5.33 5.83
C THR A 74 12.95 -4.84 4.76
N ILE A 75 13.20 -5.16 3.51
CA ILE A 75 12.24 -4.98 2.42
C ILE A 75 11.67 -6.37 2.08
N SER A 76 10.43 -6.67 2.47
CA SER A 76 9.88 -8.05 2.31
C SER A 76 9.75 -8.52 0.84
N SER A 77 9.31 -7.63 -0.08
CA SER A 77 9.17 -7.93 -1.53
C SER A 77 9.88 -6.90 -2.45
N LEU A 78 11.07 -7.23 -2.98
CA LEU A 78 11.94 -6.24 -3.67
C LEU A 78 11.42 -5.80 -5.03
N GLN A 79 11.58 -4.52 -5.38
CA GLN A 79 10.99 -3.89 -6.60
C GLN A 79 12.06 -3.23 -7.54
N PRO A 80 11.66 -2.78 -8.79
CA PRO A 80 12.70 -2.16 -9.66
C PRO A 80 13.34 -0.88 -9.07
N GLU A 81 12.55 -0.04 -8.38
CA GLU A 81 13.04 1.25 -7.83
C GLU A 81 13.75 1.18 -6.45
N ASP A 82 13.86 0.00 -5.83
CA ASP A 82 14.55 -0.18 -4.52
C ASP A 82 16.06 -0.38 -4.58
N PHE A 83 16.63 -0.38 -5.79
CA PHE A 83 18.09 -0.52 -5.97
C PHE A 83 18.80 0.84 -5.83
N ALA A 84 19.49 0.97 -4.71
CA ALA A 84 19.97 2.23 -4.25
C ALA A 84 20.89 1.89 -3.11
N THR A 85 21.52 2.94 -2.57
CA THR A 85 22.35 2.87 -1.37
C THR A 85 21.47 3.25 -0.18
N TYR A 86 21.56 2.47 0.92
CA TYR A 86 20.81 2.69 2.18
C TYR A 86 21.73 3.06 3.35
N TYR A 87 21.43 4.19 4.01
CA TYR A 87 22.24 4.78 5.11
C TYR A 87 21.48 4.79 6.45
N CYS A 88 22.05 4.21 7.50
CA CYS A 88 21.61 4.44 8.90
C CYS A 88 22.29 5.68 9.51
N GLN A 89 21.65 6.32 10.48
CA GLN A 89 22.20 7.47 11.17
C GLN A 89 21.80 7.31 12.63
N GLN A 90 22.72 7.54 13.56
CA GLN A 90 22.37 7.54 14.98
C GLN A 90 21.93 8.94 15.36
N LEU A 91 20.93 9.03 16.23
CA LEU A 91 20.46 10.34 16.71
C LEU A 91 20.33 10.38 18.23
N ASN A 92 21.28 9.71 18.87
CA ASN A 92 21.39 9.60 20.31
C ASN A 92 22.11 10.83 20.89
N THR A 93 23.27 11.16 20.29
CA THR A 93 24.17 12.22 20.74
C THR A 93 24.95 12.79 19.55
N TYR A 94 25.30 14.09 19.59
CA TYR A 94 26.15 14.72 18.58
C TYR A 94 27.62 14.25 18.68
N PRO A 95 28.35 14.13 17.56
CA PRO A 95 27.84 14.42 16.25
C PRO A 95 26.92 13.26 15.77
N TYR A 96 25.85 13.61 15.04
CA TYR A 96 24.84 12.67 14.53
C TYR A 96 25.35 11.93 13.27
N THR A 97 26.21 10.94 13.50
CA THR A 97 27.00 10.27 12.45
C THR A 97 26.19 9.29 11.59
N PHE A 98 26.48 9.24 10.28
CA PHE A 98 25.98 8.22 9.36
C PHE A 98 26.97 7.03 9.32
N GLY A 99 26.60 5.93 8.65
CA GLY A 99 27.52 4.77 8.37
C GLY A 99 28.03 4.74 6.91
N PRO A 100 28.93 3.78 6.55
CA PRO A 100 29.44 3.84 5.17
C PRO A 100 28.36 3.59 4.11
N GLY A 101 27.29 2.88 4.45
CA GLY A 101 26.23 2.50 3.53
C GLY A 101 26.26 1.00 3.19
N THR A 102 25.16 0.55 2.56
CA THR A 102 25.02 -0.77 1.92
C THR A 102 24.39 -0.54 0.55
N ARG A 103 25.07 -0.98 -0.51
CA ARG A 103 24.57 -0.85 -1.89
C ARG A 103 23.85 -2.11 -2.38
N LEU A 104 22.60 -1.91 -2.83
CA LEU A 104 21.77 -2.94 -3.43
C LEU A 104 21.80 -2.80 -4.97
N GLU A 105 22.16 -3.90 -5.65
CA GLU A 105 22.28 -4.01 -7.11
C GLU A 105 21.38 -5.17 -7.60
N ILE A 106 21.18 -5.25 -8.93
CA ILE A 106 20.36 -6.30 -9.56
C ILE A 106 21.21 -7.58 -9.69
N LYS A 107 20.61 -8.75 -9.50
CA LYS A 107 21.34 -10.00 -9.73
C LYS A 107 21.11 -10.52 -11.16
N ARG A 108 22.10 -11.27 -11.67
CA ARG A 108 22.24 -11.66 -13.08
C ARG A 108 23.10 -12.97 -13.06
N THR A 109 22.98 -13.86 -14.06
CA THR A 109 23.97 -14.96 -14.23
C THR A 109 25.36 -14.37 -14.58
N VAL A 110 26.42 -15.10 -14.26
CA VAL A 110 27.81 -14.59 -14.41
C VAL A 110 28.15 -14.34 -15.90
N ALA A 111 28.82 -13.23 -16.22
CA ALA A 111 29.12 -12.81 -17.61
C ALA A 111 30.58 -12.32 -17.80
N ALA A 112 31.26 -12.87 -18.81
CA ALA A 112 32.66 -12.58 -19.16
C ALA A 112 32.75 -11.23 -19.87
N PRO A 113 33.83 -10.44 -19.62
CA PRO A 113 34.01 -9.22 -20.42
C PRO A 113 34.59 -9.47 -21.82
N SER A 114 34.22 -8.64 -22.80
CA SER A 114 35.03 -8.51 -24.01
C SER A 114 36.13 -7.55 -23.65
N VAL A 115 37.39 -7.98 -23.80
CA VAL A 115 38.57 -7.16 -23.47
C VAL A 115 39.09 -6.48 -24.77
N PHE A 116 39.26 -5.16 -24.73
CA PHE A 116 39.89 -4.38 -25.83
C PHE A 116 41.05 -3.55 -25.25
N ILE A 117 42.05 -3.26 -26.09
CA ILE A 117 43.20 -2.41 -25.71
C ILE A 117 43.47 -1.41 -26.84
N PHE A 118 43.85 -0.19 -26.45
CA PHE A 118 43.96 0.95 -27.36
C PHE A 118 45.38 1.60 -27.24
N PRO A 119 46.12 1.82 -28.39
CA PRO A 119 47.39 2.59 -28.30
C PRO A 119 47.17 4.09 -27.99
N PRO A 120 48.23 4.83 -27.61
CA PRO A 120 48.13 6.28 -27.65
C PRO A 120 48.10 6.79 -29.08
N SER A 121 47.49 7.93 -29.27
CA SER A 121 47.43 8.51 -30.58
C SER A 121 48.80 9.09 -30.90
N ASP A 122 49.00 9.38 -32.18
CA ASP A 122 50.10 10.22 -32.66
C ASP A 122 49.80 11.71 -32.33
N GLU A 123 48.51 12.12 -32.35
CA GLU A 123 48.03 13.43 -31.80
C GLU A 123 48.55 13.82 -30.39
N GLN A 124 48.67 12.85 -29.46
CA GLN A 124 49.01 13.07 -28.02
C GLN A 124 50.50 13.01 -27.62
N LEU A 125 51.25 12.14 -28.31
CA LEU A 125 52.73 11.99 -28.12
C LEU A 125 53.48 13.35 -28.33
N LYS A 126 52.92 14.23 -29.16
CA LYS A 126 53.39 15.61 -29.37
C LYS A 126 53.34 16.55 -28.12
N SER A 127 52.52 16.18 -27.12
CA SER A 127 52.50 16.84 -25.79
C SER A 127 53.70 16.49 -24.92
N GLY A 128 54.26 15.27 -25.11
CA GLY A 128 55.28 14.68 -24.23
C GLY A 128 54.74 13.70 -23.18
N THR A 129 53.49 13.25 -23.37
CA THR A 129 52.83 12.34 -22.43
C THR A 129 51.92 11.32 -23.19
N ALA A 130 51.72 10.11 -22.64
CA ALA A 130 51.08 8.97 -23.33
C ALA A 130 50.16 8.15 -22.41
N SER A 131 48.88 8.08 -22.76
CA SER A 131 47.88 7.29 -22.02
C SER A 131 47.45 6.02 -22.78
N VAL A 132 47.69 4.84 -22.19
CA VAL A 132 47.27 3.55 -22.75
C VAL A 132 46.00 3.17 -21.99
N VAL A 133 44.94 2.80 -22.73
CA VAL A 133 43.61 2.52 -22.16
C VAL A 133 43.23 1.04 -22.30
N CYS A 134 42.56 0.49 -21.28
CA CYS A 134 41.99 -0.85 -21.34
C CYS A 134 40.52 -0.75 -21.06
N LEU A 135 39.74 -1.52 -21.81
CA LEU A 135 38.30 -1.60 -21.68
C LEU A 135 37.91 -3.05 -21.34
N LEU A 136 37.10 -3.22 -20.30
CA LEU A 136 36.42 -4.47 -19.95
C LEU A 136 34.95 -4.19 -20.17
N ASN A 137 34.36 -4.75 -21.22
CA ASN A 137 32.98 -4.40 -21.59
C ASN A 137 31.99 -5.48 -21.20
N ASN A 138 30.97 -5.05 -20.44
CA ASN A 138 29.76 -5.83 -20.13
C ASN A 138 29.96 -7.17 -19.41
N PHE A 139 30.20 -7.08 -18.10
CA PHE A 139 30.50 -8.23 -17.24
C PHE A 139 29.77 -8.16 -15.88
N TYR A 140 29.37 -9.31 -15.34
CA TYR A 140 28.87 -9.40 -13.95
C TYR A 140 29.68 -10.51 -13.25
N PRO A 141 30.12 -10.33 -11.98
CA PRO A 141 29.86 -9.16 -11.09
C PRO A 141 30.86 -7.97 -11.23
N ARG A 142 30.81 -7.02 -10.31
CA ARG A 142 31.71 -5.86 -10.28
C ARG A 142 33.20 -6.20 -10.02
N GLU A 143 33.51 -7.22 -9.17
CA GLU A 143 34.90 -7.57 -8.78
C GLU A 143 35.65 -8.16 -9.95
N ALA A 144 36.31 -7.30 -10.69
CA ALA A 144 37.33 -7.66 -11.65
C ALA A 144 38.64 -7.02 -11.22
N LYS A 145 39.73 -7.39 -11.87
CA LYS A 145 41.10 -7.00 -11.50
C LYS A 145 41.94 -6.82 -12.77
N VAL A 146 42.56 -5.63 -12.92
CA VAL A 146 43.29 -5.22 -14.14
C VAL A 146 44.81 -5.22 -13.86
N GLN A 147 45.58 -6.11 -14.52
CA GLN A 147 47.06 -6.14 -14.41
C GLN A 147 47.72 -5.71 -15.73
N TRP A 148 48.42 -4.58 -15.68
CA TRP A 148 49.15 -4.00 -16.83
C TRP A 148 50.61 -4.52 -16.89
N LYS A 149 51.13 -4.70 -18.11
CA LYS A 149 52.50 -5.20 -18.36
C LYS A 149 53.20 -4.37 -19.46
N VAL A 150 54.37 -3.82 -19.15
CA VAL A 150 55.24 -3.11 -20.11
C VAL A 150 56.50 -3.97 -20.29
N ASP A 151 56.70 -4.55 -21.50
CA ASP A 151 57.74 -5.57 -21.74
C ASP A 151 57.66 -6.67 -20.67
N ASN A 152 56.44 -7.15 -20.46
CA ASN A 152 56.15 -8.15 -19.43
C ASN A 152 56.70 -7.74 -18.05
N ALA A 153 56.36 -6.55 -17.56
CA ALA A 153 56.73 -6.13 -16.21
C ALA A 153 55.55 -5.43 -15.53
N LEU A 154 55.05 -5.99 -14.42
CA LEU A 154 53.87 -5.46 -13.66
C LEU A 154 54.01 -3.93 -13.40
N GLN A 155 52.96 -3.14 -13.59
CA GLN A 155 53.00 -1.70 -13.31
C GLN A 155 52.35 -1.50 -11.97
N SER A 156 52.57 -0.34 -11.37
CA SER A 156 52.24 -0.11 -9.97
C SER A 156 52.28 1.39 -9.61
N GLY A 157 51.14 1.94 -9.24
CA GLY A 157 51.02 3.36 -8.89
C GLY A 157 51.09 4.37 -10.02
N ASN A 158 50.91 3.93 -11.28
CA ASN A 158 50.81 4.84 -12.48
C ASN A 158 49.51 4.66 -13.36
N SER A 159 48.49 4.04 -12.77
CA SER A 159 47.18 3.83 -13.41
C SER A 159 46.02 4.12 -12.44
N GLN A 160 44.91 4.51 -13.04
CA GLN A 160 43.65 4.79 -12.36
C GLN A 160 42.58 4.11 -13.17
N GLU A 161 41.49 3.71 -12.53
CA GLU A 161 40.36 3.11 -13.25
C GLU A 161 39.06 3.83 -12.88
N SER A 162 38.00 3.55 -13.61
CA SER A 162 36.65 3.83 -13.12
C SER A 162 35.69 2.84 -13.75
N VAL A 163 34.54 2.66 -13.09
CA VAL A 163 33.51 1.64 -13.41
C VAL A 163 32.20 2.39 -13.70
N THR A 164 31.35 1.90 -14.59
CA THR A 164 30.07 2.57 -14.81
C THR A 164 29.02 2.10 -13.80
N GLU A 165 27.98 2.92 -13.66
CA GLU A 165 26.75 2.55 -12.96
C GLU A 165 26.18 1.34 -13.67
N GLN A 166 25.60 0.40 -12.93
CA GLN A 166 25.02 -0.80 -13.53
C GLN A 166 23.90 -0.52 -14.56
N ASP A 167 23.92 -1.29 -15.65
CA ASP A 167 22.99 -1.15 -16.78
C ASP A 167 21.55 -1.51 -16.33
N SER A 168 20.58 -0.71 -16.75
CA SER A 168 19.18 -1.04 -16.52
C SER A 168 18.71 -2.25 -17.38
N LYS A 169 19.24 -2.42 -18.61
CA LYS A 169 18.74 -3.44 -19.58
C LYS A 169 19.39 -4.81 -19.44
N ASP A 170 20.72 -4.87 -19.41
CA ASP A 170 21.41 -6.18 -19.22
C ASP A 170 22.16 -6.33 -17.90
N SER A 171 21.98 -5.38 -16.97
CA SER A 171 22.52 -5.46 -15.59
C SER A 171 24.05 -5.70 -15.48
N THR A 172 24.78 -5.17 -16.46
CA THR A 172 26.21 -5.38 -16.61
C THR A 172 27.04 -4.11 -16.34
N TYR A 173 28.17 -4.29 -15.64
CA TYR A 173 29.18 -3.24 -15.41
C TYR A 173 30.15 -3.11 -16.61
N SER A 174 30.83 -1.96 -16.73
CA SER A 174 31.96 -1.76 -17.68
C SER A 174 33.09 -0.97 -16.99
N LEU A 175 34.34 -1.28 -17.33
CA LEU A 175 35.53 -0.70 -16.68
C LEU A 175 36.54 -0.08 -17.67
N SER A 176 37.13 1.05 -17.29
CA SER A 176 38.19 1.75 -18.06
C SER A 176 39.42 1.94 -17.19
N SER A 177 40.56 1.41 -17.64
CA SER A 177 41.87 1.61 -16.99
C SER A 177 42.82 2.40 -17.93
N THR A 178 43.31 3.55 -17.46
CA THR A 178 44.25 4.46 -18.16
C THR A 178 45.66 4.46 -17.49
N LEU A 179 46.54 3.63 -18.05
CA LEU A 179 47.99 3.71 -17.78
C LEU A 179 48.50 5.03 -18.41
N THR A 180 49.01 5.93 -17.58
CA THR A 180 49.63 7.17 -18.07
C THR A 180 51.16 7.07 -17.81
N LEU A 181 51.94 7.26 -18.89
CA LEU A 181 53.44 7.28 -18.91
C LEU A 181 53.91 8.48 -19.76
N SER A 182 55.16 8.90 -19.59
CA SER A 182 55.72 10.00 -20.42
C SER A 182 56.14 9.47 -21.82
N LYS A 183 56.61 10.36 -22.69
CA LYS A 183 57.01 10.01 -24.05
C LYS A 183 58.34 9.22 -24.10
N ALA A 184 59.36 9.66 -23.32
CA ALA A 184 60.66 8.96 -23.25
C ALA A 184 60.50 7.49 -22.79
N ASP A 185 59.73 7.33 -21.70
CA ASP A 185 59.39 6.01 -21.04
C ASP A 185 58.66 5.07 -21.99
N TYR A 186 57.57 5.56 -22.58
CA TYR A 186 56.77 4.84 -23.58
C TYR A 186 57.62 4.30 -24.77
N GLU A 187 58.54 5.13 -25.28
CA GLU A 187 59.34 4.79 -26.46
C GLU A 187 60.65 4.07 -26.13
N LYS A 188 60.87 3.72 -24.86
CA LYS A 188 61.95 2.79 -24.45
C LYS A 188 61.58 1.27 -24.63
N HIS A 189 60.28 0.95 -24.66
CA HIS A 189 59.75 -0.42 -24.52
C HIS A 189 58.85 -0.78 -25.73
N LYS A 190 58.47 -2.06 -25.82
CA LYS A 190 57.86 -2.62 -27.02
C LYS A 190 56.46 -3.22 -26.82
N VAL A 191 56.35 -4.35 -26.10
CA VAL A 191 55.04 -5.06 -25.86
C VAL A 191 54.28 -4.43 -24.66
N TYR A 192 53.03 -4.02 -24.90
CA TYR A 192 52.11 -3.43 -23.90
C TYR A 192 50.88 -4.30 -23.80
N ALA A 193 50.67 -4.91 -22.61
CA ALA A 193 49.60 -5.88 -22.38
C ALA A 193 48.67 -5.47 -21.24
N CYS A 194 47.42 -5.92 -21.34
CA CYS A 194 46.40 -5.75 -20.31
C CYS A 194 45.92 -7.16 -19.95
N GLU A 195 46.19 -7.59 -18.71
CA GLU A 195 45.67 -8.87 -18.19
C GLU A 195 44.46 -8.60 -17.31
N VAL A 196 43.38 -9.35 -17.52
CA VAL A 196 42.13 -9.22 -16.76
C VAL A 196 41.81 -10.55 -16.07
N THR A 197 41.75 -10.59 -14.73
CA THR A 197 41.15 -11.73 -13.98
C THR A 197 39.63 -11.45 -13.82
N HIS A 198 38.84 -12.52 -13.70
CA HIS A 198 37.42 -12.41 -13.37
C HIS A 198 36.91 -13.82 -12.93
N GLN A 199 35.65 -13.94 -12.48
CA GLN A 199 34.98 -15.25 -12.22
C GLN A 199 34.58 -16.04 -13.49
N GLY A 200 34.18 -15.33 -14.57
CA GLY A 200 33.64 -15.93 -15.82
C GLY A 200 34.63 -16.39 -16.88
N LEU A 201 35.87 -15.92 -16.78
CA LEU A 201 36.99 -16.46 -17.57
C LEU A 201 37.79 -17.40 -16.68
N SER A 202 38.23 -18.54 -17.21
CA SER A 202 38.93 -19.58 -16.43
C SER A 202 40.44 -19.30 -16.24
N SER A 203 41.12 -18.84 -17.28
CA SER A 203 42.45 -18.22 -17.17
C SER A 203 42.21 -16.73 -17.21
N PRO A 204 43.08 -15.92 -16.58
CA PRO A 204 43.10 -14.48 -16.97
C PRO A 204 43.35 -14.25 -18.50
N VAL A 205 42.56 -13.38 -19.18
CA VAL A 205 42.67 -13.11 -20.67
C VAL A 205 43.56 -11.87 -20.99
N THR A 206 44.59 -12.05 -21.84
CA THR A 206 45.55 -10.98 -22.22
C THR A 206 45.31 -10.44 -23.65
N LYS A 207 45.12 -9.13 -23.76
CA LYS A 207 45.20 -8.42 -25.04
C LYS A 207 46.49 -7.62 -25.10
N SER A 208 47.09 -7.50 -26.29
CA SER A 208 48.36 -6.77 -26.47
C SER A 208 48.50 -6.06 -27.82
N PHE A 209 49.44 -5.11 -27.89
CA PHE A 209 49.95 -4.49 -29.15
C PHE A 209 51.50 -4.27 -29.03
N ASN A 210 52.21 -4.19 -30.15
CA ASN A 210 53.63 -3.76 -30.19
C ASN A 210 53.71 -2.33 -30.76
N ARG A 211 54.48 -1.46 -30.11
CA ARG A 211 54.54 -0.01 -30.47
C ARG A 211 55.14 0.31 -31.87
N GLY A 212 54.42 1.06 -32.70
CA GLY A 212 54.89 1.39 -34.06
C GLY A 212 53.85 1.05 -35.11
N GLU A 213 53.37 -0.21 -35.09
CA GLU A 213 52.31 -0.71 -36.02
C GLU A 213 50.94 -0.78 -35.35
N GLU B 2 3.92 22.05 -2.16
CA GLU B 2 5.07 21.18 -1.88
C GLU B 2 6.13 21.88 -0.99
N VAL B 3 6.74 21.11 -0.09
CA VAL B 3 7.90 21.56 0.70
C VAL B 3 9.04 21.74 -0.30
N GLN B 4 9.65 22.93 -0.33
CA GLN B 4 10.74 23.24 -1.28
C GLN B 4 12.05 23.65 -0.57
N LEU B 5 13.20 23.17 -1.08
CA LEU B 5 14.56 23.51 -0.56
C LEU B 5 15.58 23.68 -1.69
N VAL B 6 15.89 24.93 -2.02
CA VAL B 6 16.70 25.28 -3.19
C VAL B 6 18.00 25.96 -2.71
N GLU B 7 19.15 25.32 -2.98
CA GLU B 7 20.49 25.81 -2.57
C GLU B 7 21.21 26.55 -3.71
N SER B 8 21.89 27.66 -3.40
CA SER B 8 22.79 28.32 -4.35
C SER B 8 24.17 28.41 -3.66
N GLY B 9 25.11 29.13 -4.27
CA GLY B 9 26.40 29.46 -3.64
C GLY B 9 27.63 28.60 -3.96
N GLY B 10 27.42 27.38 -4.46
CA GLY B 10 28.50 26.44 -4.67
C GLY B 10 29.35 26.77 -5.88
N GLY B 11 30.43 26.01 -6.03
CA GLY B 11 31.41 26.21 -7.11
C GLY B 11 32.85 25.87 -6.74
N VAL B 12 33.81 26.50 -7.43
CA VAL B 12 35.27 26.29 -7.23
C VAL B 12 35.92 27.40 -6.39
N VAL B 13 36.80 27.02 -5.48
CA VAL B 13 37.48 27.92 -4.55
C VAL B 13 38.82 27.25 -4.21
N GLN B 14 39.87 27.97 -3.77
CA GLN B 14 41.19 27.31 -3.52
C GLN B 14 41.52 27.11 -2.02
N PRO B 15 42.45 26.16 -1.66
CA PRO B 15 42.81 25.93 -0.24
C PRO B 15 43.10 27.23 0.57
N GLY B 16 42.47 27.39 1.74
CA GLY B 16 42.49 28.65 2.49
C GLY B 16 41.25 29.48 2.33
N GLY B 17 40.53 29.35 1.20
CA GLY B 17 39.56 30.36 0.75
C GLY B 17 38.23 30.42 1.48
N SER B 18 37.31 31.24 0.98
CA SER B 18 35.92 31.38 1.49
C SER B 18 34.80 31.05 0.48
N LEU B 19 33.62 30.68 0.99
CA LEU B 19 32.39 30.50 0.15
C LEU B 19 31.13 30.56 1.05
N ARG B 20 30.15 31.38 0.73
CA ARG B 20 28.92 31.33 1.51
C ARG B 20 27.78 30.62 0.76
N LEU B 21 27.16 29.64 1.41
CA LEU B 21 26.07 28.83 0.84
C LEU B 21 24.72 29.35 1.34
N SER B 22 23.69 29.16 0.50
CA SER B 22 22.33 29.64 0.71
C SER B 22 21.36 28.49 0.53
N CYS B 23 20.22 28.60 1.20
CA CYS B 23 19.10 27.66 1.08
C CYS B 23 17.76 28.38 1.31
N ALA B 24 17.06 28.69 0.20
CA ALA B 24 15.68 29.17 0.25
C ALA B 24 14.75 27.99 0.61
N ALA B 25 13.84 28.24 1.57
CA ALA B 25 12.80 27.28 2.03
C ALA B 25 11.36 27.87 1.94
N SER B 26 10.46 27.13 1.28
CA SER B 26 9.05 27.49 1.16
C SER B 26 8.16 26.24 1.30
N GLY B 27 6.85 26.47 1.47
CA GLY B 27 5.88 25.42 1.75
C GLY B 27 5.88 24.90 3.17
N PHE B 28 6.40 25.68 4.12
CA PHE B 28 6.22 25.37 5.55
C PHE B 28 6.62 26.58 6.39
N THR B 29 6.21 26.58 7.66
CA THR B 29 6.59 27.64 8.63
C THR B 29 8.06 27.46 9.04
N PHE B 30 8.95 28.20 8.36
CA PHE B 30 10.42 28.04 8.53
C PHE B 30 10.85 28.19 10.00
N ASN B 31 10.24 29.16 10.69
CA ASN B 31 10.48 29.44 12.13
C ASN B 31 10.04 28.34 13.16
N LYS B 32 9.54 27.19 12.68
CA LYS B 32 9.08 26.09 13.54
C LYS B 32 9.81 24.74 13.36
N PHE B 33 10.89 24.71 12.55
CA PHE B 33 11.65 23.47 12.19
C PHE B 33 13.20 23.63 12.41
N TRP B 34 13.91 22.53 12.70
CA TRP B 34 15.39 22.50 12.74
C TRP B 34 15.94 22.37 11.31
N MET B 35 17.02 23.09 11.03
CA MET B 35 17.69 23.01 9.75
C MET B 35 19.10 22.47 9.89
N ASN B 36 19.45 21.51 9.03
CA ASN B 36 20.71 20.78 9.08
C ASN B 36 21.44 20.87 7.74
N TRP B 37 22.78 20.84 7.77
CA TRP B 37 23.62 20.60 6.57
C TRP B 37 24.25 19.18 6.62
N VAL B 38 24.22 18.48 5.49
CA VAL B 38 24.92 17.17 5.31
C VAL B 38 25.78 17.30 4.03
N ARG B 39 26.93 16.61 3.96
CA ARG B 39 27.83 16.63 2.78
C ARG B 39 28.10 15.23 2.24
N GLN B 40 28.74 15.17 1.07
CA GLN B 40 29.08 13.90 0.40
C GLN B 40 30.19 14.11 -0.62
N ALA B 41 31.39 13.57 -0.34
CA ALA B 41 32.56 13.72 -1.22
C ALA B 41 32.42 12.80 -2.44
N PRO B 42 32.91 13.22 -3.66
CA PRO B 42 32.74 12.46 -4.91
C PRO B 42 33.00 10.94 -4.81
N GLY B 43 31.99 10.14 -5.16
CA GLY B 43 32.05 8.67 -5.03
C GLY B 43 31.76 8.05 -3.66
N LYS B 44 32.07 8.76 -2.56
CA LYS B 44 31.88 8.28 -1.18
C LYS B 44 30.45 8.61 -0.66
N GLY B 45 30.21 8.30 0.63
CA GLY B 45 28.92 8.41 1.30
C GLY B 45 28.67 9.66 2.14
N LEU B 46 27.59 9.60 2.93
CA LEU B 46 27.03 10.73 3.70
C LEU B 46 27.76 10.94 5.04
N GLU B 47 27.84 12.20 5.46
CA GLU B 47 28.53 12.61 6.69
C GLU B 47 27.91 13.93 7.21
N TRP B 48 27.28 13.90 8.39
CA TRP B 48 26.59 15.07 9.03
C TRP B 48 27.56 16.27 9.29
N VAL B 49 27.17 17.49 8.91
CA VAL B 49 28.03 18.70 9.01
C VAL B 49 27.62 19.55 10.22
N ALA B 50 26.43 20.12 10.20
CA ALA B 50 25.95 21.00 11.26
C ALA B 50 24.44 21.04 11.32
N ASP B 51 23.92 21.50 12.44
CA ASP B 51 22.48 21.84 12.57
C ASP B 51 22.30 23.14 13.37
N ILE B 52 21.13 23.75 13.20
CA ILE B 52 20.78 25.00 13.89
C ILE B 52 19.33 24.92 14.37
N GLN B 53 19.11 25.31 15.61
CA GLN B 53 17.78 25.41 16.22
C GLN B 53 16.86 26.44 15.49
N VAL B 54 15.55 26.24 15.65
CA VAL B 54 14.47 27.16 15.29
C VAL B 54 14.78 28.69 15.25
N ASP B 55 15.38 29.26 16.29
CA ASP B 55 15.69 30.70 16.31
C ASP B 55 17.19 31.01 16.34
N GLY B 56 18.02 30.04 16.00
CA GLY B 56 19.47 30.21 16.06
C GLY B 56 20.04 30.29 17.46
N SER B 57 19.30 29.75 18.45
CA SER B 57 19.73 29.63 19.87
C SER B 57 20.93 28.65 20.02
N GLU B 58 20.76 27.42 19.53
CA GLU B 58 21.81 26.39 19.54
C GLU B 58 22.27 26.10 18.10
N LYS B 59 23.54 25.74 17.97
CA LYS B 59 24.12 25.27 16.72
C LYS B 59 25.09 24.16 17.12
N ASN B 60 25.13 23.06 16.35
CA ASN B 60 26.10 21.98 16.55
C ASN B 60 26.85 21.71 15.24
N TYR B 61 28.17 21.49 15.32
CA TYR B 61 29.09 21.25 14.15
C TYR B 61 29.78 19.92 14.34
N VAL B 62 30.19 19.22 13.27
CA VAL B 62 31.02 18.02 13.45
C VAL B 62 32.44 18.51 13.84
N ASP B 63 33.28 17.65 14.41
CA ASP B 63 34.61 18.09 14.89
C ASP B 63 35.55 18.65 13.79
N SER B 64 35.64 17.94 12.65
CA SER B 64 36.38 18.37 11.40
C SER B 64 36.16 19.81 10.96
N VAL B 65 34.92 20.26 11.11
CA VAL B 65 34.37 21.51 10.53
C VAL B 65 34.36 22.70 11.49
N LYS B 66 34.36 22.43 12.80
CA LYS B 66 34.29 23.46 13.83
C LYS B 66 35.52 24.40 13.79
N GLY B 67 35.29 25.68 14.06
CA GLY B 67 36.30 26.73 13.97
C GLY B 67 36.37 27.44 12.64
N ARG B 68 35.90 26.78 11.58
CA ARG B 68 36.00 27.25 10.19
C ARG B 68 34.62 27.53 9.55
N PHE B 69 33.64 26.63 9.70
CA PHE B 69 32.27 26.81 9.19
C PHE B 69 31.34 27.39 10.26
N THR B 70 30.51 28.36 9.86
CA THR B 70 29.47 28.98 10.69
C THR B 70 28.12 28.72 10.00
N ILE B 71 27.11 28.28 10.76
CA ILE B 71 25.74 27.99 10.27
C ILE B 71 24.82 29.11 10.78
N SER B 72 23.87 29.57 9.96
CA SER B 72 23.00 30.70 10.33
C SER B 72 21.59 30.67 9.71
N ARG B 73 20.76 31.62 10.10
CA ARG B 73 19.38 31.68 9.72
C ARG B 73 19.01 33.09 9.40
N ASP B 74 17.77 33.24 8.99
CA ASP B 74 17.10 34.50 8.80
C ASP B 74 15.65 34.00 8.60
N ASN B 75 14.84 33.93 9.68
CA ASN B 75 13.41 33.46 9.59
C ASN B 75 12.46 34.40 8.82
N GLY B 76 12.74 35.71 8.82
CA GLY B 76 12.03 36.68 7.97
C GLY B 76 12.22 36.55 6.44
N LYS B 77 13.37 36.03 6.01
CA LYS B 77 13.67 35.72 4.57
C LYS B 77 13.51 34.25 4.18
N ASN B 78 13.25 33.36 5.17
CA ASN B 78 13.01 31.91 4.94
C ASN B 78 14.24 31.14 4.38
N SER B 79 15.44 31.56 4.76
CA SER B 79 16.67 30.95 4.22
C SER B 79 17.73 30.55 5.28
N LEU B 80 18.57 29.60 4.89
CA LEU B 80 19.56 28.97 5.76
C LEU B 80 20.93 29.17 5.10
N TYR B 81 21.92 29.57 5.90
CA TYR B 81 23.28 29.87 5.39
C TYR B 81 24.32 28.91 6.00
N LEU B 82 25.40 28.67 5.25
CA LEU B 82 26.61 28.01 5.77
C LEU B 82 27.77 28.85 5.32
N GLN B 83 28.46 29.50 6.27
CA GLN B 83 29.63 30.33 5.97
C GLN B 83 30.84 29.44 6.15
N MET B 84 31.45 29.02 5.02
CA MET B 84 32.65 28.16 4.97
C MET B 84 33.93 29.00 4.69
N ASN B 85 34.75 29.26 5.71
CA ASN B 85 36.08 29.89 5.57
C ASN B 85 37.14 28.80 5.65
N SER B 86 38.41 29.17 5.40
CA SER B 86 39.56 28.31 5.71
C SER B 86 39.47 26.86 5.13
N LEU B 87 39.05 26.76 3.87
CA LEU B 87 38.57 25.50 3.23
C LEU B 87 39.62 24.51 2.73
N ARG B 88 39.32 23.21 2.80
CA ARG B 88 40.31 22.08 2.57
C ARG B 88 40.02 21.10 1.37
N ALA B 89 40.98 20.20 1.07
CA ALA B 89 40.83 19.04 0.14
C ALA B 89 39.70 18.06 0.58
N GLU B 90 39.60 17.83 1.90
CA GLU B 90 38.61 16.94 2.53
C GLU B 90 37.19 17.45 2.38
N ASP B 91 37.02 18.75 2.16
CA ASP B 91 35.72 19.43 2.04
C ASP B 91 35.04 19.38 0.65
N THR B 92 35.74 18.95 -0.41
CA THR B 92 35.14 18.96 -1.75
C THR B 92 34.04 17.90 -1.72
N GLY B 93 32.79 18.32 -1.88
CA GLY B 93 31.66 17.41 -2.00
C GLY B 93 30.34 18.08 -2.34
N VAL B 94 29.27 17.27 -2.41
CA VAL B 94 27.88 17.77 -2.60
C VAL B 94 27.23 18.08 -1.23
N TYR B 95 26.68 19.29 -1.08
CA TYR B 95 26.25 19.85 0.23
C TYR B 95 24.70 20.05 0.34
N TYR B 96 24.05 19.16 1.10
CA TYR B 96 22.60 19.05 1.19
C TYR B 96 22.04 19.90 2.30
N CYS B 97 21.11 20.74 1.94
CA CYS B 97 20.23 21.43 2.85
C CYS B 97 19.22 20.35 3.21
N ALA B 98 18.62 20.40 4.39
CA ALA B 98 17.71 19.35 4.83
C ALA B 98 17.06 19.72 6.13
N ARG B 99 15.75 19.51 6.20
CA ARG B 99 14.92 20.02 7.29
C ARG B 99 14.52 18.92 8.25
N GLY B 100 14.37 19.27 9.54
CA GLY B 100 13.82 18.39 10.55
C GLY B 100 12.46 17.87 10.10
N ARG B 101 12.12 16.63 10.44
CA ARG B 101 10.95 15.94 9.81
C ARG B 101 9.60 16.36 10.31
N TYR B 102 9.55 17.07 11.43
CA TYR B 102 8.31 17.50 12.05
C TYR B 102 8.62 18.84 12.81
N ASP B 103 7.59 19.55 13.28
CA ASP B 103 7.78 20.81 14.05
C ASP B 103 8.65 20.63 15.31
N TYR B 104 9.75 21.36 15.38
CA TYR B 104 10.69 21.34 16.54
C TYR B 104 11.42 19.99 16.80
N TRP B 105 11.60 19.22 15.71
CA TRP B 105 12.27 17.90 15.71
C TRP B 105 13.62 18.09 15.11
N SER B 106 14.64 17.64 15.83
CA SER B 106 16.02 17.67 15.37
C SER B 106 16.34 16.35 14.75
N GLY B 107 17.52 16.30 14.14
CA GLY B 107 18.11 15.04 13.73
C GLY B 107 17.59 14.38 12.46
N TYR B 108 16.36 13.86 12.50
CA TYR B 108 15.78 13.12 11.38
C TYR B 108 15.45 14.11 10.31
N LEU B 109 15.81 13.78 9.07
CA LEU B 109 15.80 14.76 8.00
C LEU B 109 14.91 14.35 6.83
N SER B 110 13.73 14.94 6.69
CA SER B 110 13.07 15.02 5.36
C SER B 110 12.21 16.27 5.21
N PRO B 111 12.17 16.87 4.00
CA PRO B 111 12.96 16.43 2.87
C PRO B 111 14.30 17.16 2.83
N TRP B 112 15.11 16.77 1.86
CA TRP B 112 16.40 17.37 1.64
C TRP B 112 16.29 18.19 0.37
N GLY B 113 17.34 18.93 0.03
CA GLY B 113 17.48 19.61 -1.27
C GLY B 113 18.26 18.78 -2.29
N GLN B 114 18.19 19.17 -3.58
CA GLN B 114 18.81 18.41 -4.73
C GLN B 114 20.36 18.36 -4.78
N GLY B 115 21.04 19.38 -4.24
CA GLY B 115 22.49 19.38 -4.03
C GLY B 115 23.21 20.51 -4.75
N THR B 116 24.27 21.02 -4.13
CA THR B 116 25.16 22.07 -4.70
C THR B 116 26.68 21.67 -4.60
N LEU B 117 27.33 21.34 -5.72
CA LEU B 117 28.76 20.92 -5.71
C LEU B 117 29.66 22.06 -5.18
N VAL B 118 30.52 21.71 -4.21
CA VAL B 118 31.67 22.54 -3.74
C VAL B 118 32.92 21.76 -4.18
N THR B 119 33.80 22.43 -4.93
CA THR B 119 35.12 21.90 -5.29
C THR B 119 36.22 22.77 -4.64
N VAL B 120 37.24 22.11 -4.10
CA VAL B 120 38.40 22.76 -3.51
C VAL B 120 39.65 22.11 -4.12
N SER B 121 40.31 22.92 -4.94
CA SER B 121 41.32 22.49 -5.89
C SER B 121 41.89 23.80 -6.36
N SER B 122 43.19 24.05 -6.22
CA SER B 122 43.80 25.29 -6.76
C SER B 122 44.08 25.29 -8.30
N ALA B 123 43.67 24.24 -9.03
CA ALA B 123 43.87 24.14 -10.49
C ALA B 123 42.94 25.11 -11.27
N SER B 124 43.41 25.71 -12.37
CA SER B 124 42.61 26.67 -13.16
C SER B 124 41.63 26.02 -14.16
N THR B 125 40.58 26.76 -14.54
CA THR B 125 39.64 26.36 -15.60
C THR B 125 40.44 26.07 -16.89
N LYS B 126 40.40 24.83 -17.39
CA LYS B 126 41.14 24.41 -18.61
C LYS B 126 40.25 23.54 -19.54
N GLY B 127 40.38 23.73 -20.87
CA GLY B 127 39.64 22.94 -21.85
C GLY B 127 40.26 21.56 -22.06
N PRO B 128 39.44 20.52 -22.36
CA PRO B 128 39.97 19.16 -22.60
C PRO B 128 40.67 18.92 -23.96
N SER B 129 41.70 18.06 -23.95
CA SER B 129 42.25 17.46 -25.17
C SER B 129 41.50 16.17 -25.43
N VAL B 130 40.95 16.04 -26.62
CA VAL B 130 40.23 14.86 -27.02
C VAL B 130 41.12 14.05 -27.96
N PHE B 131 41.44 12.80 -27.57
CA PHE B 131 42.34 11.90 -28.31
C PHE B 131 41.58 10.61 -28.73
N PRO B 132 41.84 10.07 -29.96
CA PRO B 132 41.12 8.87 -30.43
C PRO B 132 41.61 7.54 -29.82
N LEU B 133 40.68 6.59 -29.67
CA LEU B 133 40.98 5.21 -29.28
C LEU B 133 40.76 4.31 -30.53
N ALA B 134 41.86 4.05 -31.24
CA ALA B 134 41.84 3.37 -32.56
C ALA B 134 41.53 1.86 -32.48
N PRO B 135 40.55 1.37 -33.29
CA PRO B 135 40.21 -0.09 -33.44
C PRO B 135 41.04 -0.95 -34.46
N SER B 136 41.61 -2.07 -33.99
CA SER B 136 42.61 -2.87 -34.73
C SER B 136 42.20 -4.35 -34.99
N SER B 137 41.66 -4.62 -36.19
CA SER B 137 41.36 -5.98 -36.68
C SER B 137 40.40 -6.76 -35.77
N GLY B 142 37.45 -9.19 -36.93
CA GLY B 142 36.10 -9.65 -37.29
C GLY B 142 35.27 -10.13 -36.09
N GLY B 143 33.96 -9.85 -36.09
CA GLY B 143 33.01 -10.26 -35.03
C GLY B 143 32.51 -9.21 -34.05
N THR B 144 32.99 -7.94 -34.16
CA THR B 144 32.61 -6.71 -33.32
C THR B 144 33.90 -5.95 -32.87
N ALA B 145 34.04 -4.67 -33.22
CA ALA B 145 35.16 -3.84 -32.75
C ALA B 145 34.69 -2.78 -31.73
N ALA B 146 35.60 -2.37 -30.83
CA ALA B 146 35.35 -1.29 -29.88
C ALA B 146 36.21 -0.09 -30.24
N LEU B 147 35.65 1.10 -30.10
CA LEU B 147 36.39 2.36 -30.31
C LEU B 147 35.97 3.43 -29.28
N GLY B 148 36.66 4.57 -29.27
CA GLY B 148 36.38 5.59 -28.28
C GLY B 148 37.12 6.90 -28.43
N CYS B 149 36.95 7.75 -27.41
CA CYS B 149 37.63 9.04 -27.27
C CYS B 149 38.12 9.25 -25.82
N LEU B 150 39.42 9.33 -25.56
CA LEU B 150 39.91 9.76 -24.24
C LEU B 150 39.79 11.28 -24.16
N VAL B 151 39.04 11.79 -23.19
CA VAL B 151 38.91 13.22 -22.95
C VAL B 151 39.82 13.52 -21.76
N LYS B 152 40.95 14.21 -21.99
CA LYS B 152 42.03 14.36 -20.98
C LYS B 152 42.27 15.82 -20.54
N ASP B 153 42.81 16.01 -19.33
CA ASP B 153 43.45 17.27 -18.87
C ASP B 153 42.44 18.42 -18.78
N TYR B 154 41.25 18.18 -18.20
CA TYR B 154 40.20 19.23 -18.07
C TYR B 154 39.86 19.64 -16.63
N PHE B 155 39.27 20.83 -16.47
CA PHE B 155 38.81 21.38 -15.16
C PHE B 155 37.77 22.52 -15.37
N PRO B 156 36.59 22.54 -14.71
CA PRO B 156 36.09 21.56 -13.72
C PRO B 156 35.14 20.50 -14.35
N GLU B 157 34.37 19.81 -13.52
CA GLU B 157 33.22 19.01 -14.00
C GLU B 157 32.08 19.94 -14.54
N PRO B 158 31.12 19.46 -15.36
CA PRO B 158 31.14 18.14 -16.00
C PRO B 158 31.51 18.26 -17.48
N VAL B 159 31.55 17.09 -18.14
CA VAL B 159 31.66 16.89 -19.61
C VAL B 159 30.37 16.15 -20.08
N THR B 160 29.79 16.52 -21.22
CA THR B 160 28.68 15.75 -21.81
C THR B 160 29.21 15.25 -23.15
N VAL B 161 29.43 13.94 -23.26
CA VAL B 161 29.93 13.31 -24.48
C VAL B 161 28.72 12.64 -25.12
N SER B 162 28.59 12.79 -26.43
CA SER B 162 27.64 12.02 -27.25
C SER B 162 28.40 11.53 -28.48
N TRP B 163 27.75 10.73 -29.35
CA TRP B 163 28.39 10.06 -30.51
C TRP B 163 27.46 10.15 -31.74
N ASN B 164 28.02 10.50 -32.91
CA ASN B 164 27.25 10.73 -34.18
C ASN B 164 26.07 11.70 -34.03
N SER B 165 26.29 12.72 -33.20
CA SER B 165 25.30 13.71 -32.70
C SER B 165 24.13 13.10 -31.90
N GLY B 166 24.39 12.22 -30.92
CA GLY B 166 23.33 11.51 -30.20
C GLY B 166 22.56 10.40 -30.95
N ALA B 167 22.74 10.28 -32.27
CA ALA B 167 22.16 9.21 -33.10
C ALA B 167 22.83 7.83 -32.96
N LEU B 168 23.95 7.77 -32.22
CA LEU B 168 24.57 6.53 -31.77
C LEU B 168 24.44 6.53 -30.24
N THR B 169 23.38 5.85 -29.76
CA THR B 169 23.14 5.63 -28.31
C THR B 169 23.44 4.19 -27.84
N SER B 170 23.39 3.22 -28.75
CA SER B 170 23.48 1.78 -28.41
C SER B 170 24.91 1.29 -28.12
N GLY B 171 25.09 0.71 -26.93
CA GLY B 171 26.38 0.20 -26.48
C GLY B 171 27.38 1.26 -26.08
N VAL B 172 26.93 2.47 -25.71
CA VAL B 172 27.80 3.63 -25.41
C VAL B 172 28.00 3.72 -23.90
N HIS B 173 29.26 3.65 -23.48
CA HIS B 173 29.61 3.74 -22.06
C HIS B 173 30.53 4.98 -21.73
N THR B 174 29.91 6.12 -21.45
CA THR B 174 30.62 7.29 -20.94
C THR B 174 30.97 6.98 -19.50
N PHE B 175 32.27 6.91 -19.19
CA PHE B 175 32.75 6.55 -17.83
C PHE B 175 32.76 7.75 -16.86
N PRO B 176 32.74 7.48 -15.52
CA PRO B 176 32.99 8.57 -14.56
C PRO B 176 34.42 9.11 -14.66
N ALA B 177 34.61 10.42 -14.46
CA ALA B 177 35.97 10.98 -14.55
C ALA B 177 36.84 10.50 -13.37
N VAL B 178 38.16 10.63 -13.45
CA VAL B 178 39.06 10.35 -12.31
C VAL B 178 39.93 11.57 -12.10
N LEU B 179 40.10 12.02 -10.85
CA LEU B 179 41.05 13.11 -10.51
C LEU B 179 42.50 12.54 -10.62
N GLN B 180 43.37 13.20 -11.42
CA GLN B 180 44.81 12.85 -11.62
C GLN B 180 45.63 13.68 -10.61
N SER B 181 46.88 13.35 -10.32
CA SER B 181 47.67 14.17 -9.36
C SER B 181 48.01 15.58 -9.91
N SER B 182 47.72 15.82 -11.19
CA SER B 182 47.63 17.18 -11.81
C SER B 182 46.71 18.21 -11.15
N GLY B 183 45.62 17.72 -10.55
CA GLY B 183 44.48 18.54 -10.09
C GLY B 183 43.32 18.53 -11.08
N LEU B 184 43.62 17.99 -12.28
CA LEU B 184 42.83 18.07 -13.49
C LEU B 184 42.25 16.67 -13.79
N TYR B 185 41.02 16.65 -14.32
CA TYR B 185 40.21 15.43 -14.55
C TYR B 185 40.56 14.67 -15.87
N SER B 186 40.07 13.44 -15.98
CA SER B 186 40.25 12.64 -17.19
C SER B 186 39.22 11.50 -17.34
N LEU B 187 38.42 11.57 -18.40
CA LEU B 187 37.29 10.70 -18.68
C LEU B 187 37.57 9.85 -19.95
N SER B 188 36.93 8.69 -20.05
CA SER B 188 36.95 7.86 -21.27
C SER B 188 35.49 7.63 -21.71
N SER B 189 35.24 7.64 -23.03
CA SER B 189 33.90 7.31 -23.61
C SER B 189 34.06 6.34 -24.78
N VAL B 190 33.32 5.22 -24.75
CA VAL B 190 33.47 4.15 -25.77
C VAL B 190 32.14 3.73 -26.39
N VAL B 191 32.21 2.90 -27.43
CA VAL B 191 31.02 2.31 -28.05
C VAL B 191 31.36 0.95 -28.71
N THR B 192 30.41 0.00 -28.63
CA THR B 192 30.51 -1.31 -29.28
C THR B 192 29.69 -1.25 -30.61
N VAL B 193 30.33 -1.59 -31.75
CA VAL B 193 29.75 -1.50 -33.14
C VAL B 193 30.21 -2.65 -34.09
N PRO B 194 29.33 -3.18 -34.99
CA PRO B 194 29.84 -4.22 -35.93
C PRO B 194 31.15 -3.86 -36.72
N SER B 195 31.97 -4.88 -36.98
CA SER B 195 33.27 -4.77 -37.70
C SER B 195 33.18 -4.38 -39.19
N SER B 196 32.24 -4.99 -39.93
CA SER B 196 31.92 -4.65 -41.33
C SER B 196 31.48 -3.19 -41.61
N SER B 197 31.01 -2.48 -40.57
CA SER B 197 30.65 -1.04 -40.63
C SER B 197 31.76 -0.07 -40.10
N LEU B 198 33.04 -0.41 -40.32
CA LEU B 198 34.20 0.30 -39.74
C LEU B 198 35.11 1.03 -40.77
N GLY B 199 35.08 0.64 -42.04
CA GLY B 199 35.86 1.32 -43.09
C GLY B 199 34.98 2.13 -44.03
N THR B 200 33.71 2.28 -43.68
CA THR B 200 32.68 2.82 -44.57
C THR B 200 31.86 3.90 -43.78
N GLN B 201 31.05 3.42 -42.82
CA GLN B 201 30.43 4.25 -41.79
C GLN B 201 31.47 4.81 -40.84
N THR B 202 31.61 6.13 -40.80
CA THR B 202 32.60 6.83 -39.93
C THR B 202 32.00 7.27 -38.55
N TYR B 203 32.88 7.32 -37.51
CA TYR B 203 32.48 7.51 -36.08
C TYR B 203 33.12 8.74 -35.39
N ILE B 204 32.29 9.77 -35.12
CA ILE B 204 32.74 11.14 -34.72
C ILE B 204 32.09 11.59 -33.38
N CYS B 205 32.86 11.53 -32.28
CA CYS B 205 32.35 11.80 -30.91
C CYS B 205 32.23 13.30 -30.60
N ASN B 206 31.28 13.66 -29.72
CA ASN B 206 30.91 15.05 -29.42
C ASN B 206 31.23 15.45 -28.01
N VAL B 207 32.46 15.91 -27.78
CA VAL B 207 32.87 16.36 -26.45
C VAL B 207 32.54 17.84 -26.29
N ASN B 208 31.57 18.14 -25.40
CA ASN B 208 31.21 19.53 -24.99
C ASN B 208 31.60 19.77 -23.51
N HIS B 209 32.54 20.69 -23.27
CA HIS B 209 32.93 21.15 -21.92
C HIS B 209 32.45 22.61 -21.72
N LYS B 210 31.41 22.80 -20.91
CA LYS B 210 30.68 24.10 -20.77
C LYS B 210 31.23 25.12 -19.74
N PRO B 211 31.95 24.68 -18.69
CA PRO B 211 32.72 25.62 -17.85
C PRO B 211 33.89 26.40 -18.53
N SER B 212 34.36 25.97 -19.71
CA SER B 212 35.22 26.79 -20.59
C SER B 212 34.44 26.97 -21.89
N ASN B 213 35.02 27.62 -22.89
CA ASN B 213 34.34 27.78 -24.20
C ASN B 213 34.47 26.53 -25.14
N THR B 214 35.08 25.42 -24.68
CA THR B 214 35.47 24.23 -25.51
C THR B 214 34.30 23.27 -25.92
N LYS B 215 34.09 23.07 -27.23
CA LYS B 215 33.32 21.93 -27.82
C LYS B 215 34.09 21.36 -29.02
N VAL B 216 34.60 20.12 -28.88
CA VAL B 216 35.48 19.46 -29.88
C VAL B 216 34.74 18.26 -30.46
N ASP B 217 34.70 18.17 -31.79
CA ASP B 217 34.11 17.04 -32.54
C ASP B 217 35.28 16.24 -33.16
N LYS B 218 35.71 15.12 -32.56
CA LYS B 218 36.83 14.28 -33.09
C LYS B 218 36.42 12.96 -33.76
N LYS B 219 36.94 12.73 -34.97
CA LYS B 219 36.72 11.51 -35.75
C LYS B 219 37.65 10.34 -35.31
N VAL B 220 37.10 9.11 -35.23
CA VAL B 220 37.83 7.89 -34.76
C VAL B 220 37.81 6.81 -35.86
N GLU B 221 38.96 6.55 -36.47
CA GLU B 221 39.08 5.67 -37.67
C GLU B 221 40.23 4.62 -37.54
N PRO B 222 40.18 3.50 -38.32
CA PRO B 222 41.33 2.55 -38.27
C PRO B 222 42.70 3.17 -38.65
N LYS B 223 43.80 2.43 -38.43
CA LYS B 223 45.16 2.86 -38.81
C LYS B 223 45.67 2.11 -40.06
N ASP C 1 -8.35 4.68 53.82
CA ASP C 1 -9.00 3.35 53.98
C ASP C 1 -10.49 3.46 54.36
N ILE C 2 -11.38 3.16 53.39
CA ILE C 2 -12.82 2.92 53.63
C ILE C 2 -13.01 1.57 54.41
N GLN C 3 -13.75 1.63 55.52
CA GLN C 3 -13.99 0.47 56.38
C GLN C 3 -15.27 -0.22 55.91
N LEU C 4 -15.25 -1.55 55.94
CA LEU C 4 -16.42 -2.36 55.69
C LEU C 4 -16.76 -3.23 56.90
N THR C 5 -18.05 -3.40 57.10
CA THR C 5 -18.65 -4.16 58.17
C THR C 5 -19.56 -5.20 57.55
N GLN C 6 -19.46 -6.44 58.02
CA GLN C 6 -20.38 -7.50 57.64
C GLN C 6 -21.19 -8.00 58.82
N SER C 7 -22.50 -8.03 58.69
CA SER C 7 -23.36 -8.60 59.71
C SER C 7 -24.14 -9.73 59.02
N PRO C 8 -24.36 -10.90 59.67
CA PRO C 8 -23.63 -11.32 60.86
C PRO C 8 -22.13 -11.70 60.56
N SER C 9 -21.35 -12.09 61.57
CA SER C 9 -20.00 -12.64 61.37
C SER C 9 -20.04 -14.12 61.13
N PHE C 10 -20.92 -14.80 61.87
CA PHE C 10 -21.20 -16.23 61.74
C PHE C 10 -22.71 -16.39 61.59
N LEU C 11 -23.13 -17.47 60.93
CA LEU C 11 -24.54 -17.76 60.70
C LEU C 11 -24.72 -19.24 60.58
N SER C 12 -25.77 -19.76 61.17
CA SER C 12 -26.14 -21.16 61.03
C SER C 12 -27.61 -21.25 60.58
N ALA C 13 -27.86 -21.88 59.43
CA ALA C 13 -29.20 -21.98 58.82
C ALA C 13 -29.38 -23.36 58.18
N SER C 14 -30.63 -23.81 58.06
CA SER C 14 -30.92 -25.13 57.47
C SER C 14 -30.86 -25.11 55.92
N VAL C 15 -30.81 -26.30 55.32
CA VAL C 15 -30.90 -26.50 53.84
C VAL C 15 -32.30 -26.08 53.33
N ALA C 16 -32.32 -25.31 52.23
CA ALA C 16 -33.52 -24.64 51.70
C ALA C 16 -34.03 -23.48 52.56
N ASP C 17 -33.18 -22.86 53.40
CA ASP C 17 -33.49 -21.56 54.08
C ASP C 17 -33.12 -20.34 53.22
N ARG C 18 -33.91 -19.27 53.32
CA ARG C 18 -33.58 -17.99 52.68
C ARG C 18 -32.64 -17.21 53.59
N VAL C 19 -31.39 -17.07 53.15
CA VAL C 19 -30.30 -16.38 53.88
C VAL C 19 -30.06 -14.95 53.34
N THR C 20 -29.72 -14.00 54.23
CA THR C 20 -29.30 -12.62 53.85
C THR C 20 -28.10 -12.09 54.70
N ILE C 21 -26.97 -11.87 54.07
CA ILE C 21 -25.79 -11.25 54.68
C ILE C 21 -25.87 -9.74 54.37
N THR C 22 -25.30 -8.90 55.22
CA THR C 22 -25.21 -7.45 55.01
C THR C 22 -23.73 -7.06 54.84
N CYS C 23 -23.51 -5.89 54.25
CA CYS C 23 -22.20 -5.23 54.15
C CYS C 23 -22.32 -3.68 54.06
N ARG C 24 -21.96 -2.96 55.13
CA ARG C 24 -22.05 -1.48 55.19
C ARG C 24 -20.66 -0.85 54.98
N ALA C 25 -20.60 0.24 54.21
CA ALA C 25 -19.36 1.00 54.01
C ALA C 25 -19.36 2.29 54.85
N SER C 26 -18.19 2.75 55.28
CA SER C 26 -18.10 3.97 56.09
C SER C 26 -18.48 5.26 55.33
N GLN C 27 -18.33 5.23 54.00
CA GLN C 27 -18.85 6.27 53.08
C GLN C 27 -19.78 5.74 51.97
N ALA C 28 -20.25 6.68 51.14
CA ALA C 28 -20.84 6.42 49.82
C ALA C 28 -19.83 5.70 48.94
N VAL C 29 -20.25 4.62 48.27
CA VAL C 29 -19.42 3.90 47.28
C VAL C 29 -20.17 3.54 45.96
N ARG C 30 -21.24 4.28 45.63
CA ARG C 30 -22.07 4.01 44.46
C ARG C 30 -22.34 2.50 44.25
N SER C 31 -22.10 1.93 43.06
CA SER C 31 -22.33 0.49 42.80
C SER C 31 -21.00 -0.27 42.82
N SER C 32 -19.90 0.37 43.22
CA SER C 32 -18.57 -0.24 43.18
C SER C 32 -18.38 -1.22 44.34
N LEU C 33 -19.04 -2.38 44.27
CA LEU C 33 -18.98 -3.37 45.37
C LEU C 33 -19.18 -4.84 44.91
N ALA C 34 -18.10 -5.62 45.03
CA ALA C 34 -18.09 -7.07 44.73
C ALA C 34 -18.32 -7.99 45.96
N TRP C 35 -18.68 -9.25 45.71
CA TRP C 35 -18.93 -10.31 46.74
C TRP C 35 -18.08 -11.53 46.40
N TYR C 36 -17.43 -12.14 47.38
CA TYR C 36 -16.57 -13.32 47.11
C TYR C 36 -17.00 -14.53 47.97
N GLN C 37 -16.63 -15.74 47.55
CA GLN C 37 -16.89 -16.97 48.32
C GLN C 37 -15.59 -17.72 48.51
N GLN C 38 -15.10 -17.76 49.75
CA GLN C 38 -13.97 -18.62 50.05
C GLN C 38 -14.50 -19.92 50.62
N LYS C 39 -14.41 -20.98 49.82
CA LYS C 39 -14.58 -22.35 50.30
C LYS C 39 -13.32 -22.76 51.13
N PRO C 40 -13.41 -23.81 52.00
CA PRO C 40 -12.23 -24.16 52.83
C PRO C 40 -10.96 -24.59 52.05
N GLY C 41 -9.83 -23.95 52.36
CA GLY C 41 -8.57 -24.25 51.69
C GLY C 41 -8.49 -23.89 50.20
N LYS C 42 -9.36 -22.99 49.73
CA LYS C 42 -9.51 -22.54 48.30
C LYS C 42 -9.45 -20.99 48.25
N ALA C 43 -9.05 -20.43 47.11
CA ALA C 43 -8.94 -18.97 46.91
C ALA C 43 -10.33 -18.30 46.73
N PRO C 44 -10.53 -17.01 47.13
CA PRO C 44 -11.85 -16.38 46.91
C PRO C 44 -12.32 -16.44 45.46
N GLN C 45 -13.59 -16.73 45.24
CA GLN C 45 -14.15 -16.71 43.90
C GLN C 45 -15.19 -15.60 43.87
N LEU C 46 -15.10 -14.69 42.89
CA LEU C 46 -16.09 -13.63 42.64
C LEU C 46 -17.50 -14.18 42.34
N LEU C 47 -18.46 -13.77 43.17
CA LEU C 47 -19.90 -14.08 43.00
C LEU C 47 -20.65 -12.96 42.24
N ILE C 48 -20.57 -11.73 42.78
CA ILE C 48 -21.33 -10.54 42.33
C ILE C 48 -20.44 -9.30 42.21
N TYR C 49 -20.47 -8.64 41.05
CA TYR C 49 -19.79 -7.34 40.84
C TYR C 49 -20.85 -6.31 40.45
N SER C 50 -20.44 -5.04 40.36
CA SER C 50 -21.33 -3.87 40.06
C SER C 50 -22.50 -3.75 41.08
N ALA C 51 -22.33 -4.33 42.27
CA ALA C 51 -23.37 -4.47 43.30
C ALA C 51 -24.44 -5.53 43.06
N SER C 52 -24.96 -5.67 41.82
CA SER C 52 -26.04 -6.63 41.46
C SER C 52 -25.88 -7.54 40.24
N THR C 53 -24.80 -7.47 39.45
CA THR C 53 -24.58 -8.42 38.31
C THR C 53 -23.91 -9.75 38.77
N LEU C 54 -24.37 -10.86 38.21
CA LEU C 54 -23.90 -12.23 38.54
C LEU C 54 -22.73 -12.65 37.60
N GLU C 55 -21.76 -13.42 38.15
CA GLU C 55 -20.53 -13.80 37.43
C GLU C 55 -20.70 -15.14 36.68
N ASN C 56 -19.97 -15.33 35.58
CA ASN C 56 -19.95 -16.62 34.81
C ASN C 56 -19.76 -17.87 35.64
N GLY C 57 -20.57 -18.91 35.35
CA GLY C 57 -20.47 -20.21 36.01
C GLY C 57 -20.81 -20.28 37.51
N VAL C 58 -21.26 -19.16 38.12
CA VAL C 58 -21.81 -19.12 39.51
C VAL C 58 -23.33 -19.27 39.47
N SER C 59 -23.88 -19.99 40.45
CA SER C 59 -25.30 -20.36 40.50
C SER C 59 -26.26 -19.15 40.60
N SER C 60 -27.43 -19.24 39.94
CA SER C 60 -28.46 -18.18 39.96
C SER C 60 -29.07 -17.89 41.35
N ARG C 61 -28.68 -18.63 42.40
CA ARG C 61 -29.21 -18.45 43.75
C ARG C 61 -28.64 -17.23 44.53
N PHE C 62 -27.53 -16.64 44.08
CA PHE C 62 -26.92 -15.46 44.72
C PHE C 62 -27.42 -14.13 44.06
N SER C 63 -28.10 -13.22 44.82
CA SER C 63 -28.60 -11.88 44.37
C SER C 63 -27.75 -10.74 44.93
N GLY C 64 -27.87 -9.56 44.31
CA GLY C 64 -27.20 -8.32 44.76
C GLY C 64 -28.08 -7.31 45.49
N SER C 65 -27.73 -6.02 45.40
CA SER C 65 -28.42 -4.94 46.14
C SER C 65 -28.00 -3.53 45.69
N GLY C 66 -27.99 -2.53 46.61
CA GLY C 66 -27.37 -1.22 46.35
C GLY C 66 -28.15 -0.36 45.36
N PRO C 67 -27.54 0.68 44.74
CA PRO C 67 -26.27 1.27 45.15
C PRO C 67 -26.41 2.34 46.27
N GLY C 68 -25.41 2.43 47.16
CA GLY C 68 -25.31 3.52 48.17
C GLY C 68 -24.29 3.32 49.30
N THR C 69 -24.75 2.70 50.39
CA THR C 69 -23.97 2.50 51.64
C THR C 69 -24.18 1.08 52.22
N GLU C 70 -25.45 0.72 52.50
CA GLU C 70 -25.88 -0.66 52.93
C GLU C 70 -26.18 -1.62 51.75
N PHE C 71 -25.49 -2.77 51.70
CA PHE C 71 -25.60 -3.81 50.64
C PHE C 71 -25.92 -5.19 51.28
N THR C 72 -26.75 -6.00 50.63
CA THR C 72 -27.15 -7.33 51.10
C THR C 72 -26.86 -8.38 49.99
N LEU C 73 -26.10 -9.43 50.34
CA LEU C 73 -26.01 -10.67 49.52
C LEU C 73 -27.13 -11.63 49.94
N THR C 74 -27.90 -12.14 48.97
CA THR C 74 -28.98 -13.08 49.22
C THR C 74 -28.65 -14.42 48.61
N ILE C 75 -28.81 -15.47 49.40
CA ILE C 75 -28.83 -16.85 48.94
C ILE C 75 -30.33 -17.27 49.01
N SER C 76 -30.99 -17.43 47.84
CA SER C 76 -32.44 -17.77 47.73
C SER C 76 -32.84 -19.02 48.51
N SER C 77 -32.07 -20.10 48.34
CA SER C 77 -32.35 -21.46 48.84
C SER C 77 -31.01 -22.19 49.20
N LEU C 78 -30.67 -22.24 50.48
CA LEU C 78 -29.32 -22.69 50.92
C LEU C 78 -29.03 -24.19 50.73
N GLN C 79 -27.92 -24.51 50.04
CA GLN C 79 -27.45 -25.91 49.79
C GLN C 79 -26.15 -26.23 50.51
N PRO C 80 -25.90 -27.54 50.83
CA PRO C 80 -24.64 -27.92 51.52
C PRO C 80 -23.28 -27.47 50.90
N GLU C 81 -23.22 -27.15 49.59
CA GLU C 81 -21.97 -26.67 48.92
C GLU C 81 -21.64 -25.21 49.17
N ASP C 82 -22.57 -24.49 49.77
CA ASP C 82 -22.43 -23.06 50.06
C ASP C 82 -21.53 -22.70 51.29
N VAL C 83 -21.15 -23.70 52.11
CA VAL C 83 -20.17 -23.59 53.25
C VAL C 83 -19.02 -22.62 52.95
N GLY C 84 -18.63 -21.84 53.94
CA GLY C 84 -17.43 -21.04 53.86
C GLY C 84 -17.71 -19.59 54.06
N THR C 85 -16.65 -18.79 53.96
CA THR C 85 -16.73 -17.37 54.27
C THR C 85 -17.05 -16.55 53.00
N TYR C 86 -17.91 -15.54 53.18
CA TYR C 86 -18.39 -14.62 52.13
C TYR C 86 -17.93 -13.17 52.37
N TYR C 87 -17.05 -12.69 51.47
CA TYR C 87 -16.34 -11.41 51.58
C TYR C 87 -16.98 -10.35 50.73
N CYS C 88 -16.66 -9.12 51.07
CA CYS C 88 -17.28 -7.95 50.56
C CYS C 88 -16.13 -7.02 50.22
N GLN C 89 -16.02 -6.57 48.98
CA GLN C 89 -14.97 -5.65 48.56
C GLN C 89 -15.55 -4.44 47.84
N GLN C 90 -15.11 -3.24 48.26
CA GLN C 90 -15.38 -1.97 47.58
C GLN C 90 -14.20 -1.60 46.64
N LEU C 91 -14.57 -1.05 45.46
CA LEU C 91 -13.62 -0.61 44.43
C LEU C 91 -13.77 0.87 44.06
N ASN C 92 -14.30 1.68 44.98
CA ASN C 92 -14.60 3.09 44.77
C ASN C 92 -13.36 3.96 44.93
N THR C 93 -12.69 3.78 46.09
CA THR C 93 -11.41 4.45 46.42
C THR C 93 -10.36 3.43 46.87
N TYR C 94 -9.10 3.76 46.68
CA TYR C 94 -7.96 2.88 46.91
C TYR C 94 -7.44 2.98 48.38
N PRO C 95 -7.00 1.92 49.05
CA PRO C 95 -6.92 0.53 48.57
C PRO C 95 -8.27 -0.19 48.59
N PHE C 96 -8.48 -1.11 47.65
CA PHE C 96 -9.77 -1.75 47.50
C PHE C 96 -9.89 -2.71 48.66
N THR C 97 -10.42 -2.18 49.78
CA THR C 97 -10.61 -2.87 51.08
C THR C 97 -11.70 -3.93 51.09
N PHE C 98 -11.55 -4.92 51.95
CA PHE C 98 -12.51 -6.00 52.13
C PHE C 98 -13.26 -5.83 53.46
N GLY C 99 -14.20 -6.74 53.73
CA GLY C 99 -14.95 -6.81 54.99
C GLY C 99 -14.36 -7.95 55.81
N PRO C 100 -14.71 -8.04 57.13
CA PRO C 100 -14.17 -9.07 58.00
C PRO C 100 -14.50 -10.53 57.60
N GLY C 101 -15.63 -10.77 56.94
CA GLY C 101 -16.03 -12.12 56.54
C GLY C 101 -17.28 -12.50 57.30
N THR C 102 -18.25 -13.09 56.59
CA THR C 102 -19.39 -13.84 57.17
C THR C 102 -19.17 -15.37 56.97
N LYS C 103 -18.89 -16.08 58.07
CA LYS C 103 -18.77 -17.55 58.04
C LYS C 103 -20.15 -18.19 58.03
N VAL C 104 -20.41 -19.04 57.04
CA VAL C 104 -21.73 -19.69 56.87
C VAL C 104 -21.59 -21.16 57.24
N GLU C 105 -22.20 -21.54 58.37
CA GLU C 105 -22.32 -22.93 58.77
C GLU C 105 -23.64 -23.50 58.28
N ILE C 106 -23.62 -24.68 57.68
CA ILE C 106 -24.84 -25.43 57.28
C ILE C 106 -25.39 -26.18 58.52
N LYS C 107 -26.70 -26.00 58.81
CA LYS C 107 -27.39 -26.73 59.91
C LYS C 107 -28.08 -28.00 59.38
N ARG C 108 -27.87 -29.11 60.08
CA ARG C 108 -28.41 -30.39 59.70
C ARG C 108 -28.78 -31.19 60.95
N THR C 109 -29.43 -32.32 60.71
CA THR C 109 -29.78 -33.25 61.77
C THR C 109 -28.50 -33.82 62.48
N VAL C 110 -28.70 -34.32 63.71
CA VAL C 110 -27.61 -34.71 64.63
C VAL C 110 -27.10 -36.14 64.34
N ALA C 111 -25.87 -36.23 63.80
CA ALA C 111 -25.13 -37.50 63.52
C ALA C 111 -24.07 -37.81 64.61
N ALA C 112 -24.04 -39.07 65.10
CA ALA C 112 -23.01 -39.56 66.03
C ALA C 112 -21.70 -39.69 65.24
N PRO C 113 -20.53 -39.39 65.89
CA PRO C 113 -19.26 -39.62 65.23
C PRO C 113 -18.87 -41.09 65.38
N SER C 114 -18.11 -41.59 64.39
CA SER C 114 -17.51 -42.91 64.45
C SER C 114 -16.12 -42.81 65.10
N VAL C 115 -15.92 -43.51 66.22
CA VAL C 115 -14.69 -43.42 67.04
C VAL C 115 -13.69 -44.56 66.73
N PHE C 116 -12.46 -44.13 66.42
CA PHE C 116 -11.35 -45.01 66.12
C PHE C 116 -10.10 -44.50 66.87
N ILE C 117 -9.40 -45.39 67.57
CA ILE C 117 -8.16 -45.05 68.33
C ILE C 117 -6.93 -45.81 67.77
N PHE C 118 -5.94 -45.05 67.30
CA PHE C 118 -4.80 -45.58 66.52
C PHE C 118 -3.51 -45.78 67.36
N PRO C 119 -3.06 -47.06 67.58
CA PRO C 119 -1.85 -47.25 68.44
C PRO C 119 -0.52 -46.68 67.84
N PRO C 120 0.48 -46.30 68.68
CA PRO C 120 1.76 -45.79 68.15
C PRO C 120 2.66 -46.83 67.48
N SER C 121 3.54 -46.39 66.57
CA SER C 121 4.57 -47.26 65.98
C SER C 121 5.86 -47.17 66.81
N ASP C 122 6.72 -48.18 66.69
CA ASP C 122 7.91 -48.33 67.58
C ASP C 122 9.00 -47.21 67.52
N GLU C 123 8.89 -46.26 66.59
CA GLU C 123 9.98 -45.33 66.37
C GLU C 123 9.43 -44.05 66.93
N GLN C 124 9.41 -43.98 68.26
CA GLN C 124 8.96 -42.78 69.00
C GLN C 124 7.44 -42.56 68.83
N ALA C 130 6.08 -41.41 71.24
CA ALA C 130 4.87 -42.13 71.56
C ALA C 130 3.74 -41.13 71.63
N SER C 131 3.06 -40.98 70.50
CA SER C 131 1.79 -40.27 70.47
C SER C 131 0.71 -41.24 69.98
N VAL C 132 -0.51 -41.07 70.46
CA VAL C 132 -1.65 -41.96 70.13
C VAL C 132 -2.82 -41.09 69.67
N VAL C 133 -3.18 -41.17 68.37
CA VAL C 133 -4.26 -40.32 67.80
C VAL C 133 -5.66 -40.99 67.92
N CYS C 134 -6.69 -40.13 67.99
CA CYS C 134 -8.10 -40.55 68.14
C CYS C 134 -8.95 -39.73 67.17
N LEU C 135 -9.69 -40.43 66.32
CA LEU C 135 -10.46 -39.84 65.23
C LEU C 135 -11.97 -39.91 65.57
N LEU C 136 -12.72 -38.84 65.26
CA LEU C 136 -14.18 -38.75 65.38
C LEU C 136 -14.70 -38.40 63.98
N ASN C 137 -15.26 -39.35 63.22
CA ASN C 137 -15.26 -39.23 61.73
C ASN C 137 -16.27 -38.26 61.11
N ASN C 138 -17.55 -38.35 61.42
CA ASN C 138 -18.53 -37.58 60.65
C ASN C 138 -19.69 -37.17 61.54
N PHE C 139 -19.55 -36.03 62.22
CA PHE C 139 -20.49 -35.60 63.26
C PHE C 139 -20.99 -34.12 63.14
N TYR C 140 -22.15 -33.87 63.76
CA TYR C 140 -22.75 -32.53 63.86
C TYR C 140 -23.60 -32.49 65.19
N PRO C 141 -23.57 -31.42 66.03
CA PRO C 141 -22.81 -30.16 65.82
C PRO C 141 -21.30 -30.29 66.08
N ARG C 142 -20.58 -29.16 66.01
CA ARG C 142 -19.13 -29.13 66.27
C ARG C 142 -18.73 -29.34 67.77
N GLU C 143 -19.58 -28.96 68.73
CA GLU C 143 -19.27 -29.16 70.18
C GLU C 143 -19.26 -30.69 70.54
N ALA C 144 -18.03 -31.24 70.59
CA ALA C 144 -17.72 -32.58 71.07
C ALA C 144 -16.54 -32.47 72.04
N LYS C 145 -16.44 -33.41 72.98
CA LYS C 145 -15.44 -33.39 74.08
C LYS C 145 -14.66 -34.72 74.09
N VAL C 146 -13.32 -34.64 73.96
CA VAL C 146 -12.41 -35.83 74.03
C VAL C 146 -11.62 -35.88 75.33
N GLN C 147 -11.91 -36.92 76.14
CA GLN C 147 -11.24 -37.20 77.40
C GLN C 147 -10.28 -38.40 77.26
N TRP C 148 -8.98 -38.14 77.37
CA TRP C 148 -7.95 -39.19 77.32
C TRP C 148 -7.83 -39.90 78.68
N LYS C 149 -7.43 -41.17 78.64
CA LYS C 149 -7.22 -41.94 79.87
C LYS C 149 -5.96 -42.85 79.85
N VAL C 150 -5.38 -43.05 81.04
CA VAL C 150 -4.33 -44.03 81.28
C VAL C 150 -4.49 -44.66 82.70
N ASP C 151 -4.66 -45.99 82.71
CA ASP C 151 -5.07 -46.78 83.90
C ASP C 151 -6.37 -46.32 84.55
N ASN C 152 -7.21 -45.59 83.81
CA ASN C 152 -8.41 -44.87 84.31
C ASN C 152 -8.12 -43.49 85.01
N ALA C 153 -7.13 -42.74 84.51
CA ALA C 153 -6.74 -41.42 85.06
C ALA C 153 -6.72 -40.30 83.97
N LEU C 154 -7.69 -39.36 84.01
CA LEU C 154 -7.70 -38.08 83.20
C LEU C 154 -6.29 -37.47 82.99
N GLN C 155 -6.04 -36.89 81.82
CA GLN C 155 -4.69 -36.50 81.43
C GLN C 155 -4.53 -35.00 81.17
N SER C 156 -5.14 -34.11 81.95
CA SER C 156 -5.09 -32.63 81.66
C SER C 156 -3.70 -31.97 81.37
N GLY C 157 -3.49 -31.53 80.11
CA GLY C 157 -2.19 -30.98 79.62
C GLY C 157 -1.43 -31.75 78.53
N ASN C 158 -1.69 -33.06 78.36
CA ASN C 158 -0.89 -33.99 77.50
C ASN C 158 -1.21 -34.02 75.98
N SER C 159 -2.24 -33.31 75.55
CA SER C 159 -2.76 -33.42 74.20
C SER C 159 -3.22 -32.10 73.61
N GLN C 160 -3.36 -32.11 72.30
CA GLN C 160 -3.92 -30.98 71.56
C GLN C 160 -4.67 -31.55 70.37
N GLU C 161 -5.78 -30.89 69.99
CA GLU C 161 -6.71 -31.40 68.97
C GLU C 161 -6.76 -30.53 67.71
N SER C 162 -7.46 -31.01 66.69
CA SER C 162 -7.63 -30.27 65.47
C SER C 162 -8.86 -30.77 64.76
N VAL C 163 -9.68 -29.85 64.25
CA VAL C 163 -11.03 -30.15 63.70
C VAL C 163 -11.11 -29.63 62.25
N THR C 164 -11.68 -30.41 61.30
CA THR C 164 -11.80 -29.94 59.89
C THR C 164 -12.93 -28.91 59.72
N GLU C 165 -12.78 -28.12 58.67
CA GLU C 165 -13.86 -27.28 58.18
C GLU C 165 -14.95 -28.23 57.70
N GLN C 166 -16.20 -27.81 57.89
CA GLN C 166 -17.42 -28.59 57.56
C GLN C 166 -17.46 -29.09 56.09
N ASP C 167 -17.79 -30.38 55.89
CA ASP C 167 -17.88 -31.04 54.56
C ASP C 167 -18.78 -30.27 53.54
N SER C 168 -18.32 -30.26 52.30
CA SER C 168 -19.09 -29.70 51.20
C SER C 168 -20.34 -30.53 50.90
N LYS C 169 -20.37 -31.85 51.18
CA LYS C 169 -21.56 -32.69 50.87
C LYS C 169 -22.36 -33.11 52.13
N ASP C 170 -21.66 -33.75 53.07
CA ASP C 170 -22.25 -34.30 54.33
C ASP C 170 -22.76 -33.26 55.30
N SER C 171 -22.21 -32.04 55.25
CA SER C 171 -22.38 -31.01 56.31
C SER C 171 -21.84 -31.42 57.75
N THR C 172 -20.87 -32.34 57.78
CA THR C 172 -20.27 -32.89 59.01
C THR C 172 -18.85 -32.36 59.28
N TYR C 173 -18.41 -32.53 60.53
CA TYR C 173 -17.05 -32.19 60.98
C TYR C 173 -16.33 -33.49 61.33
N SER C 174 -15.01 -33.43 61.41
CA SER C 174 -14.19 -34.51 61.96
C SER C 174 -13.23 -33.89 62.96
N LEU C 175 -12.81 -34.65 63.95
CA LEU C 175 -11.87 -34.17 64.97
C LEU C 175 -10.75 -35.20 65.08
N SER C 176 -9.51 -34.71 65.19
CA SER C 176 -8.31 -35.53 65.45
C SER C 176 -7.70 -35.01 66.76
N SER C 177 -7.59 -35.87 67.78
CA SER C 177 -7.00 -35.53 69.07
C SER C 177 -5.76 -36.41 69.29
N THR C 178 -4.58 -35.77 69.44
CA THR C 178 -3.28 -36.46 69.64
C THR C 178 -2.80 -36.23 71.05
N LEU C 179 -2.61 -37.33 71.77
CA LEU C 179 -2.01 -37.35 73.12
C LEU C 179 -0.53 -37.72 73.04
N THR C 180 0.38 -36.77 73.27
CA THR C 180 1.86 -37.03 73.17
C THR C 180 2.43 -37.41 74.55
N LEU C 181 3.29 -38.44 74.61
CA LEU C 181 3.95 -38.89 75.86
C LEU C 181 5.42 -39.23 75.59
N SER C 182 6.28 -39.17 76.61
CA SER C 182 7.66 -39.66 76.47
C SER C 182 7.63 -41.19 76.59
N LYS C 183 8.47 -41.90 75.83
CA LYS C 183 8.48 -43.41 75.79
C LYS C 183 8.53 -44.13 77.17
N ALA C 184 9.23 -43.53 78.14
CA ALA C 184 9.28 -44.03 79.54
C ALA C 184 7.89 -43.98 80.18
N ASP C 185 7.14 -42.92 79.88
CA ASP C 185 5.69 -42.81 80.23
C ASP C 185 4.85 -43.88 79.46
N TYR C 186 5.10 -44.08 78.15
CA TYR C 186 4.25 -44.98 77.31
C TYR C 186 4.39 -46.49 77.57
N GLU C 187 5.58 -47.06 77.35
CA GLU C 187 5.73 -48.52 77.51
C GLU C 187 5.60 -49.00 78.95
N LYS C 188 5.67 -48.11 79.93
CA LYS C 188 5.53 -48.44 81.36
C LYS C 188 4.07 -48.43 81.87
N HIS C 189 3.09 -48.64 80.97
CA HIS C 189 1.65 -48.31 81.25
C HIS C 189 0.64 -49.11 80.40
N LYS C 190 -0.48 -49.53 81.04
CA LYS C 190 -1.35 -50.59 80.50
C LYS C 190 -2.39 -50.20 79.42
N VAL C 191 -3.48 -49.51 79.79
CA VAL C 191 -4.65 -49.31 78.86
C VAL C 191 -4.84 -47.85 78.47
N TYR C 192 -5.11 -47.56 77.19
CA TYR C 192 -5.27 -46.18 76.68
C TYR C 192 -6.64 -45.97 76.03
N ALA C 193 -7.54 -45.31 76.76
CA ALA C 193 -8.93 -45.06 76.33
C ALA C 193 -9.14 -43.62 75.81
N CYS C 194 -10.17 -43.46 74.98
CA CYS C 194 -10.55 -42.19 74.38
C CYS C 194 -12.07 -42.00 74.59
N GLU C 195 -12.46 -41.50 75.76
CA GLU C 195 -13.90 -41.22 76.06
C GLU C 195 -14.38 -39.97 75.28
N VAL C 196 -15.43 -40.14 74.48
CA VAL C 196 -15.98 -39.10 73.64
C VAL C 196 -17.40 -38.79 74.11
N THR C 197 -17.67 -37.52 74.44
CA THR C 197 -19.03 -37.00 74.69
C THR C 197 -19.54 -36.31 73.41
N HIS C 198 -20.85 -36.45 73.14
CA HIS C 198 -21.52 -35.75 72.05
C HIS C 198 -23.05 -35.70 72.27
N GLN C 199 -23.71 -34.72 71.64
CA GLN C 199 -25.19 -34.60 71.61
C GLN C 199 -25.89 -35.78 70.94
N GLY C 200 -25.29 -36.34 69.88
CA GLY C 200 -25.80 -37.53 69.18
C GLY C 200 -25.44 -38.88 69.80
N LEU C 201 -24.80 -38.88 70.98
CA LEU C 201 -24.45 -40.09 71.74
C LEU C 201 -25.07 -40.06 73.16
N SER C 202 -26.00 -40.98 73.43
CA SER C 202 -26.81 -40.99 74.67
C SER C 202 -26.04 -41.33 75.94
N SER C 203 -24.92 -42.05 75.82
CA SER C 203 -23.95 -42.21 76.93
C SER C 203 -22.56 -42.14 76.30
N PRO C 204 -21.56 -41.53 77.01
CA PRO C 204 -20.21 -41.38 76.40
C PRO C 204 -19.65 -42.68 75.74
N VAL C 205 -19.18 -42.66 74.47
CA VAL C 205 -18.60 -43.89 73.83
C VAL C 205 -17.06 -43.96 73.96
N THR C 206 -16.53 -45.16 74.24
CA THR C 206 -15.10 -45.38 74.54
C THR C 206 -14.50 -46.48 73.62
N LYS C 207 -13.39 -46.09 72.99
CA LYS C 207 -12.54 -46.93 72.15
C LYS C 207 -11.16 -47.07 72.81
N SER C 208 -10.61 -48.27 72.84
CA SER C 208 -9.30 -48.47 73.46
C SER C 208 -8.57 -49.70 72.96
N PHE C 209 -7.34 -49.80 73.41
CA PHE C 209 -6.50 -50.95 73.18
C PHE C 209 -5.61 -50.99 74.39
N ASN C 210 -4.71 -51.98 74.39
CA ASN C 210 -3.58 -51.97 75.31
C ASN C 210 -2.33 -52.67 74.70
N ARG C 211 -1.28 -52.83 75.50
CA ARG C 211 0.03 -53.15 74.95
C ARG C 211 0.22 -54.60 74.47
N GLY C 212 0.67 -54.74 73.21
CA GLY C 212 1.20 -55.99 72.69
C GLY C 212 0.20 -56.98 72.11
N GLU C 213 -1.00 -56.50 71.73
CA GLU C 213 -2.16 -57.39 71.46
C GLU C 213 -2.79 -57.21 70.08
N GLN D 1 -10.11 -18.25 28.90
CA GLN D 1 -9.64 -18.71 30.24
C GLN D 1 -8.17 -18.41 30.42
N VAL D 2 -7.89 -17.56 31.41
CA VAL D 2 -6.56 -17.34 31.99
C VAL D 2 -6.48 -18.13 33.31
N GLN D 3 -5.30 -18.69 33.60
CA GLN D 3 -4.99 -19.23 34.94
C GLN D 3 -3.71 -18.55 35.45
N LEU D 4 -3.53 -18.56 36.77
CA LEU D 4 -2.45 -17.85 37.47
C LEU D 4 -1.84 -18.84 38.43
N GLN D 5 -0.52 -18.83 38.62
CA GLN D 5 0.14 -19.66 39.67
C GLN D 5 1.32 -18.97 40.42
N GLU D 6 1.34 -19.09 41.75
CA GLU D 6 2.37 -18.45 42.62
C GLU D 6 3.58 -19.38 42.94
N SER D 7 4.80 -18.85 42.83
CA SER D 7 6.05 -19.60 43.03
C SER D 7 6.78 -19.09 44.30
N GLY D 8 7.66 -19.90 44.89
CA GLY D 8 8.25 -19.66 46.27
C GLY D 8 9.28 -18.53 46.50
N PRO D 9 9.99 -18.49 47.64
CA PRO D 9 9.90 -19.45 48.77
C PRO D 9 8.90 -19.05 49.88
N GLY D 10 8.52 -20.02 50.71
CA GLY D 10 7.57 -19.83 51.82
C GLY D 10 8.14 -19.62 53.21
N LEU D 11 9.46 -19.54 53.35
CA LEU D 11 10.13 -19.09 54.58
C LEU D 11 10.99 -17.87 54.21
N VAL D 12 10.91 -16.84 55.07
CA VAL D 12 11.74 -15.62 55.01
C VAL D 12 12.10 -15.23 56.47
N LYS D 13 13.29 -14.66 56.70
CA LYS D 13 13.73 -14.25 58.08
C LYS D 13 13.25 -12.80 58.46
N PRO D 14 13.11 -12.46 59.78
CA PRO D 14 12.82 -11.06 60.12
C PRO D 14 13.86 -10.04 59.56
N SER D 15 13.37 -8.95 58.98
CA SER D 15 14.14 -7.93 58.20
C SER D 15 14.60 -8.25 56.71
N GLU D 16 14.55 -9.51 56.26
CA GLU D 16 14.83 -9.88 54.84
C GLU D 16 13.66 -9.42 53.92
N THR D 17 13.81 -9.66 52.61
CA THR D 17 12.78 -9.32 51.59
C THR D 17 12.04 -10.56 51.07
N LEU D 18 10.70 -10.56 51.24
CA LEU D 18 9.78 -11.58 50.68
C LEU D 18 9.66 -11.46 49.15
N SER D 19 10.03 -12.51 48.42
CA SER D 19 10.19 -12.47 46.95
C SER D 19 9.41 -13.59 46.25
N LEU D 20 8.23 -13.22 45.79
CA LEU D 20 7.27 -14.10 45.12
C LEU D 20 7.18 -13.70 43.65
N ILE D 21 6.86 -14.70 42.81
CA ILE D 21 6.65 -14.57 41.36
C ILE D 21 5.19 -15.02 41.07
N CYS D 22 4.54 -14.45 40.05
CA CYS D 22 3.27 -14.99 39.52
C CYS D 22 3.26 -15.20 38.00
N THR D 23 3.18 -16.48 37.56
CA THR D 23 3.20 -16.81 36.14
C THR D 23 1.77 -16.80 35.64
N VAL D 24 1.52 -16.00 34.61
CA VAL D 24 0.20 -15.84 34.01
C VAL D 24 -0.08 -16.96 32.96
N SER D 25 0.92 -17.79 32.67
CA SER D 25 0.74 -19.02 31.85
C SER D 25 -0.66 -19.68 32.01
N GLY D 26 -1.28 -19.95 30.86
CA GLY D 26 -2.70 -20.20 30.76
C GLY D 26 -3.28 -19.20 29.79
N GLY D 27 -3.21 -19.54 28.49
CA GLY D 27 -3.87 -18.84 27.40
C GLY D 27 -3.92 -17.33 27.43
N SER D 28 -2.77 -16.67 27.33
CA SER D 28 -2.65 -15.17 27.29
C SER D 28 -1.34 -14.62 26.66
N ILE D 29 -1.19 -13.30 26.50
CA ILE D 29 0.12 -12.73 26.14
C ILE D 29 0.50 -11.75 27.25
N SER D 30 -0.03 -11.91 28.48
CA SER D 30 0.22 -10.97 29.61
C SER D 30 -0.26 -9.53 29.43
N SER D 31 -0.58 -9.09 28.20
CA SER D 31 -1.59 -8.02 27.89
C SER D 31 -3.01 -8.57 27.45
N SER D 32 -3.51 -9.48 28.31
CA SER D 32 -4.88 -9.99 28.45
C SER D 32 -5.54 -9.36 29.68
N SER D 33 -5.01 -8.25 30.21
CA SER D 33 -5.57 -7.56 31.39
C SER D 33 -4.90 -6.18 31.53
N TYR D 34 -5.70 -5.16 31.85
CA TYR D 34 -5.16 -3.81 31.95
C TYR D 34 -4.25 -3.63 33.19
N TYR D 35 -4.58 -4.28 34.29
CA TYR D 35 -3.71 -4.37 35.46
C TYR D 35 -3.78 -5.77 36.12
N TRP D 36 -2.85 -6.02 37.07
CA TRP D 36 -2.76 -7.29 37.83
C TRP D 36 -2.60 -6.96 39.32
N GLY D 37 -3.19 -7.80 40.19
CA GLY D 37 -3.33 -7.57 41.67
C GLY D 37 -2.69 -8.59 42.62
N TRP D 38 -2.34 -8.09 43.80
CA TRP D 38 -1.84 -8.92 44.88
C TRP D 38 -2.66 -8.60 46.13
N ILE D 39 -3.26 -9.62 46.73
CA ILE D 39 -4.04 -9.53 47.95
C ILE D 39 -3.34 -10.52 48.89
N ARG D 40 -3.40 -10.33 50.21
CA ARG D 40 -3.00 -11.39 51.17
C ARG D 40 -4.08 -11.71 52.20
N GLN D 41 -4.00 -12.91 52.75
CA GLN D 41 -4.89 -13.34 53.81
C GLN D 41 -4.07 -13.68 55.10
N THR D 42 -4.35 -12.99 56.21
CA THR D 42 -3.61 -13.12 57.49
C THR D 42 -4.14 -14.33 58.33
N PRO D 43 -3.52 -14.73 59.47
CA PRO D 43 -4.06 -15.91 60.20
C PRO D 43 -5.49 -15.74 60.76
N GLU D 44 -5.87 -14.50 61.01
CA GLU D 44 -7.24 -14.09 61.40
C GLU D 44 -8.26 -14.04 60.23
N ARG D 45 -7.92 -14.63 59.09
CA ARG D 45 -8.84 -14.81 57.99
C ARG D 45 -9.40 -13.46 57.41
N ASN D 46 -8.57 -12.40 57.48
CA ASN D 46 -8.84 -11.07 56.90
C ASN D 46 -8.04 -10.87 55.60
N LEU D 47 -8.62 -10.16 54.65
CA LEU D 47 -8.01 -9.83 53.36
C LEU D 47 -7.52 -8.37 53.31
N GLU D 48 -6.25 -8.18 52.92
CA GLU D 48 -5.66 -6.86 52.72
C GLU D 48 -5.24 -6.78 51.27
N TRP D 49 -5.63 -5.72 50.60
CA TRP D 49 -5.14 -5.41 49.28
C TRP D 49 -3.71 -4.89 49.34
N ILE D 50 -2.83 -5.39 48.48
CA ILE D 50 -1.42 -4.96 48.48
C ILE D 50 -1.14 -3.89 47.42
N GLY D 51 -1.65 -4.08 46.21
CA GLY D 51 -1.36 -3.16 45.13
C GLY D 51 -1.52 -3.76 43.76
N ILE D 52 -1.54 -2.87 42.76
CA ILE D 52 -1.61 -3.24 41.35
C ILE D 52 -0.39 -2.78 40.55
N ILE D 53 -0.18 -3.48 39.44
CA ILE D 53 0.79 -3.16 38.40
C ILE D 53 0.06 -3.28 37.07
N TYR D 54 0.11 -2.22 36.27
CA TYR D 54 -0.62 -2.17 35.01
C TYR D 54 0.16 -2.86 33.87
N PHE D 55 -0.47 -3.00 32.71
CA PHE D 55 0.19 -3.44 31.44
C PHE D 55 1.51 -2.71 31.14
N SER D 56 1.54 -1.41 31.46
CA SER D 56 2.64 -0.51 31.16
C SER D 56 3.76 -0.50 32.18
N GLY D 57 3.61 -1.20 33.30
CA GLY D 57 4.67 -1.22 34.30
C GLY D 57 4.53 -0.20 35.40
N THR D 58 3.64 0.78 35.25
CA THR D 58 3.32 1.71 36.36
C THR D 58 2.48 1.00 37.41
N THR D 59 2.79 1.29 38.67
CA THR D 59 2.21 0.60 39.83
C THR D 59 1.46 1.57 40.78
N TYR D 60 0.61 0.99 41.61
CA TYR D 60 -0.12 1.76 42.63
C TYR D 60 -0.29 0.92 43.93
N TYR D 61 0.54 1.21 44.93
CA TYR D 61 0.63 0.44 46.16
C TYR D 61 -0.33 0.98 47.21
N ASN D 62 -0.61 0.14 48.20
CA ASN D 62 -1.37 0.50 49.40
C ASN D 62 -0.56 1.55 50.19
N PRO D 63 -1.14 2.72 50.54
CA PRO D 63 -0.35 3.60 51.42
C PRO D 63 0.17 2.93 52.74
N SER D 64 -0.48 1.85 53.22
CA SER D 64 -0.08 1.15 54.46
C SER D 64 1.22 0.32 54.28
N LEU D 65 1.38 -0.28 53.11
CA LEU D 65 2.62 -1.00 52.76
C LEU D 65 3.64 -0.23 51.87
N GLN D 66 3.19 0.85 51.20
CA GLN D 66 3.97 1.66 50.19
C GLN D 66 5.50 1.65 50.24
N SER D 67 6.03 2.13 51.37
CA SER D 67 7.45 2.21 51.65
C SER D 67 8.24 0.87 51.62
N ARG D 68 7.55 -0.27 51.44
CA ARG D 68 8.14 -1.62 51.48
C ARG D 68 7.80 -2.57 50.30
N VAL D 69 6.75 -2.30 49.51
CA VAL D 69 6.35 -3.15 48.34
C VAL D 69 6.94 -2.68 47.01
N SER D 70 7.08 -3.61 46.08
CA SER D 70 7.72 -3.33 44.80
C SER D 70 7.18 -4.37 43.80
N MET D 71 6.83 -3.96 42.58
CA MET D 71 6.34 -4.89 41.53
C MET D 71 6.92 -4.53 40.17
N SER D 72 7.37 -5.54 39.42
CA SER D 72 7.78 -5.40 38.03
C SER D 72 6.86 -6.26 37.20
N LEU D 73 6.92 -6.11 35.87
CA LEU D 73 6.44 -7.20 35.00
C LEU D 73 7.45 -7.56 33.93
N ASP D 74 7.29 -8.75 33.36
CA ASP D 74 8.34 -9.41 32.55
C ASP D 74 7.59 -10.08 31.37
N ARG D 75 7.41 -9.36 30.26
CA ARG D 75 6.59 -9.87 29.14
C ARG D 75 7.15 -11.16 28.51
N SER D 76 8.48 -11.27 28.43
CA SER D 76 9.11 -12.40 27.75
C SER D 76 8.77 -13.71 28.46
N THR D 77 9.06 -13.75 29.76
CA THR D 77 8.76 -14.93 30.62
C THR D 77 7.30 -14.98 31.12
N ASN D 78 6.53 -13.90 30.92
CA ASN D 78 5.04 -13.85 31.06
C ASN D 78 4.59 -13.85 32.53
N ARG D 79 5.24 -13.00 33.35
CA ARG D 79 5.13 -13.03 34.81
C ARG D 79 5.05 -11.64 35.36
N PHE D 80 4.48 -11.51 36.56
CA PHE D 80 4.70 -10.34 37.42
C PHE D 80 5.11 -10.79 38.82
N SER D 81 5.90 -9.96 39.50
CA SER D 81 6.49 -10.27 40.81
C SER D 81 5.88 -9.34 41.85
N LEU D 82 5.88 -9.79 43.11
CA LEU D 82 5.74 -8.91 44.30
C LEU D 82 7.03 -9.08 45.10
N ARG D 83 7.64 -7.95 45.48
CA ARG D 83 8.79 -7.89 46.41
C ARG D 83 8.36 -7.07 47.66
N LEU D 84 8.49 -7.64 48.87
CA LEU D 84 8.10 -6.99 50.13
C LEU D 84 9.32 -7.04 51.07
N SER D 85 9.82 -5.87 51.52
CA SER D 85 11.11 -5.76 52.26
C SER D 85 10.96 -5.44 53.76
N SER D 86 12.07 -5.51 54.52
CA SER D 86 12.09 -5.21 55.98
C SER D 86 10.95 -5.93 56.71
N VAL D 87 10.81 -7.22 56.42
CA VAL D 87 9.65 -8.07 56.85
C VAL D 87 9.60 -8.27 58.41
N THR D 88 8.40 -8.47 58.98
CA THR D 88 8.20 -8.87 60.41
C THR D 88 7.18 -10.03 60.53
N ALA D 89 6.90 -10.52 61.75
CA ALA D 89 5.84 -11.54 62.04
C ALA D 89 4.41 -11.07 61.65
N ALA D 90 4.16 -9.75 61.61
CA ALA D 90 2.92 -9.15 61.10
C ALA D 90 2.64 -9.49 59.67
N ASP D 91 3.64 -9.97 58.93
CA ASP D 91 3.55 -10.33 57.50
C ASP D 91 3.40 -11.85 57.20
N THR D 92 3.22 -12.68 58.24
CA THR D 92 2.89 -14.10 58.07
C THR D 92 1.44 -14.23 57.53
N ALA D 93 1.30 -14.63 56.27
CA ALA D 93 0.02 -14.63 55.56
C ALA D 93 0.09 -15.53 54.32
N ILE D 94 -1.07 -15.67 53.68
CA ILE D 94 -1.26 -16.39 52.40
C ILE D 94 -1.37 -15.32 51.29
N TYR D 95 -0.39 -15.24 50.40
CA TYR D 95 -0.35 -14.23 49.33
C TYR D 95 -1.00 -14.76 48.08
N TYR D 96 -1.88 -13.93 47.51
CA TYR D 96 -2.75 -14.30 46.42
C TYR D 96 -2.42 -13.44 45.21
N CYS D 97 -2.43 -14.09 44.05
CA CYS D 97 -2.16 -13.47 42.77
C CYS D 97 -3.53 -13.31 42.10
N ALA D 98 -3.78 -12.18 41.43
CA ALA D 98 -5.12 -11.90 40.87
C ALA D 98 -5.16 -11.06 39.56
N LYS D 99 -6.31 -11.11 38.90
CA LYS D 99 -6.57 -10.45 37.63
C LYS D 99 -7.99 -9.89 37.71
N PRO D 100 -8.18 -8.61 37.39
CA PRO D 100 -9.50 -8.01 37.38
C PRO D 100 -10.57 -8.68 36.51
N LYS D 101 -11.83 -8.54 36.91
CA LYS D 101 -12.95 -8.86 36.05
C LYS D 101 -13.00 -7.72 35.07
N SER D 102 -13.14 -8.08 33.80
CA SER D 102 -13.26 -7.13 32.74
C SER D 102 -14.68 -7.21 32.20
N ARG D 103 -15.24 -6.07 31.84
CA ARG D 103 -16.53 -6.00 31.15
C ARG D 103 -16.63 -7.11 30.06
N ASP D 104 -17.78 -7.75 29.92
CA ASP D 104 -17.95 -8.76 28.85
C ASP D 104 -18.09 -8.22 27.36
N ARG D 105 -17.91 -6.90 27.12
CA ARG D 105 -18.23 -6.27 25.81
C ARG D 105 -17.04 -5.88 24.93
N GLY D 106 -16.27 -4.88 25.35
CA GLY D 106 -15.17 -4.35 24.55
C GLY D 106 -13.78 -4.61 25.11
N GLY D 107 -13.66 -5.46 26.14
CA GLY D 107 -12.45 -5.59 27.00
C GLY D 107 -11.40 -6.59 26.55
N PRO D 108 -10.24 -6.68 27.20
CA PRO D 108 -9.91 -6.02 28.47
C PRO D 108 -9.69 -4.49 28.49
N GLY D 109 -9.91 -3.87 29.65
CA GLY D 109 -9.80 -2.41 29.80
C GLY D 109 -9.71 -1.95 31.25
N ASP D 110 -9.50 -0.64 31.47
CA ASP D 110 -9.31 -0.07 32.82
C ASP D 110 -10.60 -0.03 33.62
N ASP D 111 -11.00 -1.21 34.13
CA ASP D 111 -12.28 -1.46 34.84
C ASP D 111 -12.12 -1.97 36.29
N TYR D 112 -12.84 -1.35 37.22
CA TYR D 112 -12.77 -1.72 38.64
C TYR D 112 -14.09 -2.34 39.14
N PHE D 113 -14.31 -3.60 38.76
CA PHE D 113 -15.51 -4.38 39.12
C PHE D 113 -15.28 -5.40 40.26
N GLY D 114 -14.03 -5.85 40.43
CA GLY D 114 -13.67 -7.00 41.30
C GLY D 114 -12.65 -7.86 40.57
N MET D 115 -12.21 -8.97 41.18
CA MET D 115 -11.20 -9.91 40.57
C MET D 115 -11.76 -11.33 40.20
N ASP D 116 -11.78 -11.70 38.90
CA ASP D 116 -12.45 -12.94 38.45
C ASP D 116 -11.61 -14.23 38.56
N VAL D 117 -10.35 -14.25 38.12
CA VAL D 117 -9.50 -15.44 38.35
C VAL D 117 -8.36 -15.14 39.34
N TRP D 118 -8.11 -16.10 40.25
CA TRP D 118 -7.11 -15.98 41.33
C TRP D 118 -6.16 -17.20 41.35
N GLY D 119 -4.90 -16.94 41.65
CA GLY D 119 -3.94 -17.98 41.93
C GLY D 119 -4.38 -18.82 43.11
N GLN D 120 -3.70 -19.93 43.33
CA GLN D 120 -4.17 -20.89 44.33
C GLN D 120 -3.84 -20.47 45.77
N GLY D 121 -3.02 -19.42 45.93
CA GLY D 121 -2.49 -19.00 47.24
C GLY D 121 -1.14 -19.65 47.49
N ILE D 122 -0.38 -19.09 48.42
CA ILE D 122 0.90 -19.66 48.86
C ILE D 122 1.24 -19.08 50.25
N MET D 123 1.41 -19.91 51.28
CA MET D 123 1.63 -19.38 52.67
C MET D 123 3.10 -19.09 52.91
N VAL D 124 3.34 -17.97 53.61
CA VAL D 124 4.69 -17.49 53.87
C VAL D 124 4.84 -17.20 55.37
N THR D 125 5.51 -18.09 56.11
CA THR D 125 5.81 -17.85 57.55
C THR D 125 7.07 -16.99 57.68
N VAL D 126 7.09 -16.13 58.70
CA VAL D 126 8.23 -15.24 59.00
C VAL D 126 8.83 -15.54 60.40
N SER D 127 9.91 -16.32 60.44
CA SER D 127 10.76 -16.46 61.64
C SER D 127 12.17 -16.93 61.26
N SER D 128 13.10 -16.93 62.23
CA SER D 128 14.46 -17.44 62.03
C SER D 128 14.54 -18.95 61.78
N ALA D 129 13.57 -19.69 62.32
CA ALA D 129 13.68 -21.15 62.43
C ALA D 129 13.97 -21.87 61.11
N SER D 130 14.91 -22.81 61.26
CA SER D 130 15.50 -23.54 60.16
C SER D 130 14.46 -24.53 59.70
N THR D 131 14.29 -24.62 58.39
CA THR D 131 13.44 -25.65 57.78
C THR D 131 13.76 -27.06 58.32
N LYS D 132 12.74 -27.76 58.83
CA LYS D 132 12.87 -29.16 59.26
C LYS D 132 11.98 -30.05 58.37
N GLY D 133 12.43 -31.28 58.14
CA GLY D 133 11.68 -32.23 57.32
C GLY D 133 10.90 -33.17 58.21
N PRO D 134 9.68 -33.58 57.79
CA PRO D 134 8.77 -34.37 58.64
C PRO D 134 9.14 -35.86 58.81
N SER D 135 9.09 -36.34 60.07
CA SER D 135 8.95 -37.79 60.36
C SER D 135 7.52 -38.19 59.93
N VAL D 136 7.35 -39.39 59.38
CA VAL D 136 6.03 -39.88 58.93
C VAL D 136 5.84 -41.31 59.50
N PHE D 137 4.96 -41.38 60.51
CA PHE D 137 4.65 -42.63 61.23
C PHE D 137 3.22 -43.09 60.88
N PRO D 138 3.02 -44.40 60.65
CA PRO D 138 1.68 -44.89 60.29
C PRO D 138 0.64 -44.83 61.45
N LEU D 139 -0.63 -44.98 61.08
CA LEU D 139 -1.77 -45.11 62.01
C LEU D 139 -2.49 -46.45 61.73
N ALA D 140 -2.54 -47.34 62.73
CA ALA D 140 -2.71 -48.79 62.51
C ALA D 140 -4.16 -49.36 62.35
N PRO D 141 -4.61 -49.64 61.07
CA PRO D 141 -6.00 -50.06 60.68
C PRO D 141 -6.47 -51.45 61.09
N SER D 142 -7.79 -51.63 60.94
CA SER D 142 -8.64 -52.65 61.61
C SER D 142 -7.96 -53.41 62.75
N SER D 143 -7.69 -52.65 63.82
CA SER D 143 -7.09 -53.13 65.05
C SER D 143 -7.99 -54.15 65.82
N LYS D 144 -8.65 -55.07 65.09
CA LYS D 144 -9.77 -55.92 65.57
C LYS D 144 -10.55 -56.72 64.44
N SER D 145 -11.36 -57.71 64.87
CA SER D 145 -12.48 -58.33 64.11
C SER D 145 -13.92 -57.90 64.67
N THR D 146 -13.95 -56.88 65.55
CA THR D 146 -15.14 -56.01 65.89
C THR D 146 -15.18 -54.67 65.04
N SER D 147 -14.42 -54.61 63.92
CA SER D 147 -14.56 -53.53 62.91
C SER D 147 -16.01 -53.49 62.39
N GLY D 148 -16.53 -52.29 62.13
CA GLY D 148 -17.91 -52.11 61.67
C GLY D 148 -18.26 -52.30 60.19
N GLY D 149 -17.34 -52.82 59.37
CA GLY D 149 -17.59 -53.00 57.94
C GLY D 149 -16.99 -51.90 57.10
N THR D 150 -16.94 -50.68 57.66
CA THR D 150 -16.07 -49.59 57.17
C THR D 150 -14.98 -49.24 58.26
N ALA D 151 -13.69 -49.48 57.93
CA ALA D 151 -12.51 -49.40 58.86
C ALA D 151 -11.49 -48.26 58.54
N ALA D 152 -11.03 -47.55 59.60
CA ALA D 152 -10.28 -46.27 59.47
C ALA D 152 -8.78 -46.47 59.53
N LEU D 153 -8.07 -45.55 58.88
CA LEU D 153 -6.61 -45.61 58.71
C LEU D 153 -6.03 -44.25 58.38
N GLY D 154 -4.72 -44.08 58.61
CA GLY D 154 -4.08 -42.79 58.33
C GLY D 154 -2.57 -42.74 58.35
N CYS D 155 -2.06 -41.49 58.31
CA CYS D 155 -0.62 -41.14 58.34
C CYS D 155 -0.39 -39.90 59.24
N LEU D 156 0.23 -40.11 60.40
CA LEU D 156 0.63 -39.00 61.28
C LEU D 156 1.90 -38.34 60.76
N VAL D 157 1.74 -37.22 60.05
CA VAL D 157 2.86 -36.42 59.52
C VAL D 157 3.43 -35.47 60.60
N LYS D 158 4.46 -35.93 61.33
CA LYS D 158 5.01 -35.24 62.52
C LYS D 158 6.36 -34.50 62.28
N ASP D 159 6.63 -33.48 63.12
CA ASP D 159 7.97 -32.84 63.29
C ASP D 159 8.52 -32.09 62.05
N TYR D 160 7.82 -31.02 61.66
CA TYR D 160 8.20 -30.18 60.52
C TYR D 160 8.05 -28.68 60.81
N PHE D 161 8.70 -27.85 59.99
CA PHE D 161 8.54 -26.38 59.98
C PHE D 161 8.93 -25.95 58.54
N PRO D 162 8.28 -24.97 57.89
CA PRO D 162 7.05 -24.31 58.28
C PRO D 162 5.87 -24.97 57.53
N GLU D 163 4.88 -24.21 57.07
CA GLU D 163 3.76 -24.74 56.29
C GLU D 163 4.02 -24.55 54.76
N PRO D 164 3.26 -25.16 53.83
CA PRO D 164 2.17 -26.15 54.09
C PRO D 164 2.65 -27.60 53.93
N VAL D 165 1.70 -28.54 53.82
CA VAL D 165 1.92 -29.95 53.39
C VAL D 165 0.84 -30.36 52.35
N THR D 166 1.18 -31.06 51.26
CA THR D 166 0.17 -31.79 50.45
C THR D 166 0.21 -33.23 50.95
N VAL D 167 -0.95 -33.77 51.35
CA VAL D 167 -1.14 -35.23 51.50
C VAL D 167 -2.05 -35.68 50.35
N SER D 168 -1.55 -36.55 49.46
CA SER D 168 -2.32 -37.07 48.30
C SER D 168 -2.42 -38.61 48.39
N TRP D 169 -3.60 -39.14 48.74
CA TRP D 169 -3.75 -40.60 48.96
C TRP D 169 -3.65 -41.46 47.67
N ASN D 170 -2.70 -42.42 47.64
CA ASN D 170 -2.33 -43.20 46.44
C ASN D 170 -1.72 -42.28 45.34
N SER D 171 -2.39 -42.10 44.18
CA SER D 171 -1.96 -41.09 43.15
C SER D 171 -2.80 -39.80 43.18
N GLY D 172 -3.68 -39.63 44.17
CA GLY D 172 -4.90 -38.81 44.03
C GLY D 172 -6.09 -39.60 43.42
N ALA D 173 -5.93 -40.94 43.24
CA ALA D 173 -6.97 -41.84 42.68
C ALA D 173 -8.17 -42.02 43.62
N LEU D 174 -7.94 -41.96 44.93
CA LEU D 174 -8.98 -41.99 46.01
C LEU D 174 -9.08 -40.65 46.80
N THR D 175 -9.92 -39.71 46.33
CA THR D 175 -10.27 -38.50 47.08
C THR D 175 -11.44 -38.73 48.06
N SER D 176 -12.31 -39.72 47.74
CA SER D 176 -13.57 -39.99 48.48
C SER D 176 -13.37 -40.55 49.92
N GLY D 177 -13.93 -39.84 50.90
CA GLY D 177 -13.78 -40.15 52.34
C GLY D 177 -12.53 -39.62 53.04
N VAL D 178 -11.71 -38.81 52.36
CA VAL D 178 -10.39 -38.35 52.90
C VAL D 178 -10.56 -37.09 53.72
N HIS D 179 -9.90 -37.05 54.88
CA HIS D 179 -9.89 -35.89 55.79
C HIS D 179 -8.45 -35.54 56.19
N THR D 180 -7.85 -34.55 55.53
CA THR D 180 -6.55 -33.97 55.93
C THR D 180 -6.85 -32.87 56.94
N PHE D 181 -6.30 -32.96 58.16
CA PHE D 181 -6.67 -32.02 59.23
C PHE D 181 -5.85 -30.75 59.12
N PRO D 182 -6.33 -29.65 59.75
CA PRO D 182 -5.38 -28.55 59.95
C PRO D 182 -4.26 -29.06 60.85
N ALA D 183 -3.05 -28.54 60.71
CA ALA D 183 -1.94 -28.85 61.62
C ALA D 183 -2.08 -28.06 62.93
N VAL D 184 -1.39 -28.50 63.99
CA VAL D 184 -1.41 -27.81 65.29
C VAL D 184 0.03 -27.54 65.72
N LEU D 185 0.28 -26.34 66.27
CA LEU D 185 1.62 -25.92 66.74
C LEU D 185 1.93 -26.70 68.04
N GLN D 186 3.19 -27.11 68.25
CA GLN D 186 3.63 -27.86 69.47
C GLN D 186 4.54 -26.97 70.42
N SER D 187 4.81 -27.43 71.66
CA SER D 187 5.78 -26.79 72.59
C SER D 187 7.20 -26.76 72.06
N SER D 188 7.51 -27.57 71.04
CA SER D 188 8.78 -27.49 70.31
C SER D 188 8.94 -26.20 69.51
N GLY D 189 7.87 -25.82 68.80
CA GLY D 189 7.91 -24.83 67.70
C GLY D 189 7.59 -25.49 66.35
N LEU D 190 7.49 -26.82 66.40
CA LEU D 190 7.34 -27.70 65.25
C LEU D 190 5.85 -28.02 65.09
N TYR D 191 5.38 -28.04 63.83
CA TYR D 191 3.96 -28.35 63.48
C TYR D 191 3.75 -29.87 63.40
N SER D 192 2.56 -30.36 63.79
CA SER D 192 2.19 -31.78 63.67
C SER D 192 0.76 -31.94 63.14
N LEU D 193 0.58 -32.84 62.17
CA LEU D 193 -0.66 -32.98 61.39
C LEU D 193 -1.12 -34.45 61.37
N SER D 194 -2.44 -34.69 61.25
CA SER D 194 -3.02 -36.04 60.93
C SER D 194 -3.78 -35.97 59.56
N SER D 195 -3.80 -37.07 58.79
CA SER D 195 -4.62 -37.17 57.53
C SER D 195 -5.16 -38.58 57.31
N VAL D 196 -6.46 -38.76 57.52
CA VAL D 196 -7.15 -40.09 57.54
C VAL D 196 -8.14 -40.32 56.38
N VAL D 197 -8.44 -41.59 56.16
CA VAL D 197 -9.45 -41.99 55.18
C VAL D 197 -10.20 -43.23 55.69
N THR D 198 -11.48 -43.28 55.38
CA THR D 198 -12.39 -44.30 55.87
C THR D 198 -12.93 -45.01 54.63
N VAL D 199 -12.79 -46.34 54.58
CA VAL D 199 -13.13 -47.15 53.39
C VAL D 199 -13.66 -48.50 53.83
N PRO D 200 -14.39 -49.23 52.95
CA PRO D 200 -14.86 -50.61 53.26
C PRO D 200 -13.83 -51.64 53.87
N SER D 201 -14.31 -52.60 54.70
CA SER D 201 -13.46 -53.55 55.50
C SER D 201 -13.00 -54.83 54.79
N SER D 202 -13.74 -55.36 53.82
CA SER D 202 -13.21 -56.47 53.01
C SER D 202 -12.51 -55.97 51.71
N SER D 203 -12.09 -54.69 51.70
CA SER D 203 -11.12 -54.08 50.73
C SER D 203 -9.68 -53.86 51.30
N LEU D 204 -9.28 -54.69 52.28
CA LEU D 204 -7.92 -54.66 52.86
C LEU D 204 -7.08 -55.75 52.14
N GLY D 205 -7.49 -57.01 52.23
CA GLY D 205 -6.92 -58.07 51.41
C GLY D 205 -6.76 -57.61 49.97
N THR D 206 -7.83 -57.04 49.40
CA THR D 206 -7.81 -56.61 47.98
C THR D 206 -7.00 -55.34 47.68
N GLN D 207 -7.42 -54.18 48.20
CA GLN D 207 -6.92 -52.86 47.71
C GLN D 207 -5.76 -52.22 48.55
N THR D 208 -4.70 -51.73 47.87
CA THR D 208 -3.47 -51.23 48.52
C THR D 208 -3.46 -49.70 48.83
N TYR D 209 -3.12 -49.33 50.08
CA TYR D 209 -3.20 -47.92 50.57
C TYR D 209 -1.89 -47.33 51.15
N ILE D 210 -1.44 -46.25 50.53
CA ILE D 210 -0.20 -45.54 50.84
C ILE D 210 -0.49 -44.01 50.78
N CYS D 211 0.04 -43.24 51.75
CA CYS D 211 -0.09 -41.74 51.77
C CYS D 211 1.01 -41.11 50.91
N ASN D 212 0.75 -39.93 50.34
CA ASN D 212 1.79 -39.17 49.61
C ASN D 212 2.01 -37.81 50.26
N VAL D 213 2.72 -37.85 51.38
CA VAL D 213 3.17 -36.65 52.10
C VAL D 213 4.29 -35.82 51.38
N ASN D 214 3.88 -34.71 50.76
CA ASN D 214 4.76 -33.73 50.09
C ASN D 214 5.02 -32.48 50.99
N HIS D 215 6.29 -32.04 51.08
CA HIS D 215 6.69 -30.85 51.87
C HIS D 215 7.62 -29.93 51.01
N LYS D 216 7.02 -28.91 50.37
CA LYS D 216 7.69 -28.06 49.33
C LYS D 216 8.85 -27.17 49.86
N PRO D 217 8.67 -26.49 51.03
CA PRO D 217 9.79 -25.66 51.58
C PRO D 217 11.07 -26.38 52.04
N SER D 218 11.06 -27.72 52.11
CA SER D 218 12.17 -28.54 52.62
C SER D 218 12.72 -29.59 51.62
N ASN D 219 12.10 -29.73 50.43
CA ASN D 219 12.41 -30.80 49.45
C ASN D 219 12.39 -32.26 50.01
N THR D 220 11.31 -32.56 50.76
CA THR D 220 11.05 -33.91 51.39
C THR D 220 9.73 -34.55 50.90
N LYS D 221 9.75 -35.88 50.77
CA LYS D 221 8.75 -36.59 49.98
C LYS D 221 8.83 -38.07 50.34
N VAL D 222 8.08 -38.44 51.37
CA VAL D 222 8.07 -39.82 51.90
C VAL D 222 6.76 -40.54 51.39
N ASP D 223 6.74 -41.88 51.38
CA ASP D 223 5.60 -42.73 50.89
C ASP D 223 5.31 -43.91 51.86
N LYS D 224 4.94 -43.60 53.10
CA LYS D 224 4.69 -44.63 54.12
C LYS D 224 3.41 -45.42 53.87
N LYS D 225 3.54 -46.73 53.94
CA LYS D 225 2.48 -47.66 53.59
C LYS D 225 1.77 -48.10 54.86
N VAL D 226 0.51 -48.49 54.75
CA VAL D 226 -0.26 -48.73 55.96
C VAL D 226 -1.27 -49.88 55.82
N GLU D 227 -0.99 -51.01 56.46
CA GLU D 227 -1.96 -52.10 56.57
C GLU D 227 -2.13 -52.44 58.05
N PRO D 228 -3.19 -53.17 58.41
CA PRO D 228 -3.15 -53.68 59.77
C PRO D 228 -1.88 -54.48 59.94
N LYS D 229 -1.40 -54.61 61.17
CA LYS D 229 -0.25 -55.48 61.51
C LYS D 229 -0.81 -56.85 61.96
N SER D 230 0.02 -57.84 62.21
CA SER D 230 -0.47 -59.10 62.78
C SER D 230 0.67 -60.00 63.19
N ASN E 7 8.04 33.90 21.88
CA ASN E 7 7.94 32.46 21.54
C ASN E 7 9.14 31.66 22.08
N ASN E 8 8.88 30.41 22.47
CA ASN E 8 9.92 29.45 22.87
C ASN E 8 10.22 28.41 21.74
N THR E 9 11.31 27.64 21.95
CA THR E 9 11.83 26.65 21.01
C THR E 9 11.38 25.19 21.31
N TYR E 10 10.49 24.98 22.29
CA TYR E 10 10.09 23.64 22.75
C TYR E 10 8.99 23.02 21.85
N PRO E 11 9.06 21.69 21.54
CA PRO E 11 8.00 21.06 20.74
C PRO E 11 6.64 21.10 21.43
N ILE E 12 5.67 21.83 20.84
CA ILE E 12 4.26 21.89 21.31
C ILE E 12 3.57 20.53 20.94
N LEU E 13 2.82 19.94 21.87
CA LEU E 13 2.20 18.60 21.69
C LEU E 13 0.85 18.73 20.93
N ASN E 14 0.85 18.31 19.68
CA ASN E 14 -0.35 18.28 18.82
C ASN E 14 -0.36 16.92 18.13
N GLN E 15 0.05 15.94 18.90
CA GLN E 15 0.57 14.69 18.40
C GLN E 15 0.51 13.74 19.60
N GLU E 16 0.42 12.43 19.36
CA GLU E 16 0.45 11.44 20.46
C GLU E 16 1.74 11.60 21.26
N LEU E 17 1.63 11.59 22.58
CA LEU E 17 2.82 11.61 23.45
C LEU E 17 3.79 10.43 23.15
N ARG E 18 3.25 9.26 22.73
CA ARG E 18 4.03 8.09 22.24
C ARG E 18 5.01 8.43 21.09
N GLU E 19 4.60 9.40 20.25
CA GLU E 19 5.37 9.87 19.09
C GLU E 19 6.32 11.05 19.36
N ALA E 20 5.99 11.95 20.29
CA ALA E 20 6.82 13.16 20.52
C ALA E 20 8.09 12.88 21.36
N ILE E 21 8.02 11.86 22.22
CA ILE E 21 9.17 11.30 23.00
C ILE E 21 10.33 10.76 22.11
N LYS E 22 9.97 10.36 20.88
CA LYS E 22 10.89 9.92 19.82
C LYS E 22 11.70 11.04 19.24
N ASN E 23 11.34 12.28 19.56
CA ASN E 23 12.12 13.47 19.20
C ASN E 23 13.52 13.48 19.89
N PRO E 24 14.61 13.59 19.07
CA PRO E 24 15.97 13.66 19.63
C PRO E 24 16.36 14.98 20.33
N ALA E 25 15.63 16.06 20.05
CA ALA E 25 15.94 17.39 20.59
C ALA E 25 15.65 17.49 22.07
N ILE E 26 14.70 16.70 22.55
CA ILE E 26 14.34 16.64 23.97
C ILE E 26 14.71 15.28 24.63
N LYS E 27 15.52 14.44 23.98
CA LYS E 27 16.13 13.28 24.65
C LYS E 27 17.02 13.73 25.82
N ASP E 28 16.61 13.32 27.03
CA ASP E 28 17.34 13.49 28.30
C ASP E 28 17.79 14.90 28.56
N LYS E 29 17.03 15.86 28.03
CA LYS E 29 17.37 17.28 28.07
C LYS E 29 17.16 17.71 29.52
N ASP E 30 17.99 18.62 30.00
CA ASP E 30 17.87 19.10 31.35
C ASP E 30 16.60 19.90 31.34
N HIS E 31 15.78 19.70 32.35
CA HIS E 31 14.50 20.44 32.52
C HIS E 31 14.45 21.08 33.91
N SER E 32 15.62 21.39 34.47
CA SER E 32 15.74 21.98 35.78
C SER E 32 15.09 23.33 35.81
N ALA E 33 14.69 23.74 37.00
CA ALA E 33 14.11 25.06 37.22
C ALA E 33 14.17 25.33 38.73
N PRO E 34 15.35 25.74 39.27
CA PRO E 34 15.42 25.92 40.73
C PRO E 34 14.50 27.05 41.25
N ASN E 35 14.04 27.96 40.37
CA ASN E 35 13.10 29.04 40.73
C ASN E 35 11.61 28.61 40.63
N SER E 36 11.28 27.55 41.36
CA SER E 36 9.99 26.85 41.29
C SER E 36 9.58 26.32 42.69
N ARG E 37 8.69 25.32 42.76
CA ARG E 37 8.27 24.70 44.05
C ARG E 37 7.46 23.38 43.90
N PRO E 38 7.39 22.57 45.00
CA PRO E 38 6.44 21.43 44.95
C PRO E 38 4.96 21.90 44.95
N ILE E 39 4.11 21.26 44.15
CA ILE E 39 2.64 21.41 44.28
C ILE E 39 1.97 20.01 44.23
N ASP E 40 1.43 19.52 45.37
CA ASP E 40 0.71 18.22 45.46
C ASP E 40 -0.53 18.30 44.56
N PHE E 41 -1.03 17.13 44.14
CA PHE E 41 -2.24 17.11 43.30
C PHE E 41 -3.02 15.79 43.43
N GLU E 42 -4.31 15.84 43.05
CA GLU E 42 -5.19 14.67 42.86
C GLU E 42 -5.66 14.59 41.39
N MET E 43 -5.90 13.35 40.93
CA MET E 43 -6.37 13.06 39.59
C MET E 43 -7.71 12.36 39.75
N LYS E 44 -8.76 12.87 39.10
CA LYS E 44 -10.17 12.50 39.41
C LYS E 44 -11.00 12.10 38.15
N LYS E 45 -12.06 11.32 38.37
CA LYS E 45 -13.09 11.03 37.34
C LYS E 45 -14.18 12.14 37.38
N LYS E 46 -15.12 12.11 36.40
CA LYS E 46 -16.27 13.07 36.36
C LYS E 46 -17.15 13.01 37.64
N ASP E 47 -17.36 11.82 38.21
CA ASP E 47 -18.14 11.70 39.46
C ASP E 47 -17.32 11.97 40.75
N GLY E 48 -16.27 12.80 40.68
CA GLY E 48 -15.46 13.13 41.86
C GLY E 48 -14.61 12.02 42.50
N THR E 49 -14.68 10.77 42.02
CA THR E 49 -13.87 9.59 42.45
C THR E 49 -12.41 9.81 42.08
N GLN E 50 -11.48 8.99 42.55
CA GLN E 50 -10.10 9.00 41.97
C GLN E 50 -10.03 8.35 40.56
N GLN E 51 -9.13 8.86 39.70
CA GLN E 51 -8.76 8.24 38.40
C GLN E 51 -7.44 7.50 38.61
N PHE E 52 -7.52 6.19 38.72
CA PHE E 52 -6.46 5.39 39.33
C PHE E 52 -5.20 5.29 38.48
N TYR E 53 -5.34 5.18 37.14
CA TYR E 53 -4.17 5.06 36.25
C TYR E 53 -3.40 6.36 36.21
N HIS E 54 -4.11 7.48 36.19
CA HIS E 54 -3.46 8.78 36.10
C HIS E 54 -2.65 9.19 37.37
N TYR E 55 -3.12 8.86 38.59
CA TYR E 55 -2.38 9.13 39.86
C TYR E 55 -1.20 8.20 39.97
N ALA E 56 -1.42 6.92 39.72
CA ALA E 56 -0.37 5.88 39.72
C ALA E 56 0.83 6.13 38.79
N SER E 57 0.53 6.73 37.63
CA SER E 57 1.47 6.95 36.50
C SER E 57 1.82 8.43 36.25
N SER E 58 1.99 9.21 37.32
CA SER E 58 2.42 10.62 37.21
C SER E 58 3.29 11.02 38.44
N VAL E 59 4.37 11.77 38.20
CA VAL E 59 5.40 12.05 39.22
C VAL E 59 4.88 13.04 40.28
N LYS E 60 4.86 12.63 41.56
CA LYS E 60 4.47 13.49 42.69
C LYS E 60 5.69 13.91 43.50
N PRO E 61 5.90 15.22 43.78
CA PRO E 61 4.97 16.32 43.43
C PRO E 61 5.10 16.81 41.95
N ALA E 62 4.04 17.40 41.38
CA ALA E 62 4.15 18.19 40.14
C ALA E 62 4.87 19.50 40.53
N ARG E 63 4.90 20.52 39.68
CA ARG E 63 5.88 21.58 39.89
C ARG E 63 5.37 22.88 39.27
N VAL E 64 5.42 23.99 40.01
CA VAL E 64 5.04 25.33 39.49
C VAL E 64 6.36 26.05 39.21
N ILE E 65 6.59 26.47 37.96
CA ILE E 65 7.73 27.34 37.63
C ILE E 65 7.25 28.80 37.56
N PHE E 66 8.05 29.71 38.13
CA PHE E 66 7.72 31.13 38.20
C PHE E 66 8.47 31.87 37.09
N THR E 67 7.74 32.49 36.16
CA THR E 67 8.34 33.22 35.03
C THR E 67 8.06 34.71 35.17
N ASP E 68 8.61 35.50 34.25
CA ASP E 68 8.32 36.94 34.18
C ASP E 68 6.84 37.28 33.76
N SER E 69 6.03 36.28 33.35
CA SER E 69 4.57 36.48 33.05
C SER E 69 3.61 35.61 33.89
N LYS E 70 3.45 34.36 33.49
CA LYS E 70 2.27 33.54 33.84
C LYS E 70 2.70 32.12 34.36
N PRO E 71 2.13 31.65 35.52
CA PRO E 71 2.69 30.47 36.23
C PRO E 71 2.61 29.18 35.42
N GLU E 72 3.76 28.54 35.20
CA GLU E 72 3.90 27.36 34.34
C GLU E 72 3.86 26.10 35.21
N ILE E 73 3.23 25.02 34.73
CA ILE E 73 3.14 23.75 35.50
C ILE E 73 3.73 22.52 34.78
N GLU E 74 4.79 21.99 35.38
CA GLU E 74 5.48 20.79 34.93
C GLU E 74 4.76 19.55 35.45
N LEU E 75 4.71 18.52 34.61
CA LEU E 75 4.16 17.25 34.97
C LEU E 75 4.96 16.15 34.32
N GLY E 76 5.68 15.40 35.13
CA GLY E 76 6.18 14.12 34.73
C GLY E 76 5.01 13.14 34.58
N LEU E 77 5.09 12.28 33.57
CA LEU E 77 4.07 11.27 33.27
C LEU E 77 4.80 9.99 32.99
N GLN E 78 4.62 8.99 33.85
CA GLN E 78 5.29 7.69 33.74
C GLN E 78 4.62 6.81 32.69
N SER E 79 5.41 5.87 32.18
CA SER E 79 5.08 4.99 31.05
C SER E 79 4.77 5.80 29.81
N GLY E 80 5.76 6.59 29.38
CA GLY E 80 5.62 7.60 28.33
C GLY E 80 5.28 7.03 26.98
N GLN E 81 5.94 5.91 26.64
CA GLN E 81 5.71 5.22 25.36
C GLN E 81 4.34 4.51 25.25
N PHE E 82 3.64 4.40 26.37
CA PHE E 82 2.28 3.87 26.40
C PHE E 82 1.18 4.97 26.47
N TRP E 83 1.54 6.24 26.64
CA TRP E 83 0.59 7.38 26.55
C TRP E 83 0.37 7.75 25.08
N ARG E 84 -0.89 7.88 24.66
CA ARG E 84 -1.24 8.32 23.31
C ARG E 84 -1.65 9.80 23.34
N LYS E 85 -2.96 10.08 23.38
CA LYS E 85 -3.51 11.44 23.46
C LYS E 85 -3.20 12.07 24.81
N PHE E 86 -2.68 13.30 24.80
CA PHE E 86 -2.53 14.08 26.05
C PHE E 86 -2.74 15.59 25.82
N GLU E 87 -3.95 16.04 26.22
CA GLU E 87 -4.49 17.42 26.03
C GLU E 87 -4.98 18.04 27.36
N VAL E 88 -4.71 19.33 27.58
CA VAL E 88 -5.03 20.00 28.85
C VAL E 88 -5.86 21.26 28.53
N TYR E 89 -6.94 21.44 29.30
CA TYR E 89 -8.00 22.41 29.03
C TYR E 89 -8.30 23.23 30.30
N GLU E 90 -8.39 24.55 30.19
CA GLU E 90 -8.79 25.45 31.28
C GLU E 90 -10.17 26.07 31.00
N GLY E 91 -11.21 25.68 31.75
CA GLY E 91 -12.59 25.88 31.32
C GLY E 91 -12.82 25.01 30.10
N ASP E 92 -13.22 25.66 28.99
CA ASP E 92 -13.30 25.04 27.63
C ASP E 92 -12.32 25.68 26.58
N LYS E 93 -11.17 26.17 27.08
CA LYS E 93 -10.07 26.81 26.30
C LYS E 93 -8.86 25.88 26.37
N LYS E 94 -8.51 25.24 25.25
CA LYS E 94 -7.34 24.35 25.16
C LYS E 94 -5.96 25.03 25.35
N LEU E 95 -5.17 24.51 26.28
CA LEU E 95 -3.81 25.00 26.53
C LEU E 95 -2.78 24.31 25.57
N PRO E 96 -1.78 25.09 25.08
CA PRO E 96 -0.62 24.49 24.38
C PRO E 96 0.44 23.82 25.30
N ILE E 97 0.57 22.49 25.19
CA ILE E 97 1.44 21.66 26.05
C ILE E 97 2.85 21.48 25.45
N LYS E 98 3.86 22.02 26.11
CA LYS E 98 5.27 21.93 25.68
C LYS E 98 6.01 20.70 26.27
N LEU E 99 6.65 19.88 25.42
CA LEU E 99 7.45 18.72 25.86
C LEU E 99 8.90 19.13 26.09
N VAL E 100 9.38 18.95 27.33
CA VAL E 100 10.65 19.54 27.84
C VAL E 100 11.83 18.53 27.94
N SER E 101 11.55 17.29 28.39
CA SER E 101 12.54 16.17 28.55
C SER E 101 11.85 14.78 28.32
N TYR E 102 12.67 13.78 27.96
CA TYR E 102 12.27 12.36 27.95
C TYR E 102 13.41 11.54 28.63
N ASP E 103 13.19 11.11 29.88
CA ASP E 103 14.05 10.13 30.61
C ASP E 103 13.97 8.77 29.87
N THR E 104 14.97 8.45 29.04
CA THR E 104 15.01 7.18 28.30
C THR E 104 15.24 5.99 29.24
N VAL E 105 16.01 6.18 30.33
CA VAL E 105 16.22 5.11 31.30
C VAL E 105 14.87 4.81 31.98
N LYS E 106 14.18 5.82 32.52
CA LYS E 106 12.93 5.64 33.31
C LYS E 106 11.61 5.50 32.56
N ASP E 107 11.58 5.91 31.28
CA ASP E 107 10.32 6.01 30.47
C ASP E 107 9.37 7.11 31.05
N TYR E 108 9.91 8.30 31.35
CA TYR E 108 9.17 9.44 31.95
C TYR E 108 9.16 10.63 30.96
N ALA E 109 7.98 11.14 30.60
CA ALA E 109 7.83 12.34 29.75
C ALA E 109 7.49 13.55 30.64
N TYR E 110 8.25 14.65 30.54
CA TYR E 110 8.02 15.88 31.37
C TYR E 110 7.35 17.00 30.56
N ILE E 111 6.05 17.20 30.74
CA ILE E 111 5.30 18.22 30.00
C ILE E 111 5.22 19.54 30.78
N ARG E 112 4.75 20.61 30.14
CA ARG E 112 4.65 21.95 30.77
C ARG E 112 3.51 22.72 30.12
N PHE E 113 2.56 23.24 30.91
CA PHE E 113 1.46 24.08 30.37
C PHE E 113 1.34 25.39 31.19
N SER E 114 1.24 26.53 30.50
CA SER E 114 0.96 27.80 31.17
C SER E 114 -0.52 27.84 31.62
N VAL E 115 -0.73 28.17 32.89
CA VAL E 115 -2.04 28.17 33.52
C VAL E 115 -2.36 29.59 34.05
N SER E 116 -3.66 29.93 34.08
CA SER E 116 -4.18 31.28 34.42
C SER E 116 -4.12 31.56 35.91
N ASN E 117 -3.79 32.80 36.25
CA ASN E 117 -3.68 33.22 37.64
C ASN E 117 -4.94 32.91 38.47
N GLY E 118 -4.81 32.13 39.55
CA GLY E 118 -5.95 31.69 40.39
C GLY E 118 -6.56 30.32 40.11
N THR E 119 -6.08 29.64 39.07
CA THR E 119 -6.53 28.29 38.70
C THR E 119 -6.38 27.32 39.89
N LYS E 120 -7.49 26.65 40.23
CA LYS E 120 -7.54 25.60 41.27
C LYS E 120 -7.36 24.16 40.67
N ALA E 121 -7.87 23.92 39.45
CA ALA E 121 -7.92 22.58 38.82
C ALA E 121 -8.01 22.66 37.30
N VAL E 122 -7.48 21.66 36.61
CA VAL E 122 -7.42 21.64 35.13
C VAL E 122 -7.88 20.27 34.55
N LYS E 123 -8.63 20.28 33.43
CA LYS E 123 -9.22 19.07 32.80
C LYS E 123 -8.23 18.39 31.80
N ILE E 124 -8.29 17.05 31.66
CA ILE E 124 -7.33 16.24 30.84
C ILE E 124 -8.05 15.17 29.98
N VAL E 125 -8.16 15.44 28.69
CA VAL E 125 -8.56 14.44 27.70
C VAL E 125 -7.29 13.64 27.29
N SER E 126 -7.29 12.32 27.50
CA SER E 126 -6.12 11.48 27.25
C SER E 126 -6.49 10.08 26.73
N SER E 127 -5.48 9.27 26.42
CA SER E 127 -5.69 7.85 26.13
C SER E 127 -4.38 7.04 26.34
N THR E 128 -4.46 5.71 26.18
CA THR E 128 -3.29 4.81 26.21
C THR E 128 -3.33 3.71 25.11
N HIS E 129 -2.18 3.03 24.97
CA HIS E 129 -1.96 1.97 23.96
C HIS E 129 -1.85 0.58 24.56
N PHE E 130 -3.02 -0.01 24.74
CA PHE E 130 -3.21 -1.32 25.30
C PHE E 130 -3.89 -2.24 24.27
N ASN E 131 -3.35 -3.46 24.09
CA ASN E 131 -4.00 -4.50 23.30
C ASN E 131 -4.09 -4.19 21.79
N ASN E 132 -3.10 -3.44 21.31
CA ASN E 132 -3.17 -2.82 20.00
C ASN E 132 -4.44 -1.99 19.75
N LYS E 133 -4.88 -1.24 20.77
CA LYS E 133 -6.12 -0.44 20.72
C LYS E 133 -5.90 0.87 21.47
N GLU E 134 -6.65 1.89 21.09
CA GLU E 134 -6.72 3.11 21.87
C GLU E 134 -7.73 2.93 23.01
N GLU E 135 -7.27 3.15 24.24
CA GLU E 135 -8.09 3.04 25.46
C GLU E 135 -8.36 4.46 26.06
N LYS E 136 -9.58 4.97 25.85
CA LYS E 136 -9.95 6.38 26.06
C LYS E 136 -10.33 6.76 27.50
N TYR E 137 -10.06 8.02 27.85
CA TYR E 137 -10.44 8.65 29.12
C TYR E 137 -11.01 10.08 28.90
N ASP E 138 -12.29 10.17 28.51
CA ASP E 138 -12.98 11.44 28.16
C ASP E 138 -12.59 12.60 29.04
N TYR E 139 -12.73 12.38 30.35
CA TYR E 139 -12.59 13.40 31.39
C TYR E 139 -11.68 12.89 32.54
N THR E 140 -10.53 13.57 32.75
CA THR E 140 -9.66 13.39 33.93
C THR E 140 -9.30 14.74 34.61
N LEU E 141 -10.06 15.22 35.60
CA LEU E 141 -9.75 16.52 36.26
C LEU E 141 -8.48 16.40 37.13
N MET E 142 -7.51 17.29 36.91
CA MET E 142 -6.32 17.37 37.73
C MET E 142 -6.55 18.45 38.78
N GLU E 143 -6.99 18.06 39.99
CA GLU E 143 -7.15 19.03 41.11
C GLU E 143 -5.78 19.31 41.76
N PHE E 144 -5.49 20.57 42.09
CA PHE E 144 -4.23 20.97 42.77
C PHE E 144 -4.50 21.22 44.26
N ALA E 145 -3.51 20.91 45.09
CA ALA E 145 -3.62 21.09 46.53
C ALA E 145 -3.97 22.54 46.97
N GLN E 146 -3.56 23.56 46.21
CA GLN E 146 -4.03 24.95 46.42
C GLN E 146 -4.10 25.79 45.12
N PRO E 147 -4.80 26.96 45.13
CA PRO E 147 -4.82 27.87 43.94
C PRO E 147 -3.43 28.29 43.39
N ILE E 148 -3.22 28.21 42.07
CA ILE E 148 -1.92 28.52 41.43
C ILE E 148 -1.70 30.03 41.13
N TYR E 149 -0.57 30.61 41.58
CA TYR E 149 -0.27 32.05 41.40
C TYR E 149 1.13 32.30 40.80
N ASN E 150 1.34 33.56 40.35
CA ASN E 150 2.60 34.15 39.77
C ASN E 150 3.91 33.71 40.44
N SER E 151 4.04 34.09 41.71
CA SER E 151 5.23 33.92 42.52
C SER E 151 4.89 33.22 43.85
N ALA E 152 5.84 33.18 44.80
CA ALA E 152 5.56 32.67 46.17
C ALA E 152 4.88 33.73 47.07
N ASP E 153 3.59 34.03 46.79
CA ASP E 153 2.69 34.89 47.63
C ASP E 153 1.33 34.15 47.75
N LYS E 154 1.41 32.95 48.33
CA LYS E 154 0.31 31.98 48.57
C LYS E 154 0.59 31.23 49.88
N PHE E 155 -0.42 30.91 50.69
CA PHE E 155 -0.23 30.08 51.92
C PHE E 155 0.25 28.67 51.50
N ASP F 1 9.31 28.54 -43.12
CA ASP F 1 10.10 27.51 -43.82
C ASP F 1 11.58 27.87 -44.02
N ILE F 2 12.42 26.95 -43.57
CA ILE F 2 13.83 26.80 -43.99
C ILE F 2 13.89 26.22 -45.45
N GLN F 3 14.52 26.96 -46.37
CA GLN F 3 14.72 26.51 -47.76
C GLN F 3 15.96 25.64 -47.78
N LEU F 4 15.85 24.49 -48.43
CA LEU F 4 16.99 23.64 -48.69
C LEU F 4 17.36 23.68 -50.18
N THR F 5 18.62 23.95 -50.52
CA THR F 5 19.11 23.92 -51.91
C THR F 5 20.11 22.77 -52.12
N GLN F 6 20.05 22.17 -53.32
CA GLN F 6 20.83 20.99 -53.70
C GLN F 6 21.57 21.20 -55.03
N SER F 7 22.87 20.92 -55.03
CA SER F 7 23.76 21.08 -56.18
C SER F 7 24.53 19.78 -56.48
N PRO F 8 24.68 19.41 -57.73
CA PRO F 8 23.90 19.94 -58.83
C PRO F 8 22.44 19.41 -58.82
N SER F 9 21.60 19.97 -59.69
CA SER F 9 20.23 19.51 -59.91
C SER F 9 20.21 18.25 -60.76
N PHE F 10 21.11 18.15 -61.75
CA PHE F 10 21.30 16.96 -62.61
C PHE F 10 22.77 16.54 -62.53
N LEU F 11 23.04 15.26 -62.79
CA LEU F 11 24.41 14.73 -62.80
C LEU F 11 24.58 13.40 -63.61
N SER F 12 25.28 13.46 -64.74
CA SER F 12 25.74 12.30 -65.52
C SER F 12 27.17 11.93 -65.08
N ALA F 13 27.35 10.74 -64.51
CA ALA F 13 28.66 10.25 -64.10
C ALA F 13 28.72 8.78 -64.50
N SER F 14 29.92 8.22 -64.61
CA SER F 14 30.13 6.83 -65.14
C SER F 14 30.03 5.72 -64.04
N VAL F 15 29.89 4.45 -64.44
CA VAL F 15 30.00 3.29 -63.49
C VAL F 15 31.41 3.35 -62.81
N ALA F 16 31.46 3.02 -61.52
CA ALA F 16 32.69 3.16 -60.70
C ALA F 16 33.22 4.59 -60.42
N ASP F 17 32.51 5.66 -60.77
CA ASP F 17 33.00 7.04 -60.48
C ASP F 17 32.68 7.48 -59.02
N ARG F 18 33.45 8.45 -58.50
CA ARG F 18 33.12 9.11 -57.22
C ARG F 18 32.22 10.33 -57.50
N VAL F 19 31.02 10.30 -56.92
CA VAL F 19 29.97 11.31 -57.10
C VAL F 19 29.73 11.98 -55.73
N THR F 20 29.82 13.32 -55.63
CA THR F 20 29.52 14.03 -54.37
C THR F 20 28.42 15.07 -54.63
N ILE F 21 27.24 14.80 -54.08
CA ILE F 21 26.09 15.71 -54.09
C ILE F 21 26.30 16.65 -52.87
N THR F 22 25.69 17.85 -52.89
CA THR F 22 25.67 18.79 -51.73
C THR F 22 24.21 19.23 -51.40
N CYS F 23 23.98 19.77 -50.20
CA CYS F 23 22.67 20.33 -49.76
C CYS F 23 22.90 21.41 -48.69
N ARG F 24 22.48 22.67 -48.95
CA ARG F 24 22.62 23.79 -47.98
C ARG F 24 21.27 24.17 -47.41
N ALA F 25 21.28 24.71 -46.19
CA ALA F 25 20.09 25.31 -45.57
C ALA F 25 20.23 26.84 -45.42
N SER F 26 19.07 27.51 -45.36
CA SER F 26 19.00 28.97 -45.20
C SER F 26 19.35 29.46 -43.75
N GLN F 27 19.40 28.56 -42.78
CA GLN F 27 19.94 28.86 -41.45
C GLN F 27 20.58 27.61 -40.78
N ALA F 28 21.02 27.73 -39.51
CA ALA F 28 21.58 26.60 -38.76
C ALA F 28 20.53 25.48 -38.57
N VAL F 29 20.97 24.24 -38.80
CA VAL F 29 20.10 23.04 -38.78
C VAL F 29 20.67 21.84 -37.92
N ARG F 30 21.79 22.08 -37.20
CA ARG F 30 22.47 21.12 -36.30
C ARG F 30 22.82 19.85 -37.10
N SER F 31 22.53 18.67 -36.55
CA SER F 31 22.71 17.42 -37.25
C SER F 31 21.35 16.88 -37.75
N SER F 32 20.25 17.59 -37.48
CA SER F 32 18.92 17.14 -37.90
C SER F 32 18.70 17.30 -39.43
N LEU F 33 19.38 16.46 -40.22
CA LEU F 33 19.22 16.37 -41.70
C LEU F 33 19.41 14.94 -42.28
N ALA F 34 18.33 14.39 -42.85
CA ALA F 34 18.34 13.11 -43.53
C ALA F 34 18.47 13.23 -45.06
N TRP F 35 18.88 12.12 -45.66
CA TRP F 35 19.02 11.93 -47.12
C TRP F 35 18.15 10.78 -47.59
N TYR F 36 17.37 10.97 -48.66
CA TYR F 36 16.48 9.93 -49.25
C TYR F 36 16.91 9.55 -50.69
N GLN F 37 16.48 8.37 -51.15
CA GLN F 37 16.64 7.91 -52.54
C GLN F 37 15.31 7.49 -53.13
N GLN F 38 14.92 8.18 -54.18
CA GLN F 38 13.71 7.87 -54.93
C GLN F 38 14.05 7.26 -56.29
N LYS F 39 13.67 6.00 -56.52
CA LYS F 39 13.82 5.34 -57.81
C LYS F 39 12.54 5.65 -58.65
N PRO F 40 12.57 5.43 -60.00
CA PRO F 40 11.35 5.64 -60.86
C PRO F 40 10.02 4.89 -60.47
N GLY F 41 8.89 5.60 -60.45
CA GLY F 41 7.58 5.04 -60.05
C GLY F 41 7.49 4.46 -58.65
N LYS F 42 8.31 4.98 -57.74
CA LYS F 42 8.62 4.38 -56.39
C LYS F 42 8.70 5.40 -55.23
N ALA F 43 8.42 4.92 -54.01
CA ALA F 43 8.41 5.75 -52.79
C ALA F 43 9.83 6.03 -52.34
N PRO F 44 10.09 7.18 -51.67
CA PRO F 44 11.46 7.43 -51.16
C PRO F 44 11.97 6.45 -50.08
N GLN F 45 13.28 6.19 -50.03
CA GLN F 45 13.90 5.30 -49.04
C GLN F 45 14.98 6.03 -48.27
N LEU F 46 14.85 6.10 -46.94
CA LEU F 46 15.86 6.72 -46.11
C LEU F 46 17.22 6.06 -46.29
N LEU F 47 18.23 6.85 -46.67
CA LEU F 47 19.63 6.42 -46.82
C LEU F 47 20.55 6.77 -45.66
N ILE F 48 20.42 8.02 -45.20
CA ILE F 48 21.25 8.62 -44.16
C ILE F 48 20.31 9.47 -43.31
N TYR F 49 20.39 9.33 -41.98
CA TYR F 49 19.73 10.24 -41.02
C TYR F 49 20.78 10.95 -40.15
N SER F 50 20.37 12.02 -39.45
CA SER F 50 21.26 12.72 -38.49
C SER F 50 22.64 13.13 -39.11
N ALA F 51 22.64 13.61 -40.35
CA ALA F 51 23.83 14.06 -41.12
C ALA F 51 24.68 12.93 -41.71
N SER F 52 25.19 12.06 -40.84
CA SER F 52 26.18 11.02 -41.19
C SER F 52 25.85 9.57 -40.77
N THR F 53 24.65 9.24 -40.26
CA THR F 53 24.30 7.82 -39.88
C THR F 53 23.53 7.01 -40.99
N LEU F 54 24.16 5.92 -41.47
CA LEU F 54 23.61 4.99 -42.46
C LEU F 54 22.41 4.24 -41.89
N GLU F 55 21.42 3.97 -42.74
CA GLU F 55 20.21 3.21 -42.37
C GLU F 55 20.43 1.68 -42.62
N ASN F 56 19.72 0.86 -41.82
CA ASN F 56 19.67 -0.64 -41.93
C ASN F 56 19.45 -1.10 -43.38
N GLY F 57 20.18 -2.12 -43.82
CA GLY F 57 19.93 -2.73 -45.13
C GLY F 57 20.52 -2.03 -46.35
N VAL F 58 20.83 -0.74 -46.24
CA VAL F 58 21.43 0.05 -47.33
C VAL F 58 22.89 -0.35 -47.43
N SER F 59 23.39 -0.46 -48.66
CA SER F 59 24.80 -0.81 -48.89
C SER F 59 25.75 0.32 -48.39
N SER F 60 26.96 -0.07 -47.96
CA SER F 60 27.92 0.84 -47.30
C SER F 60 28.76 1.72 -48.27
N ARG F 61 28.22 1.99 -49.46
CA ARG F 61 28.82 2.86 -50.45
C ARG F 61 28.35 4.36 -50.29
N PHE F 62 27.22 4.57 -49.61
CA PHE F 62 26.67 5.90 -49.29
C PHE F 62 27.25 6.40 -47.97
N SER F 63 27.87 7.59 -47.98
CA SER F 63 28.31 8.33 -46.79
C SER F 63 27.49 9.62 -46.60
N GLY F 64 27.76 10.37 -45.54
CA GLY F 64 27.23 11.72 -45.39
C GLY F 64 28.04 12.58 -44.45
N SER F 65 28.34 13.83 -44.81
CA SER F 65 29.19 14.71 -43.97
C SER F 65 28.43 15.40 -42.81
N GLY F 66 29.18 16.02 -41.88
CA GLY F 66 28.72 16.41 -40.53
C GLY F 66 28.06 17.77 -40.35
N PRO F 67 27.78 18.19 -39.06
CA PRO F 67 26.82 19.29 -38.70
C PRO F 67 27.09 20.77 -39.21
N GLY F 68 26.05 21.60 -39.19
CA GLY F 68 26.12 23.06 -39.47
C GLY F 68 25.06 23.59 -40.44
N THR F 69 25.52 23.91 -41.67
CA THR F 69 24.69 24.48 -42.80
C THR F 69 25.05 23.85 -44.19
N GLU F 70 26.34 23.65 -44.54
CA GLU F 70 26.75 22.81 -45.72
C GLU F 70 26.75 21.32 -45.36
N PHE F 71 26.01 20.50 -46.13
CA PHE F 71 25.95 19.01 -46.00
C PHE F 71 26.30 18.30 -47.32
N THR F 72 26.60 17.00 -47.24
CA THR F 72 27.17 16.19 -48.38
C THR F 72 26.72 14.70 -48.34
N LEU F 73 26.11 14.20 -49.42
CA LEU F 73 25.96 12.74 -49.72
C LEU F 73 27.02 12.27 -50.73
N THR F 74 27.81 11.27 -50.36
CA THR F 74 28.83 10.69 -51.25
C THR F 74 28.46 9.24 -51.61
N ILE F 75 28.49 8.95 -52.92
CA ILE F 75 28.50 7.56 -53.45
C ILE F 75 29.96 7.22 -53.90
N SER F 76 30.62 6.33 -53.15
CA SER F 76 32.04 6.04 -53.32
C SER F 76 32.25 5.48 -54.71
N SER F 77 31.65 4.33 -54.96
CA SER F 77 31.64 3.69 -56.26
C SER F 77 30.20 3.60 -56.75
N LEU F 78 29.87 4.40 -57.79
CA LEU F 78 28.52 4.49 -58.39
C LEU F 78 28.23 3.24 -59.23
N GLN F 79 27.08 2.58 -59.00
CA GLN F 79 26.60 1.39 -59.78
C GLN F 79 25.35 1.68 -60.66
N PRO F 80 25.00 0.78 -61.63
CA PRO F 80 23.75 0.92 -62.44
C PRO F 80 22.42 1.16 -61.67
N GLU F 81 22.29 0.54 -60.48
CA GLU F 81 21.07 0.64 -59.64
C GLU F 81 20.93 1.96 -58.83
N ASP F 82 21.95 2.81 -58.82
CA ASP F 82 21.90 4.11 -58.12
C ASP F 82 21.15 5.21 -58.89
N VAL F 83 20.60 4.91 -60.07
CA VAL F 83 19.66 5.80 -60.81
C VAL F 83 18.43 6.22 -59.99
N GLY F 84 18.09 7.49 -60.12
CA GLY F 84 16.98 8.11 -59.40
C GLY F 84 17.24 9.56 -59.06
N THR F 85 16.58 10.00 -57.99
CA THR F 85 16.64 11.37 -57.52
C THR F 85 16.91 11.35 -55.99
N TYR F 86 17.93 12.13 -55.54
CA TYR F 86 18.42 12.17 -54.14
C TYR F 86 18.04 13.45 -53.39
N TYR F 87 17.13 13.32 -52.42
CA TYR F 87 16.58 14.43 -51.63
C TYR F 87 17.23 14.51 -50.27
N CYS F 88 17.41 15.74 -49.77
CA CYS F 88 17.75 16.00 -48.38
C CYS F 88 16.49 16.55 -47.69
N GLN F 89 16.41 16.35 -46.37
CA GLN F 89 15.28 16.88 -45.55
C GLN F 89 15.80 17.29 -44.16
N GLN F 90 15.42 18.47 -43.67
CA GLN F 90 15.81 18.98 -42.32
C GLN F 90 14.74 18.64 -41.26
N LEU F 91 15.17 18.41 -40.03
CA LEU F 91 14.23 18.13 -38.94
C LEU F 91 14.49 19.00 -37.70
N ASN F 92 14.91 20.24 -37.96
CA ASN F 92 15.24 21.28 -36.96
C ASN F 92 14.02 22.13 -36.62
N THR F 93 13.41 22.71 -37.66
CA THR F 93 12.20 23.54 -37.56
C THR F 93 11.09 22.86 -38.33
N TYR F 94 9.87 23.12 -37.90
CA TYR F 94 8.65 22.65 -38.54
C TYR F 94 8.21 23.72 -39.53
N PRO F 95 7.69 23.36 -40.71
CA PRO F 95 7.61 21.99 -41.24
C PRO F 95 8.95 21.40 -41.66
N PHE F 96 9.06 20.08 -41.64
CA PHE F 96 10.29 19.41 -42.02
C PHE F 96 10.39 19.45 -43.58
N THR F 97 10.95 20.54 -44.13
CA THR F 97 11.04 20.77 -45.60
C THR F 97 12.11 19.94 -46.30
N PHE F 98 11.98 19.82 -47.62
CA PHE F 98 12.80 18.99 -48.47
C PHE F 98 13.59 19.86 -49.46
N GLY F 99 14.58 19.29 -50.13
CA GLY F 99 15.30 19.96 -51.19
C GLY F 99 14.63 19.76 -52.54
N PRO F 100 15.14 20.41 -53.63
CA PRO F 100 14.67 20.13 -55.00
C PRO F 100 14.92 18.69 -55.52
N GLY F 101 16.04 18.10 -55.11
CA GLY F 101 16.49 16.81 -55.61
C GLY F 101 17.78 17.01 -56.39
N THR F 102 18.54 15.92 -56.50
CA THR F 102 19.65 15.80 -57.44
C THR F 102 19.32 14.57 -58.26
N LYS F 103 19.02 14.74 -59.54
CA LYS F 103 18.74 13.63 -60.46
C LYS F 103 20.10 13.04 -60.89
N VAL F 104 20.24 11.71 -60.89
CA VAL F 104 21.54 11.05 -61.19
C VAL F 104 21.40 10.12 -62.41
N GLU F 105 22.03 10.52 -63.51
CA GLU F 105 22.09 9.71 -64.73
C GLU F 105 23.41 8.93 -64.73
N ILE F 106 23.39 7.71 -65.30
CA ILE F 106 24.58 6.86 -65.42
C ILE F 106 25.13 6.97 -66.84
N LYS F 107 26.37 7.43 -66.97
CA LYS F 107 27.04 7.45 -68.27
C LYS F 107 27.50 6.04 -68.71
N ARG F 108 27.37 5.79 -70.00
CA ARG F 108 27.49 4.47 -70.56
C ARG F 108 28.03 4.56 -71.99
N THR F 109 28.44 3.43 -72.59
CA THR F 109 28.66 3.36 -74.05
C THR F 109 27.43 3.85 -74.80
N VAL F 110 27.69 4.39 -75.99
CA VAL F 110 26.69 4.64 -77.00
C VAL F 110 26.19 3.24 -77.45
N ALA F 111 24.87 3.03 -77.58
CA ALA F 111 24.27 1.72 -78.01
C ALA F 111 23.09 1.87 -79.01
N ALA F 112 23.04 1.03 -80.04
CA ALA F 112 22.00 1.15 -81.07
C ALA F 112 20.62 0.77 -80.51
N PRO F 113 19.54 1.56 -80.80
CA PRO F 113 18.17 1.12 -80.44
C PRO F 113 17.69 -0.08 -81.30
N SER F 114 16.95 -1.02 -80.68
CA SER F 114 16.18 -2.03 -81.42
C SER F 114 14.86 -1.33 -81.86
N VAL F 115 14.56 -1.27 -83.16
CA VAL F 115 13.37 -0.52 -83.69
C VAL F 115 12.23 -1.43 -84.23
N PHE F 116 11.00 -1.19 -83.74
CA PHE F 116 9.81 -1.98 -84.14
C PHE F 116 8.60 -1.07 -84.35
N ILE F 117 7.98 -1.16 -85.52
CA ILE F 117 6.70 -0.48 -85.83
C ILE F 117 5.55 -1.45 -85.59
N PHE F 118 4.41 -0.94 -85.16
CA PHE F 118 3.26 -1.78 -84.88
C PHE F 118 2.05 -1.26 -85.63
N PRO F 119 1.29 -2.17 -86.28
CA PRO F 119 0.04 -1.70 -86.92
C PRO F 119 -1.02 -1.12 -85.92
N PRO F 120 -2.13 -0.55 -86.45
CA PRO F 120 -3.39 -0.50 -85.70
C PRO F 120 -4.13 -1.84 -85.77
N SER F 121 -4.83 -2.21 -84.69
CA SER F 121 -5.34 -3.58 -84.52
C SER F 121 -6.67 -3.81 -85.20
N ASP F 122 -7.00 -5.08 -85.41
CA ASP F 122 -8.38 -5.48 -85.78
C ASP F 122 -9.41 -4.89 -84.78
N GLU F 123 -9.12 -4.90 -83.48
CA GLU F 123 -10.09 -4.51 -82.40
C GLU F 123 -10.45 -2.97 -82.36
N GLN F 124 -9.51 -2.09 -82.78
CA GLN F 124 -9.72 -0.58 -82.86
C GLN F 124 -10.31 -0.09 -84.20
N LEU F 125 -10.35 -0.95 -85.22
CA LEU F 125 -11.20 -0.79 -86.42
C LEU F 125 -12.63 -0.26 -86.04
N LYS F 126 -13.17 -0.64 -84.85
CA LYS F 126 -14.44 -0.09 -84.27
C LYS F 126 -14.31 1.41 -83.95
N SER F 127 -15.44 2.13 -84.02
CA SER F 127 -15.53 3.61 -83.94
C SER F 127 -14.41 4.35 -83.20
N GLY F 128 -13.80 5.30 -83.90
CA GLY F 128 -12.68 6.08 -83.41
C GLY F 128 -11.61 6.29 -84.46
N THR F 129 -10.37 6.10 -84.04
CA THR F 129 -9.17 6.58 -84.74
C THR F 129 -8.25 5.34 -84.92
N ALA F 130 -7.25 5.47 -85.79
CA ALA F 130 -6.14 4.51 -85.91
C ALA F 130 -4.92 5.06 -85.14
N SER F 131 -4.35 4.25 -84.23
CA SER F 131 -3.13 4.65 -83.50
C SER F 131 -1.96 3.71 -83.87
N VAL F 132 -0.90 4.26 -84.47
CA VAL F 132 0.30 3.50 -84.92
C VAL F 132 1.50 3.77 -83.99
N VAL F 133 1.89 2.76 -83.22
CA VAL F 133 2.96 2.86 -82.23
C VAL F 133 4.30 2.44 -82.84
N CYS F 134 5.33 3.27 -82.63
CA CYS F 134 6.71 2.97 -82.98
C CYS F 134 7.51 3.03 -81.69
N LEU F 135 8.46 2.08 -81.55
CA LEU F 135 9.22 1.84 -80.32
C LEU F 135 10.71 1.72 -80.63
N LEU F 136 11.54 2.49 -79.91
CA LEU F 136 13.02 2.38 -79.92
C LEU F 136 13.39 1.74 -78.60
N ASN F 137 13.90 0.51 -78.57
CA ASN F 137 13.82 -0.26 -77.33
C ASN F 137 14.93 -0.11 -76.31
N ASN F 138 16.18 -0.37 -76.65
CA ASN F 138 17.24 -0.25 -75.65
C ASN F 138 18.42 0.57 -76.19
N PHE F 139 18.46 1.87 -75.82
CA PHE F 139 19.43 2.84 -76.32
C PHE F 139 20.07 3.78 -75.25
N TYR F 140 21.14 4.47 -75.66
CA TYR F 140 21.77 5.55 -74.87
C TYR F 140 22.65 6.45 -75.82
N PRO F 141 22.59 7.80 -75.78
CA PRO F 141 21.87 8.65 -74.78
C PRO F 141 20.33 8.88 -75.00
N ARG F 142 19.70 9.79 -74.22
CA ARG F 142 18.24 10.13 -74.32
C ARG F 142 17.81 10.93 -75.59
N GLU F 143 18.72 11.72 -76.19
CA GLU F 143 18.42 12.48 -77.42
C GLU F 143 18.37 11.49 -78.57
N ALA F 144 17.19 11.35 -79.17
CA ALA F 144 16.97 10.45 -80.33
C ALA F 144 15.75 10.94 -81.14
N LYS F 145 15.94 11.23 -82.43
CA LYS F 145 14.85 11.79 -83.26
C LYS F 145 13.96 10.68 -83.86
N VAL F 146 12.63 10.91 -83.85
CA VAL F 146 11.60 10.06 -84.47
C VAL F 146 10.91 10.83 -85.63
N GLN F 147 10.54 10.13 -86.70
CA GLN F 147 9.97 10.74 -87.90
C GLN F 147 8.93 9.82 -88.52
N TRP F 148 7.67 10.27 -88.59
CA TRP F 148 6.58 9.52 -89.22
C TRP F 148 6.37 9.96 -90.68
N LYS F 149 6.22 8.97 -91.55
CA LYS F 149 6.04 9.17 -93.01
C LYS F 149 4.77 8.48 -93.51
N VAL F 150 4.18 9.05 -94.56
CA VAL F 150 2.97 8.53 -95.23
C VAL F 150 3.12 8.75 -96.76
N ASP F 151 3.74 7.77 -97.41
CA ASP F 151 4.15 7.82 -98.84
C ASP F 151 5.13 8.99 -99.11
N ASN F 152 6.21 9.00 -98.32
CA ASN F 152 7.25 10.06 -98.33
C ASN F 152 6.70 11.49 -97.96
N ALA F 153 5.65 11.58 -97.15
CA ALA F 153 5.07 12.88 -96.69
C ALA F 153 5.32 13.11 -95.18
N LEU F 154 5.87 14.28 -94.82
CA LEU F 154 6.28 14.61 -93.43
C LEU F 154 5.06 14.82 -92.50
N GLN F 155 5.25 14.72 -91.18
CA GLN F 155 4.14 14.95 -90.20
C GLN F 155 4.51 15.94 -89.05
N SER F 156 3.47 16.51 -88.43
CA SER F 156 3.55 17.40 -87.25
C SER F 156 2.16 17.47 -86.58
N GLY F 157 2.07 17.26 -85.27
CA GLY F 157 0.77 17.38 -84.55
C GLY F 157 -0.23 16.23 -84.67
N ASN F 158 0.27 15.05 -85.04
CA ASN F 158 -0.40 13.78 -84.83
C ASN F 158 0.17 13.05 -83.62
N SER F 159 1.49 13.11 -83.45
CA SER F 159 2.23 12.21 -82.57
C SER F 159 2.84 12.84 -81.32
N GLN F 160 2.42 12.35 -80.15
CA GLN F 160 3.06 12.65 -78.87
C GLN F 160 3.95 11.44 -78.50
N GLU F 161 5.16 11.73 -78.01
CA GLU F 161 6.15 10.71 -77.59
C GLU F 161 6.27 10.71 -76.04
N SER F 162 6.61 9.55 -75.50
CA SER F 162 6.73 9.33 -74.07
C SER F 162 8.06 8.60 -73.92
N VAL F 163 8.91 8.97 -72.96
CA VAL F 163 10.23 8.32 -72.83
C VAL F 163 10.38 7.70 -71.43
N THR F 164 11.07 6.56 -71.38
CA THR F 164 11.23 5.72 -70.18
C THR F 164 12.24 6.41 -69.23
N GLU F 165 12.08 6.17 -67.92
CA GLU F 165 13.11 6.56 -66.95
C GLU F 165 14.17 5.47 -67.05
N GLN F 166 15.39 5.82 -66.69
CA GLN F 166 16.54 4.97 -66.99
C GLN F 166 16.54 3.66 -66.19
N ASP F 167 16.86 2.58 -66.91
CA ASP F 167 16.90 1.23 -66.37
C ASP F 167 17.92 1.13 -65.22
N SER F 168 17.55 0.39 -64.18
CA SER F 168 18.45 0.03 -63.06
C SER F 168 19.52 -1.04 -63.40
N LYS F 169 19.45 -1.67 -64.57
CA LYS F 169 20.37 -2.76 -64.92
C LYS F 169 21.22 -2.41 -66.14
N ASP F 170 20.58 -2.17 -67.29
CA ASP F 170 21.27 -1.81 -68.56
C ASP F 170 21.85 -0.39 -68.56
N SER F 171 21.27 0.50 -67.76
CA SER F 171 21.47 1.95 -67.92
C SER F 171 21.01 2.48 -69.33
N THR F 172 19.99 1.83 -69.88
CA THR F 172 19.41 2.19 -71.19
C THR F 172 18.02 2.83 -71.03
N TYR F 173 17.58 3.53 -72.07
CA TYR F 173 16.25 4.11 -72.14
C TYR F 173 15.38 3.36 -73.18
N SER F 174 14.11 3.72 -73.23
CA SER F 174 13.20 3.34 -74.32
C SER F 174 12.26 4.52 -74.65
N LEU F 175 11.60 4.44 -75.80
CA LEU F 175 10.82 5.57 -76.36
C LEU F 175 9.58 5.05 -77.14
N SER F 176 8.42 5.67 -76.93
CA SER F 176 7.13 5.23 -77.47
C SER F 176 6.47 6.39 -78.21
N SER F 177 6.64 6.46 -79.52
CA SER F 177 5.97 7.47 -80.33
C SER F 177 4.72 6.86 -80.89
N THR F 178 3.60 7.54 -80.65
CA THR F 178 2.30 7.12 -81.10
C THR F 178 1.83 8.17 -82.09
N LEU F 179 1.73 7.81 -83.37
CA LEU F 179 1.00 8.59 -84.38
C LEU F 179 -0.51 8.30 -84.23
N THR F 180 -1.37 9.34 -84.27
CA THR F 180 -2.84 9.15 -84.16
C THR F 180 -3.57 9.95 -85.25
N LEU F 181 -4.37 9.28 -86.05
CA LEU F 181 -5.04 9.92 -87.20
C LEU F 181 -6.40 9.26 -87.44
N SER F 182 -7.37 10.06 -87.89
CA SER F 182 -8.77 9.61 -88.20
C SER F 182 -8.84 8.30 -89.06
N LYS F 183 -9.82 7.41 -88.80
CA LYS F 183 -10.01 6.16 -89.62
C LYS F 183 -10.29 6.36 -91.14
N ALA F 184 -11.09 7.35 -91.53
CA ALA F 184 -11.31 7.70 -92.95
C ALA F 184 -10.07 8.37 -93.56
N ASP F 185 -9.30 9.09 -92.72
CA ASP F 185 -7.96 9.59 -93.08
C ASP F 185 -6.91 8.43 -93.17
N TYR F 186 -7.06 7.36 -92.36
CA TYR F 186 -6.24 6.08 -92.44
C TYR F 186 -6.44 5.20 -93.71
N GLU F 187 -7.69 4.82 -94.04
CA GLU F 187 -7.94 3.96 -95.24
C GLU F 187 -7.55 4.66 -96.57
N LYS F 188 -7.23 5.97 -96.55
CA LYS F 188 -6.72 6.71 -97.73
C LYS F 188 -5.35 6.21 -98.19
N HIS F 189 -4.36 6.30 -97.30
CA HIS F 189 -2.95 6.10 -97.65
C HIS F 189 -2.50 4.64 -97.45
N LYS F 190 -1.50 4.20 -98.22
CA LYS F 190 -1.19 2.78 -98.45
C LYS F 190 0.04 2.18 -97.70
N VAL F 191 1.12 2.97 -97.48
CA VAL F 191 2.31 2.56 -96.64
C VAL F 191 2.59 3.59 -95.51
N TYR F 192 2.99 3.10 -94.33
CA TYR F 192 3.41 4.00 -93.22
C TYR F 192 4.81 3.57 -92.76
N ALA F 193 5.62 4.52 -92.30
CA ALA F 193 7.02 4.26 -91.96
C ALA F 193 7.49 5.13 -90.80
N CYS F 194 8.45 4.59 -90.03
CA CYS F 194 9.00 5.24 -88.84
C CYS F 194 10.53 5.31 -88.99
N GLU F 195 11.07 6.52 -89.26
CA GLU F 195 12.53 6.74 -89.46
C GLU F 195 13.24 7.30 -88.18
N VAL F 196 14.39 6.68 -87.83
CA VAL F 196 15.08 6.87 -86.51
C VAL F 196 16.53 7.35 -86.67
N THR F 197 16.79 8.58 -86.22
CA THR F 197 18.16 9.12 -86.09
C THR F 197 18.66 8.93 -84.63
N HIS F 198 19.94 8.62 -84.49
CA HIS F 198 20.57 8.36 -83.20
C HIS F 198 22.07 8.21 -83.42
N GLN F 199 22.86 8.50 -82.39
CA GLN F 199 24.32 8.33 -82.46
C GLN F 199 24.80 6.91 -82.83
N GLY F 200 24.26 5.89 -82.17
CA GLY F 200 24.61 4.49 -82.44
C GLY F 200 24.24 3.87 -83.79
N LEU F 201 23.70 4.68 -84.72
CA LEU F 201 23.37 4.29 -86.09
C LEU F 201 24.11 5.18 -87.11
N SER F 202 24.83 4.58 -88.06
CA SER F 202 25.59 5.32 -89.13
C SER F 202 24.74 6.32 -89.91
N SER F 203 23.61 5.82 -90.38
CA SER F 203 22.59 6.58 -91.09
C SER F 203 21.25 6.12 -90.53
N PRO F 204 20.15 6.88 -90.77
CA PRO F 204 18.89 6.55 -90.05
C PRO F 204 18.19 5.23 -90.47
N VAL F 205 17.96 4.29 -89.53
CA VAL F 205 17.24 2.99 -89.85
C VAL F 205 15.71 3.17 -89.84
N THR F 206 15.03 2.55 -90.81
CA THR F 206 13.57 2.69 -90.97
C THR F 206 12.84 1.35 -90.59
N LYS F 207 11.51 1.42 -90.36
CA LYS F 207 10.60 0.24 -90.20
C LYS F 207 9.19 0.52 -90.78
N SER F 208 8.77 -0.24 -91.81
CA SER F 208 7.44 -0.09 -92.44
C SER F 208 6.57 -1.27 -92.08
N PHE F 209 5.29 -1.21 -92.46
CA PHE F 209 4.40 -2.38 -92.29
C PHE F 209 3.30 -2.66 -93.34
N ASN F 210 2.92 -1.69 -94.18
CA ASN F 210 2.06 -1.91 -95.39
C ASN F 210 0.64 -2.59 -95.21
N ARG F 211 -0.16 -2.07 -94.27
CA ARG F 211 -1.55 -2.54 -93.99
C ARG F 211 -1.64 -3.96 -93.35
N GLY F 212 -1.94 -4.97 -94.18
CA GLY F 212 -2.41 -6.26 -93.72
C GLY F 212 -1.49 -7.43 -93.99
N GLU F 213 -0.97 -7.54 -95.22
CA GLU F 213 -0.32 -8.78 -95.77
C GLU F 213 -0.46 -10.13 -95.02
N GLN G 1 8.82 -5.25 -38.56
CA GLN G 1 8.92 -4.53 -39.87
C GLN G 1 7.52 -4.11 -40.36
N VAL G 2 7.22 -2.84 -40.11
CA VAL G 2 5.96 -2.20 -40.43
C VAL G 2 5.95 -1.86 -41.94
N GLN G 3 4.95 -2.39 -42.65
CA GLN G 3 4.58 -1.95 -44.01
C GLN G 3 3.33 -1.04 -43.95
N LEU G 4 3.19 -0.12 -44.91
CA LEU G 4 2.08 0.86 -44.98
C LEU G 4 1.44 0.95 -46.37
N GLN G 5 0.13 1.22 -46.46
CA GLN G 5 -0.63 1.31 -47.75
C GLN G 5 -1.81 2.32 -47.82
N GLU G 6 -2.00 2.94 -48.98
CA GLU G 6 -2.98 4.02 -49.14
C GLU G 6 -4.29 3.64 -49.86
N SER G 7 -5.42 4.04 -49.25
CA SER G 7 -6.78 3.82 -49.79
C SER G 7 -7.27 5.10 -50.55
N GLY G 8 -7.98 4.91 -51.67
CA GLY G 8 -8.51 6.01 -52.54
C GLY G 8 -9.55 6.94 -51.91
N PRO G 9 -10.26 7.81 -52.67
CA PRO G 9 -10.26 7.85 -54.15
C PRO G 9 -9.23 8.82 -54.75
N GLY G 10 -8.93 8.59 -56.02
CA GLY G 10 -7.95 9.40 -56.77
C GLY G 10 -8.51 10.53 -57.62
N LEU G 11 -9.79 10.83 -57.49
CA LEU G 11 -10.41 11.95 -58.20
C LEU G 11 -11.22 12.83 -57.24
N VAL G 12 -10.97 14.15 -57.23
CA VAL G 12 -11.66 15.11 -56.34
C VAL G 12 -12.11 16.35 -57.12
N LYS G 13 -13.34 16.82 -56.86
CA LYS G 13 -13.89 18.02 -57.55
C LYS G 13 -13.34 19.30 -56.88
N PRO G 14 -13.06 20.39 -57.65
CA PRO G 14 -12.60 21.60 -56.97
C PRO G 14 -13.67 22.12 -56.01
N SER G 15 -13.25 22.64 -54.85
CA SER G 15 -14.08 22.94 -53.62
C SER G 15 -14.25 21.77 -52.64
N GLU G 16 -14.56 20.56 -53.16
CA GLU G 16 -14.90 19.39 -52.34
C GLU G 16 -13.62 18.78 -51.72
N THR G 17 -13.80 17.91 -50.73
CA THR G 17 -12.71 17.51 -49.84
C THR G 17 -11.95 16.26 -50.35
N LEU G 18 -10.61 16.35 -50.42
CA LEU G 18 -9.75 15.17 -50.60
C LEU G 18 -9.68 14.33 -49.30
N SER G 19 -10.21 13.10 -49.33
CA SER G 19 -10.28 12.21 -48.14
C SER G 19 -9.58 10.88 -48.41
N LEU G 20 -8.36 10.76 -47.85
CA LEU G 20 -7.50 9.56 -47.94
C LEU G 20 -7.29 8.88 -46.58
N ILE G 21 -7.00 7.59 -46.64
CA ILE G 21 -6.93 6.71 -45.47
C ILE G 21 -5.59 5.92 -45.56
N CYS G 22 -4.82 5.84 -44.45
CA CYS G 22 -3.62 4.96 -44.36
C CYS G 22 -3.74 3.79 -43.38
N THR G 23 -3.66 2.57 -43.91
CA THR G 23 -3.89 1.34 -43.13
C THR G 23 -2.52 0.80 -42.75
N VAL G 24 -2.26 0.75 -41.44
CA VAL G 24 -1.00 0.28 -40.86
C VAL G 24 -1.04 -1.26 -40.81
N SER G 25 -0.17 -1.85 -41.61
CA SER G 25 -0.19 -3.26 -41.98
C SER G 25 0.63 -4.10 -40.98
N GLY G 26 1.92 -3.83 -40.87
CA GLY G 26 2.89 -4.83 -40.41
C GLY G 26 2.86 -5.19 -38.95
N GLY G 27 3.94 -4.83 -38.25
CA GLY G 27 4.09 -5.08 -36.81
C GLY G 27 3.01 -4.39 -35.96
N SER G 28 2.42 -3.33 -36.51
CA SER G 28 1.11 -2.78 -36.08
C SER G 28 0.94 -2.33 -34.57
N ILE G 29 -0.07 -2.84 -33.87
CA ILE G 29 -0.60 -2.21 -32.65
C ILE G 29 -0.62 -0.63 -32.64
N SER G 30 -0.48 0.09 -33.78
CA SER G 30 -0.52 1.60 -33.84
C SER G 30 -0.04 2.35 -32.53
N SER G 31 0.90 1.74 -31.81
CA SER G 31 1.83 2.34 -30.81
C SER G 31 3.10 1.50 -30.99
N SER G 32 3.46 1.41 -32.28
CA SER G 32 4.70 0.97 -32.84
C SER G 32 5.46 2.16 -33.44
N SER G 33 4.87 3.35 -33.43
CA SER G 33 5.59 4.60 -33.70
C SER G 33 5.00 5.66 -32.78
N TYR G 34 5.77 6.69 -32.41
CA TYR G 34 5.25 7.79 -31.55
C TYR G 34 4.36 8.78 -32.29
N TYR G 35 4.65 8.97 -33.58
CA TYR G 35 3.86 9.75 -34.50
C TYR G 35 3.81 9.10 -35.92
N TRP G 36 2.95 9.67 -36.78
CA TRP G 36 2.80 9.24 -38.18
C TRP G 36 2.69 10.47 -39.05
N GLY G 37 3.29 10.42 -40.25
CA GLY G 37 3.40 11.57 -41.15
C GLY G 37 2.63 11.43 -42.46
N TRP G 38 2.42 12.59 -43.10
CA TRP G 38 1.95 12.68 -44.48
C TRP G 38 2.86 13.68 -45.23
N ILE G 39 3.36 13.23 -46.39
CA ILE G 39 4.23 14.00 -47.28
C ILE G 39 3.53 13.91 -48.64
N ARG G 40 3.62 14.94 -49.49
CA ARG G 40 3.16 14.80 -50.90
C ARG G 40 4.19 15.28 -51.91
N GLN G 41 4.00 14.88 -53.16
CA GLN G 41 4.94 15.17 -54.22
C GLN G 41 4.29 15.78 -55.47
N THR G 42 4.50 17.07 -55.72
CA THR G 42 3.83 17.81 -56.82
C THR G 42 4.36 17.35 -58.23
N PRO G 43 3.61 17.60 -59.37
CA PRO G 43 4.04 17.04 -60.70
C PRO G 43 5.48 17.38 -61.22
N GLU G 44 6.08 18.44 -60.65
CA GLU G 44 7.49 18.85 -60.81
C GLU G 44 8.47 18.08 -59.86
N ARG G 45 8.02 16.97 -59.28
CA ARG G 45 8.82 16.10 -58.41
C ARG G 45 9.35 16.79 -57.09
N ASN G 46 8.70 17.86 -56.64
CA ASN G 46 8.99 18.57 -55.36
C ASN G 46 8.19 17.99 -54.23
N LEU G 47 8.81 17.86 -53.06
CA LEU G 47 8.23 17.23 -51.88
C LEU G 47 7.85 18.29 -50.82
N GLU G 48 6.64 18.18 -50.31
CA GLU G 48 6.08 19.07 -49.29
C GLU G 48 5.64 18.23 -48.05
N TRP G 49 5.96 18.71 -46.85
CA TRP G 49 5.47 18.16 -45.58
C TRP G 49 4.03 18.62 -45.27
N ILE G 50 3.12 17.67 -45.18
CA ILE G 50 1.72 18.01 -44.93
C ILE G 50 1.54 18.25 -43.45
N GLY G 51 1.73 17.20 -42.66
CA GLY G 51 1.61 17.27 -41.20
C GLY G 51 1.75 15.92 -40.50
N ILE G 52 1.73 15.94 -39.17
CA ILE G 52 1.81 14.73 -38.36
C ILE G 52 0.58 14.55 -37.48
N ILE G 53 0.32 13.30 -37.10
CA ILE G 53 -0.57 12.92 -35.99
C ILE G 53 0.22 11.99 -35.06
N TYR G 54 0.26 12.33 -33.76
CA TYR G 54 0.95 11.53 -32.73
C TYR G 54 0.14 10.28 -32.31
N PHE G 55 0.71 9.47 -31.43
CA PHE G 55 -0.01 8.37 -30.75
C PHE G 55 -1.33 8.75 -30.05
N SER G 56 -1.42 9.98 -29.54
CA SER G 56 -2.54 10.45 -28.71
C SER G 56 -3.58 11.31 -29.44
N GLY G 57 -3.43 11.44 -30.75
CA GLY G 57 -4.37 12.13 -31.57
C GLY G 57 -4.15 13.62 -31.61
N THR G 58 -3.11 14.14 -31.00
CA THR G 58 -2.86 15.56 -31.12
C THR G 58 -2.08 15.71 -32.38
N THR G 59 -2.24 16.85 -33.05
CA THR G 59 -1.72 17.04 -34.42
C THR G 59 -0.87 18.28 -34.55
N TYR G 60 -0.02 18.29 -35.57
CA TYR G 60 0.79 19.43 -35.92
C TYR G 60 0.88 19.52 -37.46
N TYR G 61 0.10 20.44 -38.02
CA TYR G 61 -0.01 20.65 -39.47
C TYR G 61 0.90 21.83 -39.93
N ASN G 62 1.41 21.76 -41.17
CA ASN G 62 2.19 22.86 -41.81
C ASN G 62 1.42 24.22 -41.72
N PRO G 63 2.08 25.36 -41.30
CA PRO G 63 1.27 26.64 -41.33
C PRO G 63 0.74 27.10 -42.75
N SER G 64 1.19 26.48 -43.86
CA SER G 64 0.74 26.73 -45.24
C SER G 64 -0.45 25.85 -45.72
N LEU G 65 -0.85 24.85 -44.94
CA LEU G 65 -2.06 24.06 -45.18
C LEU G 65 -3.01 23.99 -43.94
N GLN G 66 -2.73 24.79 -42.90
CA GLN G 66 -3.41 24.77 -41.58
C GLN G 66 -4.95 24.75 -41.72
N SER G 67 -5.53 25.85 -42.23
CA SER G 67 -6.99 26.02 -42.29
C SER G 67 -7.74 24.91 -43.04
N ARG G 68 -7.05 24.09 -43.84
CA ARG G 68 -7.68 23.07 -44.68
C ARG G 68 -7.48 21.63 -44.26
N VAL G 69 -6.34 21.29 -43.65
CA VAL G 69 -6.01 19.86 -43.31
C VAL G 69 -6.60 19.40 -41.98
N SER G 70 -6.66 18.08 -41.79
CA SER G 70 -7.30 17.45 -40.62
C SER G 70 -6.76 16.01 -40.55
N MET G 71 -6.53 15.47 -39.33
CA MET G 71 -6.21 14.02 -39.13
C MET G 71 -6.82 13.36 -37.85
N SER G 72 -7.37 12.14 -37.96
CA SER G 72 -7.76 11.30 -36.80
C SER G 72 -6.79 10.10 -36.64
N LEU G 73 -6.77 9.48 -35.45
CA LEU G 73 -6.29 8.08 -35.28
C LEU G 73 -7.55 7.28 -35.11
N ASP G 74 -7.50 6.03 -35.57
CA ASP G 74 -8.63 5.09 -35.38
C ASP G 74 -8.26 4.09 -34.28
N ARG G 75 -7.02 3.59 -34.24
CA ARG G 75 -6.58 2.70 -33.15
C ARG G 75 -7.33 1.36 -32.94
N SER G 76 -8.63 1.28 -33.22
CA SER G 76 -9.30 -0.03 -33.17
C SER G 76 -9.08 -0.68 -34.54
N THR G 77 -9.53 -0.07 -35.65
CA THR G 77 -8.97 -0.42 -36.99
C THR G 77 -7.58 0.25 -37.02
N ASN G 78 -6.61 -0.35 -37.71
CA ASN G 78 -5.20 0.13 -37.66
C ASN G 78 -4.91 1.33 -38.62
N ARG G 79 -5.63 2.45 -38.45
CA ARG G 79 -5.69 3.49 -39.48
C ARG G 79 -5.40 4.86 -38.92
N PHE G 80 -4.73 5.67 -39.77
CA PHE G 80 -4.74 7.14 -39.65
C PHE G 80 -5.11 7.73 -41.00
N SER G 81 -5.74 8.92 -40.96
CA SER G 81 -6.32 9.53 -42.17
C SER G 81 -5.85 10.96 -42.41
N LEU G 82 -6.05 11.41 -43.66
CA LEU G 82 -5.81 12.78 -44.13
C LEU G 82 -7.10 13.31 -44.74
N ARG G 83 -7.49 14.52 -44.35
CA ARG G 83 -8.56 15.27 -45.01
C ARG G 83 -8.00 16.63 -45.46
N LEU G 84 -8.34 17.07 -46.67
CA LEU G 84 -7.95 18.40 -47.22
C LEU G 84 -9.18 19.10 -47.92
N SER G 85 -9.63 20.21 -47.33
CA SER G 85 -10.81 20.98 -47.77
C SER G 85 -10.46 21.89 -48.95
N SER G 86 -11.48 22.63 -49.43
CA SER G 86 -11.33 23.80 -50.36
C SER G 86 -10.24 23.67 -51.43
N VAL G 87 -10.24 22.50 -52.11
CA VAL G 87 -9.21 21.99 -53.05
C VAL G 87 -9.17 22.77 -54.42
N THR G 88 -7.96 23.23 -54.83
CA THR G 88 -7.68 23.81 -56.18
C THR G 88 -6.85 22.82 -57.04
N ALA G 89 -6.55 23.16 -58.30
CA ALA G 89 -5.63 22.37 -59.18
C ALA G 89 -4.18 22.20 -58.60
N ALA G 90 -3.70 23.18 -57.82
CA ALA G 90 -2.38 23.17 -57.15
C ALA G 90 -2.13 21.93 -56.33
N ASP G 91 -3.18 21.40 -55.69
CA ASP G 91 -3.14 20.14 -54.88
C ASP G 91 -3.03 18.79 -55.67
N THR G 92 -3.01 18.83 -57.01
CA THR G 92 -2.76 17.63 -57.84
C THR G 92 -1.36 17.13 -57.55
N ALA G 93 -1.27 16.12 -56.67
CA ALA G 93 0.02 15.52 -56.23
C ALA G 93 -0.11 14.03 -55.95
N ILE G 94 1.03 13.37 -55.79
CA ILE G 94 1.11 11.99 -55.25
C ILE G 94 1.21 12.14 -53.71
N TYR G 95 0.24 11.58 -52.97
CA TYR G 95 0.15 11.67 -51.48
C TYR G 95 0.73 10.41 -50.79
N TYR G 96 1.69 10.62 -49.87
CA TYR G 96 2.53 9.57 -49.26
C TYR G 96 2.27 9.46 -47.75
N CYS G 97 1.87 8.29 -47.30
CA CYS G 97 1.68 7.98 -45.88
C CYS G 97 3.04 7.47 -45.33
N ALA G 98 3.55 7.99 -44.20
CA ALA G 98 4.93 7.63 -43.67
C ALA G 98 5.06 7.50 -42.15
N LYS G 99 6.20 6.94 -41.72
CA LYS G 99 6.50 6.64 -40.29
C LYS G 99 7.94 7.04 -39.94
N PRO G 100 8.18 7.62 -38.74
CA PRO G 100 9.52 8.01 -38.39
C PRO G 100 10.52 6.84 -38.22
N LYS G 101 11.80 7.17 -38.39
CA LYS G 101 12.90 6.34 -37.91
C LYS G 101 12.96 6.63 -36.41
N SER G 102 13.14 5.59 -35.61
CA SER G 102 13.37 5.77 -34.19
C SER G 102 14.76 5.28 -33.82
N ARG G 103 15.16 5.69 -32.63
CA ARG G 103 16.52 5.52 -32.10
C ARG G 103 17.01 4.07 -31.95
N ASP G 104 18.31 3.95 -31.67
CA ASP G 104 19.04 2.72 -31.26
C ASP G 104 18.51 1.93 -29.98
N ARG G 105 18.16 2.67 -28.92
CA ARG G 105 17.83 2.17 -27.55
C ARG G 105 16.41 2.62 -27.04
N GLY G 106 15.59 1.66 -26.63
CA GLY G 106 14.26 1.92 -26.07
C GLY G 106 13.32 2.57 -27.06
N GLY G 107 13.33 2.08 -28.30
CA GLY G 107 12.51 2.59 -29.39
C GLY G 107 11.27 1.73 -29.46
N PRO G 108 10.17 2.23 -29.99
CA PRO G 108 10.02 3.56 -30.65
C PRO G 108 9.90 4.78 -29.69
N GLY G 109 10.16 6.01 -30.14
CA GLY G 109 10.22 7.17 -29.22
C GLY G 109 9.99 8.48 -29.94
N ASP G 110 10.12 9.62 -29.24
CA ASP G 110 9.80 10.96 -29.84
C ASP G 110 11.05 11.54 -30.49
N ASP G 111 11.36 11.01 -31.67
CA ASP G 111 12.61 11.29 -32.34
C ASP G 111 12.32 11.84 -33.76
N TYR G 112 13.13 12.82 -34.18
CA TYR G 112 13.00 13.54 -35.42
C TYR G 112 14.25 13.35 -36.23
N PHE G 113 14.44 12.11 -36.69
CA PHE G 113 15.60 11.69 -37.47
C PHE G 113 15.35 11.66 -39.01
N GLY G 114 14.13 11.38 -39.42
CA GLY G 114 13.83 11.07 -40.83
C GLY G 114 12.76 10.00 -40.82
N MET G 115 12.21 9.67 -42.00
CA MET G 115 11.09 8.71 -42.14
C MET G 115 11.58 7.41 -42.82
N ASP G 116 11.52 6.24 -42.15
CA ASP G 116 12.17 5.00 -42.71
C ASP G 116 11.28 4.12 -43.61
N VAL G 117 10.10 3.72 -43.12
CA VAL G 117 9.07 3.09 -43.98
C VAL G 117 8.01 4.11 -44.48
N TRP G 118 7.62 3.92 -45.75
CA TRP G 118 6.77 4.80 -46.56
C TRP G 118 5.76 3.95 -47.34
N GLY G 119 4.55 4.46 -47.53
CA GLY G 119 3.57 3.82 -48.40
C GLY G 119 4.05 3.78 -49.84
N GLN G 120 3.34 3.02 -50.67
CA GLN G 120 3.62 3.02 -52.11
C GLN G 120 3.16 4.32 -52.80
N GLY G 121 2.36 5.15 -52.10
CA GLY G 121 1.91 6.44 -52.62
C GLY G 121 0.68 6.33 -53.53
N ILE G 122 -0.19 7.34 -53.48
CA ILE G 122 -1.48 7.32 -54.21
C ILE G 122 -1.63 8.63 -54.95
N MET G 123 -1.75 8.56 -56.29
CA MET G 123 -1.98 9.75 -57.14
C MET G 123 -3.43 10.26 -56.96
N VAL G 124 -3.59 11.59 -56.87
CA VAL G 124 -4.89 12.24 -56.68
C VAL G 124 -5.00 13.47 -57.61
N THR G 125 -5.72 13.34 -58.73
CA THR G 125 -5.90 14.46 -59.68
C THR G 125 -7.11 15.24 -59.27
N VAL G 126 -7.04 16.56 -59.43
CA VAL G 126 -8.20 17.45 -59.25
C VAL G 126 -8.59 18.17 -60.58
N SER G 127 -9.81 17.86 -61.02
CA SER G 127 -10.36 18.23 -62.31
C SER G 127 -11.91 18.41 -62.21
N SER G 128 -12.52 19.14 -63.17
CA SER G 128 -13.99 19.18 -63.30
C SER G 128 -14.51 17.84 -63.80
N ALA G 129 -13.59 16.90 -64.04
CA ALA G 129 -13.85 15.47 -63.99
C ALA G 129 -14.31 15.06 -65.37
N SER G 130 -14.88 13.87 -65.44
CA SER G 130 -15.21 13.12 -66.67
C SER G 130 -15.09 11.67 -66.22
N THR G 131 -13.92 11.34 -65.67
CA THR G 131 -13.62 10.05 -65.01
C THR G 131 -13.94 8.78 -65.87
N LYS G 132 -13.19 8.61 -66.98
CA LYS G 132 -13.39 7.53 -68.01
C LYS G 132 -12.39 6.34 -67.86
N GLY G 133 -12.86 5.12 -68.16
CA GLY G 133 -12.04 3.89 -68.08
C GLY G 133 -11.49 3.51 -69.45
N PRO G 134 -10.39 2.71 -69.50
CA PRO G 134 -9.62 2.49 -70.75
C PRO G 134 -10.07 1.38 -71.74
N SER G 135 -10.11 1.69 -73.06
CA SER G 135 -10.09 0.68 -74.13
C SER G 135 -8.67 0.13 -74.15
N VAL G 136 -8.52 -1.15 -74.48
CA VAL G 136 -7.21 -1.83 -74.51
C VAL G 136 -7.07 -2.56 -75.85
N PHE G 137 -6.17 -2.08 -76.72
CA PHE G 137 -5.96 -2.66 -78.07
C PHE G 137 -4.62 -3.42 -78.11
N PRO G 138 -4.48 -4.48 -78.97
CA PRO G 138 -3.16 -5.17 -79.03
C PRO G 138 -2.11 -4.36 -79.79
N LEU G 139 -0.89 -4.89 -79.84
CA LEU G 139 0.14 -4.43 -80.78
C LEU G 139 0.78 -5.69 -81.41
N ALA G 140 0.55 -5.93 -82.71
CA ALA G 140 0.86 -7.22 -83.37
C ALA G 140 2.39 -7.44 -83.54
N PRO G 141 2.94 -8.60 -83.01
CA PRO G 141 4.38 -8.93 -83.23
C PRO G 141 4.73 -9.36 -84.67
N SER G 142 6.02 -9.63 -84.94
CA SER G 142 6.50 -9.99 -86.28
C SER G 142 7.79 -10.80 -86.24
N GLY G 148 15.40 -15.78 -85.13
CA GLY G 148 15.94 -15.67 -83.78
C GLY G 148 16.15 -14.25 -83.25
N GLY G 149 15.96 -14.06 -81.95
CA GLY G 149 16.19 -12.77 -81.26
C GLY G 149 14.97 -11.86 -81.16
N THR G 150 15.23 -10.55 -81.06
CA THR G 150 14.27 -9.39 -81.05
C THR G 150 12.82 -9.67 -80.57
N ALA G 151 11.88 -9.91 -81.50
CA ALA G 151 10.43 -10.21 -81.26
C ALA G 151 9.74 -9.47 -80.11
N ALA G 152 9.25 -8.26 -80.41
CA ALA G 152 8.51 -7.43 -79.44
C ALA G 152 6.99 -7.39 -79.71
N LEU G 153 6.24 -7.05 -78.66
CA LEU G 153 4.76 -6.99 -78.69
C LEU G 153 4.28 -6.09 -77.56
N GLY G 154 2.99 -5.74 -77.50
CA GLY G 154 2.49 -4.89 -76.40
C GLY G 154 1.01 -4.55 -76.32
N CYS G 155 0.62 -3.89 -75.22
CA CYS G 155 -0.75 -3.41 -74.97
C CYS G 155 -0.77 -1.89 -75.07
N LEU G 156 -1.60 -1.33 -75.98
CA LEU G 156 -1.91 0.12 -76.04
C LEU G 156 -3.11 0.43 -75.15
N VAL G 157 -2.87 1.08 -74.02
CA VAL G 157 -3.92 1.45 -73.10
C VAL G 157 -4.31 2.90 -73.43
N LYS G 158 -5.47 3.09 -74.07
CA LYS G 158 -5.94 4.41 -74.55
C LYS G 158 -7.21 4.94 -73.82
N ASP G 159 -7.39 6.27 -73.85
CA ASP G 159 -8.63 6.97 -73.46
C ASP G 159 -9.06 6.77 -71.99
N TYR G 160 -8.16 7.04 -71.03
CA TYR G 160 -8.50 6.94 -69.57
C TYR G 160 -8.19 8.20 -68.79
N PHE G 161 -8.96 8.43 -67.74
CA PHE G 161 -8.79 9.59 -66.86
C PHE G 161 -9.35 9.12 -65.51
N PRO G 162 -8.70 9.39 -64.35
CA PRO G 162 -7.36 9.99 -64.19
C PRO G 162 -6.24 8.92 -64.06
N GLU G 163 -5.04 9.34 -63.68
CA GLU G 163 -3.92 8.42 -63.37
C GLU G 163 -4.13 7.75 -61.99
N PRO G 164 -3.49 6.60 -61.69
CA PRO G 164 -2.53 5.87 -62.52
C PRO G 164 -3.11 4.60 -63.14
N VAL G 165 -2.25 3.80 -63.74
CA VAL G 165 -2.56 2.44 -64.22
C VAL G 165 -1.43 1.49 -63.77
N THR G 166 -1.78 0.27 -63.35
CA THR G 166 -0.82 -0.84 -63.28
C THR G 166 -0.90 -1.55 -64.62
N VAL G 167 0.25 -1.76 -65.27
CA VAL G 167 0.37 -2.85 -66.25
C VAL G 167 1.21 -4.01 -65.62
N SER G 168 0.65 -5.22 -65.57
CA SER G 168 1.35 -6.45 -65.17
C SER G 168 1.23 -7.48 -66.37
N TRP G 169 2.29 -8.24 -66.64
CA TRP G 169 2.26 -9.30 -67.69
C TRP G 169 2.28 -10.71 -67.07
N ASN G 170 1.48 -11.64 -67.60
CA ASN G 170 1.41 -13.02 -67.06
C ASN G 170 1.37 -13.06 -65.52
N SER G 171 0.54 -12.19 -64.93
CA SER G 171 0.21 -12.21 -63.49
C SER G 171 1.35 -11.80 -62.52
N GLY G 172 2.43 -11.22 -63.05
CA GLY G 172 3.66 -10.99 -62.28
C GLY G 172 4.82 -11.90 -62.67
N ALA G 173 4.51 -13.08 -63.24
CA ALA G 173 5.50 -14.10 -63.61
C ALA G 173 6.53 -13.65 -64.67
N LEU G 174 6.15 -12.84 -65.66
CA LEU G 174 7.11 -12.32 -66.71
C LEU G 174 7.44 -10.81 -66.60
N THR G 175 8.45 -10.44 -65.80
CA THR G 175 8.88 -9.03 -65.61
C THR G 175 10.24 -8.71 -66.32
N SER G 176 10.86 -9.69 -66.97
CA SER G 176 12.11 -9.46 -67.71
C SER G 176 11.86 -8.76 -69.03
N GLY G 177 12.43 -7.56 -69.17
CA GLY G 177 12.35 -6.79 -70.40
C GLY G 177 11.15 -5.87 -70.56
N VAL G 178 10.20 -5.92 -69.62
CA VAL G 178 8.97 -5.07 -69.63
C VAL G 178 9.31 -3.58 -69.53
N HIS G 179 8.64 -2.75 -70.32
CA HIS G 179 8.76 -1.30 -70.25
C HIS G 179 7.35 -0.67 -70.21
N THR G 180 6.91 -0.23 -69.02
CA THR G 180 5.63 0.47 -68.82
C THR G 180 5.90 1.96 -68.98
N PHE G 181 5.46 2.56 -70.09
CA PHE G 181 5.77 3.99 -70.40
C PHE G 181 4.98 4.96 -69.53
N PRO G 182 5.53 6.18 -69.29
CA PRO G 182 4.71 7.22 -68.68
C PRO G 182 3.62 7.61 -69.67
N ALA G 183 2.46 8.04 -69.17
CA ALA G 183 1.32 8.41 -70.02
C ALA G 183 1.55 9.76 -70.69
N VAL G 184 0.79 10.10 -71.73
CA VAL G 184 0.86 11.42 -72.39
C VAL G 184 -0.54 12.07 -72.38
N LEU G 185 -0.67 13.30 -71.89
CA LEU G 185 -1.98 14.02 -71.91
C LEU G 185 -2.39 14.29 -73.39
N GLN G 186 -3.35 13.53 -73.94
CA GLN G 186 -3.88 13.85 -75.29
C GLN G 186 -4.70 15.16 -75.21
N SER G 187 -4.93 15.81 -76.36
CA SER G 187 -5.75 17.03 -76.45
C SER G 187 -7.26 16.73 -76.57
N SER G 188 -7.63 15.47 -76.36
CA SER G 188 -8.99 15.09 -75.96
C SER G 188 -9.34 15.58 -74.55
N GLY G 189 -8.34 15.67 -73.67
CA GLY G 189 -8.55 15.80 -72.21
C GLY G 189 -8.10 14.54 -71.47
N LEU G 190 -7.88 13.45 -72.24
CA LEU G 190 -7.71 12.05 -71.76
C LEU G 190 -6.28 11.49 -72.00
N TYR G 191 -5.84 10.58 -71.12
CA TYR G 191 -4.47 10.03 -71.14
C TYR G 191 -4.35 8.82 -72.11
N SER G 192 -3.12 8.40 -72.36
CA SER G 192 -2.80 7.24 -73.22
C SER G 192 -1.40 6.69 -72.90
N LEU G 193 -1.31 5.37 -72.74
CA LEU G 193 -0.10 4.67 -72.29
C LEU G 193 0.15 3.46 -73.19
N SER G 194 1.42 3.19 -73.46
CA SER G 194 1.83 2.00 -74.18
C SER G 194 2.72 1.19 -73.22
N SER G 195 2.67 -0.14 -73.34
CA SER G 195 3.44 -1.06 -72.49
C SER G 195 3.99 -2.24 -73.32
N VAL G 196 5.33 -2.34 -73.42
CA VAL G 196 6.02 -3.40 -74.25
C VAL G 196 7.00 -4.32 -73.48
N VAL G 197 7.24 -5.50 -74.06
CA VAL G 197 8.20 -6.50 -73.54
C VAL G 197 8.87 -7.20 -74.77
N THR G 198 10.18 -7.50 -74.66
CA THR G 198 10.95 -8.23 -75.70
C THR G 198 11.27 -9.63 -75.18
N VAL G 199 11.27 -10.63 -76.07
CA VAL G 199 11.41 -12.05 -75.71
C VAL G 199 11.85 -12.87 -76.94
N PRO G 200 12.44 -14.08 -76.74
CA PRO G 200 12.91 -14.95 -77.88
C PRO G 200 11.88 -15.21 -79.03
N SER G 201 12.37 -15.32 -80.28
CA SER G 201 11.56 -15.69 -81.49
C SER G 201 11.15 -17.16 -81.56
N SER G 202 11.88 -18.01 -80.84
CA SER G 202 11.58 -19.45 -80.69
C SER G 202 10.40 -19.72 -79.74
N SER G 203 10.03 -18.70 -78.95
CA SER G 203 8.97 -18.76 -77.93
C SER G 203 7.58 -18.11 -78.34
N LEU G 204 7.36 -17.79 -79.63
CA LEU G 204 6.12 -17.09 -80.14
C LEU G 204 4.92 -18.04 -80.26
N GLY G 205 4.93 -18.94 -81.27
CA GLY G 205 3.86 -19.94 -81.48
C GLY G 205 3.57 -20.88 -80.31
N THR G 206 4.42 -20.85 -79.27
CA THR G 206 4.29 -21.66 -78.05
C THR G 206 3.72 -20.87 -76.83
N GLN G 207 4.50 -20.00 -76.18
CA GLN G 207 4.05 -19.30 -74.93
C GLN G 207 2.78 -18.42 -75.06
N THR G 208 2.05 -18.26 -73.95
CA THR G 208 0.84 -17.39 -73.87
C THR G 208 1.07 -16.06 -73.07
N TYR G 209 0.85 -14.90 -73.73
CA TYR G 209 1.09 -13.54 -73.14
C TYR G 209 -0.16 -12.66 -72.84
N ILE G 210 -0.52 -12.57 -71.56
CA ILE G 210 -1.73 -11.90 -71.08
C ILE G 210 -1.31 -10.69 -70.20
N CYS G 211 -1.60 -9.46 -70.70
CA CYS G 211 -1.55 -8.19 -69.95
C CYS G 211 -2.45 -8.27 -68.71
N ASN G 212 -2.20 -7.39 -67.77
CA ASN G 212 -3.04 -7.23 -66.60
C ASN G 212 -3.22 -5.75 -66.41
N VAL G 213 -4.09 -5.19 -67.25
CA VAL G 213 -4.39 -3.77 -67.18
C VAL G 213 -5.39 -3.58 -66.02
N ASN G 214 -4.95 -2.87 -64.97
CA ASN G 214 -5.78 -2.56 -63.78
C ASN G 214 -5.91 -1.04 -63.62
N HIS G 215 -7.15 -0.55 -63.50
CA HIS G 215 -7.47 0.88 -63.36
C HIS G 215 -8.18 1.16 -62.01
N LYS G 216 -7.57 2.00 -61.19
CA LYS G 216 -8.21 2.74 -60.10
C LYS G 216 -7.92 4.23 -60.43
N PRO G 217 -8.86 5.15 -60.26
CA PRO G 217 -10.12 4.96 -59.49
C PRO G 217 -11.25 4.12 -60.14
N SER G 218 -11.53 4.31 -61.44
CA SER G 218 -12.57 3.53 -62.16
C SER G 218 -12.26 2.00 -62.14
N ASN G 219 -13.05 1.21 -61.40
CA ASN G 219 -12.89 -0.26 -61.33
C ASN G 219 -12.99 -0.94 -62.71
N THR G 220 -11.87 -0.92 -63.43
CA THR G 220 -11.68 -1.66 -64.70
C THR G 220 -10.41 -2.54 -64.51
N LYS G 221 -10.56 -3.85 -64.75
CA LYS G 221 -9.44 -4.82 -64.88
C LYS G 221 -9.65 -5.56 -66.19
N VAL G 222 -8.94 -5.21 -67.25
CA VAL G 222 -9.07 -5.94 -68.51
C VAL G 222 -7.77 -6.69 -68.80
N ASP G 223 -7.87 -8.01 -68.90
CA ASP G 223 -6.78 -8.91 -69.35
C ASP G 223 -6.97 -9.13 -70.87
N LYS G 224 -5.89 -9.34 -71.61
CA LYS G 224 -5.98 -9.54 -73.09
C LYS G 224 -4.70 -10.17 -73.74
N LYS G 225 -4.91 -11.10 -74.68
CA LYS G 225 -3.83 -11.77 -75.43
C LYS G 225 -3.27 -10.95 -76.62
N VAL G 226 -2.20 -11.46 -77.27
CA VAL G 226 -1.55 -10.81 -78.46
C VAL G 226 -0.94 -11.82 -79.52
N GLU G 227 -1.73 -12.26 -80.52
CA GLU G 227 -1.37 -13.46 -81.36
C GLU G 227 -0.32 -13.38 -82.52
N PRO G 228 -0.56 -12.82 -83.72
CA PRO G 228 -1.69 -11.93 -84.07
C PRO G 228 -2.83 -12.61 -84.85
N ALA H 1 -3.64 2.70 9.50
CA ALA H 1 -3.88 4.17 9.43
C ALA H 1 -4.28 4.83 10.79
N GLU H 2 -3.81 6.07 10.94
CA GLU H 2 -4.09 6.98 12.05
C GLU H 2 -5.35 7.84 11.76
N VAL H 3 -5.91 7.71 10.53
CA VAL H 3 -7.10 8.46 10.09
C VAL H 3 -8.29 7.99 10.98
N GLN H 4 -8.99 8.94 11.60
CA GLN H 4 -10.12 8.69 12.54
C GLN H 4 -11.34 9.57 12.17
N LEU H 5 -12.53 8.97 12.10
CA LEU H 5 -13.79 9.69 11.90
C LEU H 5 -14.84 9.26 12.93
N VAL H 6 -14.95 10.00 14.05
CA VAL H 6 -15.78 9.62 15.21
C VAL H 6 -17.08 10.43 15.31
N GLU H 7 -18.19 9.78 14.96
CA GLU H 7 -19.54 10.38 14.96
C GLU H 7 -20.26 10.26 16.32
N SER H 8 -21.13 11.22 16.63
CA SER H 8 -22.04 11.13 17.77
C SER H 8 -23.30 11.97 17.40
N GLY H 9 -24.16 12.25 18.36
CA GLY H 9 -25.36 13.07 18.12
C GLY H 9 -26.61 12.31 17.73
N GLY H 10 -26.45 11.06 17.29
CA GLY H 10 -27.58 10.20 16.96
C GLY H 10 -28.45 9.83 18.15
N GLY H 11 -29.68 9.48 17.85
CA GLY H 11 -30.62 9.22 18.89
C GLY H 11 -31.99 8.99 18.31
N VAL H 12 -33.00 9.13 19.15
CA VAL H 12 -34.38 8.94 18.77
C VAL H 12 -34.98 10.31 18.65
N VAL H 13 -35.89 10.49 17.70
CA VAL H 13 -36.62 11.73 17.50
C VAL H 13 -38.05 11.39 17.11
N GLN H 14 -38.95 12.36 16.98
CA GLN H 14 -40.29 12.12 16.41
C GLN H 14 -40.49 12.80 15.08
N PRO H 15 -41.45 12.30 14.26
CA PRO H 15 -41.72 13.06 13.06
C PRO H 15 -41.87 14.60 13.32
N GLY H 16 -41.35 15.42 12.40
CA GLY H 16 -41.32 16.89 12.53
C GLY H 16 -40.19 17.46 13.38
N GLY H 17 -39.28 16.60 13.89
CA GLY H 17 -38.27 16.96 14.89
C GLY H 17 -36.88 17.31 14.38
N SER H 18 -35.91 17.45 15.31
CA SER H 18 -34.54 17.97 15.05
C SER H 18 -33.45 17.11 15.65
N LEU H 19 -32.28 17.08 15.01
CA LEU H 19 -31.11 16.32 15.51
C LEU H 19 -29.83 16.84 14.81
N ARG H 20 -28.75 17.13 15.56
CA ARG H 20 -27.44 17.47 14.96
C ARG H 20 -26.43 16.35 15.19
N LEU H 21 -25.98 15.75 14.09
CA LEU H 21 -24.90 14.77 14.08
C LEU H 21 -23.55 15.48 13.94
N SER H 22 -22.55 14.96 14.64
CA SER H 22 -21.20 15.51 14.66
C SER H 22 -20.25 14.46 14.09
N CYS H 23 -19.02 14.87 13.75
CA CYS H 23 -17.97 13.96 13.24
C CYS H 23 -16.54 14.50 13.50
N ALA H 24 -15.88 13.98 14.54
CA ALA H 24 -14.47 14.32 14.87
C ALA H 24 -13.51 13.70 13.85
N ALA H 25 -12.57 14.51 13.36
CA ALA H 25 -11.56 14.02 12.43
C ALA H 25 -10.11 14.37 12.90
N SER H 26 -9.23 13.36 13.02
CA SER H 26 -7.79 13.53 13.38
C SER H 26 -6.91 12.73 12.39
N GLY H 27 -5.60 13.02 12.30
CA GLY H 27 -4.64 12.26 11.44
C GLY H 27 -4.63 12.57 9.93
N PHE H 28 -5.21 13.69 9.54
CA PHE H 28 -5.02 14.28 8.23
C PHE H 28 -5.27 15.79 8.35
N THR H 29 -4.76 16.59 7.41
CA THR H 29 -5.12 18.03 7.36
C THR H 29 -6.62 18.09 6.96
N PHE H 30 -7.48 18.53 7.90
CA PHE H 30 -8.94 18.55 7.66
C PHE H 30 -9.42 19.54 6.56
N ASN H 31 -8.83 20.74 6.50
CA ASN H 31 -9.13 21.78 5.48
C ASN H 31 -8.49 21.53 4.08
N LYS H 32 -8.26 20.26 3.72
CA LYS H 32 -7.72 19.88 2.42
C LYS H 32 -8.53 18.75 1.77
N PHE H 33 -9.65 18.34 2.37
CA PHE H 33 -10.42 17.17 1.93
C PHE H 33 -11.91 17.54 1.86
N TRP H 34 -12.64 16.92 0.93
CA TRP H 34 -14.13 16.94 0.93
C TRP H 34 -14.65 15.96 1.97
N MET H 35 -15.84 16.25 2.47
CA MET H 35 -16.50 15.43 3.48
C MET H 35 -17.92 15.12 3.03
N ASN H 36 -18.37 13.91 3.33
CA ASN H 36 -19.62 13.39 2.80
C ASN H 36 -20.41 12.70 3.92
N TRP H 37 -21.75 12.73 3.84
CA TRP H 37 -22.65 11.93 4.70
C TRP H 37 -23.38 10.89 3.85
N VAL H 38 -23.30 9.62 4.26
CA VAL H 38 -24.03 8.52 3.58
C VAL H 38 -24.95 7.86 4.62
N ARG H 39 -26.03 7.17 4.20
CA ARG H 39 -26.98 6.60 5.15
C ARG H 39 -27.41 5.19 4.80
N GLN H 40 -28.03 4.54 5.77
CA GLN H 40 -28.46 3.12 5.67
C GLN H 40 -29.66 2.70 6.56
N ALA H 41 -30.86 2.77 5.96
CA ALA H 41 -32.10 2.29 6.57
C ALA H 41 -31.94 0.78 6.87
N PRO H 42 -32.29 0.32 8.11
CA PRO H 42 -31.98 -1.07 8.57
C PRO H 42 -32.43 -2.18 7.62
N GLY H 43 -31.52 -3.06 7.21
CA GLY H 43 -31.79 -4.10 6.20
C GLY H 43 -31.46 -3.70 4.77
N LYS H 44 -31.82 -2.47 4.37
CA LYS H 44 -31.56 -1.94 3.00
C LYS H 44 -30.09 -1.50 2.78
N GLY H 45 -29.79 -1.01 1.58
CA GLY H 45 -28.44 -0.58 1.18
C GLY H 45 -28.09 0.91 1.36
N LEU H 46 -27.00 1.34 0.69
CA LEU H 46 -26.42 2.70 0.82
C LEU H 46 -27.07 3.73 -0.09
N GLU H 47 -27.28 4.94 0.42
CA GLU H 47 -27.89 6.09 -0.30
C GLU H 47 -27.06 7.31 0.12
N TRP H 48 -26.48 8.01 -0.86
CA TRP H 48 -25.72 9.26 -0.65
C TRP H 48 -26.64 10.39 -0.17
N VAL H 49 -26.26 11.04 0.94
CA VAL H 49 -27.06 12.10 1.53
C VAL H 49 -26.52 13.47 1.10
N ALA H 50 -25.26 13.78 1.41
CA ALA H 50 -24.72 15.13 1.17
C ALA H 50 -23.20 15.11 1.07
N ASP H 51 -22.63 16.11 0.41
CA ASP H 51 -21.20 16.42 0.55
C ASP H 51 -20.97 17.92 0.71
N ILE H 52 -19.81 18.29 1.20
CA ILE H 52 -19.44 19.68 1.43
C ILE H 52 -17.96 19.84 1.05
N GLN H 53 -17.67 20.96 0.39
CA GLN H 53 -16.33 21.41 -0.08
C GLN H 53 -15.37 21.73 1.07
N VAL H 54 -14.09 21.69 0.75
CA VAL H 54 -12.98 22.01 1.64
C VAL H 54 -13.21 23.16 2.65
N ASP H 55 -13.58 24.37 2.20
CA ASP H 55 -13.74 25.53 3.10
C ASP H 55 -15.21 26.00 3.37
N GLY H 56 -16.19 25.14 3.11
CA GLY H 56 -17.61 25.46 3.28
C GLY H 56 -18.31 26.27 2.18
N SER H 57 -17.61 26.48 1.05
CA SER H 57 -18.08 27.34 -0.09
C SER H 57 -19.09 26.70 -1.07
N GLU H 58 -19.16 25.37 -1.12
CA GLU H 58 -20.15 24.64 -1.92
C GLU H 58 -20.69 23.42 -1.15
N LYS H 59 -21.99 23.17 -1.22
CA LYS H 59 -22.62 22.03 -0.54
C LYS H 59 -23.59 21.38 -1.55
N ASN H 60 -23.75 20.05 -1.50
CA ASN H 60 -24.79 19.32 -2.28
C ASN H 60 -25.61 18.40 -1.37
N TYR H 61 -26.89 18.25 -1.66
CA TYR H 61 -27.84 17.44 -0.90
C TYR H 61 -28.52 16.49 -1.89
N VAL H 62 -29.28 15.49 -1.42
CA VAL H 62 -30.02 14.58 -2.32
C VAL H 62 -31.38 15.22 -2.38
N ASP H 63 -32.14 14.97 -3.45
CA ASP H 63 -33.48 15.56 -3.61
C ASP H 63 -34.48 15.25 -2.43
N SER H 64 -34.43 14.03 -1.85
CA SER H 64 -35.19 13.64 -0.61
C SER H 64 -35.05 14.62 0.56
N VAL H 65 -33.80 14.97 0.84
CA VAL H 65 -33.29 15.66 2.03
C VAL H 65 -33.25 17.19 1.89
N LYS H 66 -33.24 17.67 0.65
CA LYS H 66 -33.04 19.08 0.35
C LYS H 66 -34.10 19.97 1.04
N GLY H 67 -33.65 20.97 1.81
CA GLY H 67 -34.54 21.92 2.48
C GLY H 67 -34.93 21.56 3.90
N ARG H 68 -34.30 20.53 4.42
CA ARG H 68 -34.53 20.04 5.77
C ARG H 68 -33.20 19.81 6.50
N PHE H 69 -32.23 19.19 5.83
CA PHE H 69 -30.87 19.04 6.34
C PHE H 69 -29.96 20.16 5.80
N THR H 70 -28.96 20.49 6.61
CA THR H 70 -27.89 21.44 6.29
C THR H 70 -26.54 20.82 6.70
N ILE H 71 -25.59 20.82 5.77
CA ILE H 71 -24.24 20.26 6.00
C ILE H 71 -23.32 21.46 6.35
N SER H 72 -22.30 21.21 7.15
CA SER H 72 -21.60 22.28 7.84
C SER H 72 -20.22 21.80 8.31
N ARG H 73 -19.32 22.76 8.53
CA ARG H 73 -17.90 22.56 8.82
C ARG H 73 -17.40 23.43 9.94
N ASP H 74 -16.20 23.13 10.37
CA ASP H 74 -15.47 23.96 11.34
C ASP H 74 -14.04 23.38 11.28
N ASN H 75 -13.20 23.96 10.43
CA ASN H 75 -11.87 23.40 10.12
C ASN H 75 -10.93 23.49 11.32
N GLY H 76 -11.04 24.60 12.06
CA GLY H 76 -10.35 24.81 13.34
C GLY H 76 -10.64 23.80 14.46
N LYS H 77 -11.90 23.36 14.57
CA LYS H 77 -12.31 22.30 15.53
C LYS H 77 -12.23 20.91 14.93
N ASN H 78 -11.88 20.78 13.65
CA ASN H 78 -11.81 19.48 12.97
C ASN H 78 -13.13 18.62 12.91
N SER H 79 -14.26 19.33 12.85
CA SER H 79 -15.60 18.71 12.90
C SER H 79 -16.38 18.84 11.58
N LEU H 80 -17.25 17.85 11.35
CA LEU H 80 -18.27 17.90 10.31
C LEU H 80 -19.63 17.76 10.98
N TYR H 81 -20.56 18.67 10.66
CA TYR H 81 -21.93 18.67 11.22
C TYR H 81 -22.98 18.26 10.17
N LEU H 82 -24.07 17.63 10.60
CA LEU H 82 -25.31 17.50 9.80
C LEU H 82 -26.51 17.89 10.65
N GLN H 83 -27.06 19.09 10.41
CA GLN H 83 -28.24 19.60 11.09
C GLN H 83 -29.46 19.03 10.37
N MET H 84 -30.20 18.12 11.00
CA MET H 84 -31.38 17.45 10.42
C MET H 84 -32.67 17.96 11.08
N ASN H 85 -33.47 18.79 10.38
CA ASN H 85 -34.80 19.28 10.84
C ASN H 85 -35.90 18.56 10.07
N SER H 86 -37.15 18.73 10.49
CA SER H 86 -38.34 18.13 9.84
C SER H 86 -38.32 16.61 9.54
N LEU H 87 -37.69 15.84 10.44
CA LEU H 87 -37.38 14.41 10.25
C LEU H 87 -38.57 13.53 9.90
N ARG H 88 -38.33 12.54 9.03
CA ARG H 88 -39.36 11.58 8.61
C ARG H 88 -39.05 10.10 9.02
N ALA H 89 -40.02 9.21 8.84
CA ALA H 89 -39.84 7.74 8.96
C ALA H 89 -38.82 7.12 7.98
N GLU H 90 -38.61 7.75 6.83
CA GLU H 90 -37.70 7.27 5.77
C GLU H 90 -36.23 7.66 6.04
N ASP H 91 -36.04 8.61 6.96
CA ASP H 91 -34.71 9.04 7.46
C ASP H 91 -34.14 8.19 8.59
N THR H 92 -34.84 7.14 9.05
CA THR H 92 -34.33 6.31 10.15
C THR H 92 -33.25 5.42 9.54
N GLY H 93 -32.07 5.41 10.15
CA GLY H 93 -30.98 4.52 9.73
C GLY H 93 -29.59 4.88 10.23
N VAL H 94 -28.60 4.10 9.82
CA VAL H 94 -27.18 4.34 10.16
C VAL H 94 -26.65 5.49 9.28
N TYR H 95 -25.96 6.46 9.91
CA TYR H 95 -25.48 7.69 9.24
C TYR H 95 -23.94 7.82 9.28
N TYR H 96 -23.29 7.44 8.19
CA TYR H 96 -21.84 7.38 8.06
C TYR H 96 -21.26 8.73 7.65
N CYS H 97 -20.18 9.09 8.32
CA CYS H 97 -19.30 10.19 7.99
C CYS H 97 -18.34 9.60 6.99
N ALA H 98 -17.88 10.35 6.00
CA ALA H 98 -16.98 9.78 4.99
C ALA H 98 -16.14 10.85 4.28
N ARG H 99 -14.83 10.65 4.31
CA ARG H 99 -13.84 11.58 3.79
C ARG H 99 -13.51 11.22 2.35
N GLY H 100 -13.31 12.25 1.53
CA GLY H 100 -12.80 12.11 0.18
C GLY H 100 -11.51 11.32 0.15
N ARG H 101 -11.26 10.72 -1.02
CA ARG H 101 -10.22 9.69 -1.23
C ARG H 101 -8.77 10.24 -1.33
N TYR H 102 -8.62 11.53 -1.60
CA TYR H 102 -7.32 12.20 -1.79
C TYR H 102 -7.54 13.72 -1.48
N ASP H 103 -6.45 14.51 -1.38
CA ASP H 103 -6.51 15.99 -1.20
C ASP H 103 -7.34 16.64 -2.36
N TYR H 104 -8.48 17.27 -2.04
CA TYR H 104 -9.35 17.96 -3.04
C TYR H 104 -10.14 17.10 -4.08
N TRP H 105 -10.16 15.79 -3.85
CA TRP H 105 -10.98 14.82 -4.60
C TRP H 105 -12.39 14.75 -3.99
N SER H 106 -13.37 14.64 -4.90
CA SER H 106 -14.77 14.98 -4.59
C SER H 106 -15.55 13.79 -4.16
N GLY H 107 -15.41 12.72 -4.91
CA GLY H 107 -16.50 11.79 -5.00
C GLY H 107 -16.37 10.51 -4.24
N TYR H 108 -15.17 9.94 -4.40
CA TYR H 108 -14.80 8.63 -3.89
C TYR H 108 -14.40 8.79 -2.45
N LEU H 109 -14.84 7.83 -1.62
CA LEU H 109 -14.83 7.94 -0.18
C LEU H 109 -14.01 6.83 0.44
N SER H 110 -12.82 7.14 0.90
CA SER H 110 -12.28 6.35 1.99
C SER H 110 -11.39 7.24 2.87
N PRO H 111 -11.33 6.95 4.18
CA PRO H 111 -12.17 5.93 4.85
C PRO H 111 -13.46 6.54 5.40
N TRP H 112 -14.33 5.69 5.91
CA TRP H 112 -15.57 6.11 6.52
C TRP H 112 -15.45 5.98 8.04
N GLY H 113 -16.46 6.48 8.75
CA GLY H 113 -16.58 6.33 10.19
C GLY H 113 -17.33 5.04 10.42
N GLN H 114 -17.55 4.69 11.69
CA GLN H 114 -18.24 3.44 12.05
C GLN H 114 -19.79 3.55 12.18
N GLY H 115 -20.36 4.73 11.91
CA GLY H 115 -21.81 4.95 11.91
C GLY H 115 -22.42 5.43 13.21
N THR H 116 -23.53 6.14 13.10
CA THR H 116 -24.37 6.55 14.23
C THR H 116 -25.84 6.26 13.87
N LEU H 117 -26.54 5.43 14.65
CA LEU H 117 -27.97 5.16 14.42
C LEU H 117 -28.84 6.40 14.73
N VAL H 118 -29.79 6.64 13.83
CA VAL H 118 -30.81 7.69 13.94
C VAL H 118 -32.16 6.98 13.78
N THR H 119 -32.99 6.98 14.85
CA THR H 119 -34.36 6.45 14.84
C THR H 119 -35.40 7.58 14.90
N VAL H 120 -36.36 7.55 13.96
CA VAL H 120 -37.52 8.52 13.84
C VAL H 120 -38.80 7.70 13.87
N SER H 121 -39.66 8.01 14.86
CA SER H 121 -40.72 7.13 15.29
C SER H 121 -41.38 7.84 16.46
N SER H 122 -42.72 7.89 16.49
CA SER H 122 -43.43 8.56 17.59
C SER H 122 -43.66 7.67 18.86
N ALA H 123 -42.99 6.52 18.95
CA ALA H 123 -43.11 5.63 20.12
C ALA H 123 -42.23 6.08 21.29
N SER H 124 -42.79 6.11 22.50
CA SER H 124 -42.01 6.41 23.70
C SER H 124 -41.00 5.30 24.02
N THR H 125 -39.86 5.71 24.59
CA THR H 125 -38.88 4.84 25.23
C THR H 125 -39.56 3.93 26.28
N LYS H 126 -39.89 2.71 25.85
CA LYS H 126 -40.43 1.68 26.72
C LYS H 126 -39.37 0.55 26.79
N GLY H 127 -39.47 -0.29 27.84
CA GLY H 127 -38.51 -1.37 28.12
C GLY H 127 -39.19 -2.74 28.00
N PRO H 128 -38.41 -3.80 27.63
CA PRO H 128 -39.05 -5.04 27.24
C PRO H 128 -39.72 -5.82 28.37
N SER H 129 -40.73 -6.60 27.97
CA SER H 129 -41.25 -7.74 28.69
C SER H 129 -40.49 -8.95 28.17
N VAL H 130 -39.94 -9.74 29.08
CA VAL H 130 -39.22 -10.95 28.77
C VAL H 130 -40.15 -12.10 29.16
N PHE H 131 -40.44 -12.95 28.17
CA PHE H 131 -41.40 -14.03 28.29
C PHE H 131 -40.61 -15.27 27.96
N PRO H 132 -40.74 -16.33 28.76
CA PRO H 132 -39.95 -17.54 28.49
C PRO H 132 -40.51 -18.41 27.32
N LEU H 133 -39.66 -18.80 26.37
CA LEU H 133 -39.99 -19.83 25.37
C LEU H 133 -39.62 -21.20 25.94
N ALA H 134 -40.60 -21.87 26.53
CA ALA H 134 -40.38 -23.09 27.30
C ALA H 134 -40.17 -24.29 26.37
N PRO H 135 -39.22 -25.19 26.73
CA PRO H 135 -38.88 -26.42 25.95
C PRO H 135 -39.73 -27.68 26.21
N SER H 136 -40.53 -28.10 25.22
CA SER H 136 -41.54 -29.17 25.39
C SER H 136 -40.98 -30.56 25.21
N SER H 137 -41.47 -31.53 25.96
CA SER H 137 -40.71 -32.77 26.27
C SER H 137 -41.22 -34.00 25.59
N SER H 141 -35.39 -38.01 17.81
CA SER H 141 -34.42 -38.47 18.77
C SER H 141 -34.52 -37.64 20.05
N GLY H 142 -34.44 -38.29 21.19
CA GLY H 142 -34.52 -37.59 22.47
C GLY H 142 -33.20 -37.06 23.05
N GLY H 143 -32.17 -36.93 22.19
CA GLY H 143 -30.89 -36.26 22.52
C GLY H 143 -30.73 -34.71 22.51
N THR H 144 -31.47 -33.90 21.71
CA THR H 144 -31.35 -32.36 21.70
C THR H 144 -32.70 -31.55 21.81
N ALA H 145 -32.81 -30.70 22.86
CA ALA H 145 -33.97 -29.79 23.05
C ALA H 145 -33.60 -28.29 22.86
N ALA H 146 -34.52 -27.47 22.29
CA ALA H 146 -34.36 -25.99 22.13
C ALA H 146 -35.28 -25.20 23.05
N LEU H 147 -34.73 -24.11 23.61
CA LEU H 147 -35.41 -23.20 24.56
C LEU H 147 -35.02 -21.77 24.28
N GLY H 148 -35.76 -20.82 24.83
CA GLY H 148 -35.44 -19.42 24.59
C GLY H 148 -36.19 -18.41 25.41
N CYS H 149 -35.89 -17.14 25.15
CA CYS H 149 -36.57 -15.96 25.69
C CYS H 149 -37.16 -15.11 24.52
N LEU H 150 -38.43 -14.68 24.63
CA LEU H 150 -39.05 -13.71 23.69
C LEU H 150 -38.99 -12.31 24.31
N VAL H 151 -38.30 -11.38 23.63
CA VAL H 151 -38.06 -10.01 24.09
C VAL H 151 -38.97 -9.05 23.30
N LYS H 152 -40.17 -8.77 23.86
CA LYS H 152 -41.32 -8.14 23.14
C LYS H 152 -41.68 -6.73 23.71
N ASP H 153 -42.11 -5.79 22.83
CA ASP H 153 -42.67 -4.46 23.22
C ASP H 153 -41.67 -3.49 23.90
N TYR H 154 -40.50 -3.29 23.29
CA TYR H 154 -39.47 -2.28 23.71
C TYR H 154 -39.19 -1.26 22.60
N PHE H 155 -38.64 -0.11 22.96
CA PHE H 155 -38.18 0.89 21.97
C PHE H 155 -37.14 1.82 22.65
N PRO H 156 -36.03 2.20 21.99
CA PRO H 156 -35.55 1.78 20.63
C PRO H 156 -34.55 0.60 20.58
N GLU H 157 -33.84 0.47 19.45
CA GLU H 157 -32.61 -0.34 19.36
C GLU H 157 -31.41 0.29 20.16
N PRO H 158 -30.33 -0.46 20.47
CA PRO H 158 -30.30 -1.94 20.41
C PRO H 158 -30.65 -2.58 21.80
N VAL H 159 -30.73 -3.92 21.85
CA VAL H 159 -30.65 -4.69 23.12
C VAL H 159 -29.48 -5.66 23.04
N THR H 160 -29.01 -6.09 24.20
CA THR H 160 -27.96 -7.08 24.23
C THR H 160 -28.52 -8.22 25.09
N VAL H 161 -28.70 -9.36 24.45
CA VAL H 161 -29.00 -10.64 25.12
C VAL H 161 -27.73 -11.53 25.22
N SER H 162 -27.40 -11.97 26.45
CA SER H 162 -26.47 -13.09 26.70
C SER H 162 -27.12 -14.09 27.69
N TRP H 163 -26.48 -15.24 27.89
CA TRP H 163 -27.11 -16.40 28.53
C TRP H 163 -26.25 -17.00 29.67
N ASN H 164 -26.85 -17.19 30.85
CA ASN H 164 -26.16 -17.56 32.11
C ASN H 164 -25.00 -16.62 32.56
N SER H 165 -25.17 -15.30 32.36
CA SER H 165 -24.12 -14.25 32.52
C SER H 165 -22.91 -14.26 31.52
N GLY H 166 -23.08 -14.88 30.35
CA GLY H 166 -21.98 -15.13 29.38
C GLY H 166 -21.40 -16.54 29.34
N ALA H 167 -21.57 -17.34 30.41
CA ALA H 167 -20.99 -18.72 30.53
C ALA H 167 -21.42 -19.60 29.36
N LEU H 168 -22.72 -19.58 29.02
CA LEU H 168 -23.28 -20.32 27.86
C LEU H 168 -23.29 -19.46 26.58
N THR H 169 -22.15 -19.49 25.88
CA THR H 169 -21.97 -18.84 24.59
C THR H 169 -22.28 -19.73 23.36
N SER H 170 -22.23 -21.08 23.55
CA SER H 170 -22.28 -22.16 22.49
C SER H 170 -23.69 -22.64 21.95
N GLY H 171 -23.84 -22.74 20.62
CA GLY H 171 -25.12 -23.03 19.97
C GLY H 171 -26.25 -22.01 20.11
N VAL H 172 -25.91 -20.76 20.45
CA VAL H 172 -26.85 -19.60 20.67
C VAL H 172 -27.12 -18.88 19.36
N HIS H 173 -28.35 -18.39 19.20
CA HIS H 173 -28.77 -17.54 18.07
C HIS H 173 -29.68 -16.39 18.58
N THR H 174 -29.16 -15.17 18.67
CA THR H 174 -29.97 -13.95 18.87
C THR H 174 -30.33 -13.41 17.47
N PHE H 175 -31.62 -13.28 17.19
CA PHE H 175 -32.12 -12.89 15.85
C PHE H 175 -32.26 -11.38 15.75
N PRO H 176 -32.14 -10.82 14.52
CA PRO H 176 -32.48 -9.39 14.37
C PRO H 176 -33.94 -9.10 14.72
N ALA H 177 -34.21 -7.92 15.26
CA ALA H 177 -35.56 -7.55 15.70
C ALA H 177 -36.45 -7.37 14.48
N VAL H 178 -37.75 -7.16 14.73
CA VAL H 178 -38.74 -6.85 13.68
C VAL H 178 -39.60 -5.66 14.14
N LEU H 179 -39.79 -4.66 13.28
CA LEU H 179 -40.72 -3.53 13.52
C LEU H 179 -42.17 -4.03 13.51
N GLN H 180 -42.83 -4.04 14.67
CA GLN H 180 -44.25 -4.40 14.79
C GLN H 180 -44.99 -3.13 14.40
N SER H 181 -46.27 -3.24 14.01
CA SER H 181 -47.08 -2.05 13.66
C SER H 181 -47.48 -1.29 14.91
N SER H 182 -47.13 -1.79 16.10
CA SER H 182 -47.14 -1.00 17.33
C SER H 182 -46.18 0.18 17.31
N GLY H 183 -45.15 0.11 16.47
CA GLY H 183 -44.03 1.04 16.51
C GLY H 183 -42.89 0.51 17.36
N LEU H 184 -43.11 -0.65 18.01
CA LEU H 184 -42.23 -1.23 19.03
C LEU H 184 -41.52 -2.44 18.45
N TYR H 185 -40.31 -2.71 18.93
CA TYR H 185 -39.49 -3.85 18.47
C TYR H 185 -39.81 -5.16 19.26
N SER H 186 -39.48 -6.28 18.62
CA SER H 186 -39.58 -7.61 19.21
C SER H 186 -38.57 -8.56 18.56
N LEU H 187 -37.72 -9.17 19.40
CA LEU H 187 -36.61 -10.04 19.00
C LEU H 187 -36.71 -11.31 19.86
N SER H 188 -36.15 -12.42 19.40
CA SER H 188 -36.04 -13.63 20.25
C SER H 188 -34.63 -14.23 20.18
N SER H 189 -34.14 -14.75 21.31
CA SER H 189 -32.85 -15.48 21.41
C SER H 189 -33.18 -16.94 21.71
N VAL H 190 -32.48 -17.86 21.06
CA VAL H 190 -32.72 -19.30 21.22
C VAL H 190 -31.39 -20.01 21.49
N VAL H 191 -31.42 -21.07 22.30
CA VAL H 191 -30.23 -21.90 22.53
C VAL H 191 -30.60 -23.40 22.46
N THR H 192 -29.84 -24.17 21.68
CA THR H 192 -30.03 -25.62 21.52
C THR H 192 -29.10 -26.33 22.48
N VAL H 193 -29.67 -27.26 23.23
CA VAL H 193 -29.08 -27.73 24.48
C VAL H 193 -29.31 -29.26 24.60
N PRO H 194 -28.39 -29.98 25.30
CA PRO H 194 -28.65 -31.36 25.72
C PRO H 194 -30.00 -31.57 26.47
N SER H 195 -30.72 -32.65 26.18
CA SER H 195 -32.02 -33.00 26.87
C SER H 195 -31.89 -33.70 28.23
N SER H 196 -30.80 -34.45 28.48
CA SER H 196 -30.53 -35.01 29.81
C SER H 196 -30.26 -33.90 30.83
N SER H 197 -29.82 -32.72 30.36
CA SER H 197 -29.56 -31.53 31.21
C SER H 197 -30.76 -30.62 31.55
N LEU H 198 -31.90 -30.79 30.87
CA LEU H 198 -33.13 -29.97 31.10
C LEU H 198 -33.60 -29.89 32.60
N GLY H 199 -33.78 -31.03 33.27
CA GLY H 199 -34.14 -31.06 34.69
C GLY H 199 -33.05 -30.53 35.62
N THR H 200 -31.78 -30.89 35.37
CA THR H 200 -30.62 -30.60 36.29
C THR H 200 -29.84 -29.27 36.03
N GLN H 201 -29.72 -28.79 34.80
CA GLN H 201 -28.99 -27.53 34.49
C GLN H 201 -29.95 -26.31 34.28
N THR H 202 -29.55 -25.15 34.85
CA THR H 202 -30.36 -23.90 34.90
C THR H 202 -29.94 -22.90 33.77
N TYR H 203 -30.96 -22.39 33.06
CA TYR H 203 -30.81 -21.43 31.95
C TYR H 203 -31.52 -20.12 32.32
N ILE H 204 -30.75 -19.03 32.41
CA ILE H 204 -31.24 -17.66 32.68
C ILE H 204 -30.71 -16.80 31.51
N CYS H 205 -31.56 -16.04 30.82
CA CYS H 205 -31.11 -15.10 29.76
C CYS H 205 -31.00 -13.68 30.33
N ASN H 206 -30.05 -12.89 29.81
CA ASN H 206 -29.70 -11.57 30.37
C ASN H 206 -29.99 -10.45 29.37
N VAL H 207 -31.19 -9.87 29.52
CA VAL H 207 -31.65 -8.77 28.66
C VAL H 207 -31.21 -7.42 29.27
N ASN H 208 -30.51 -6.61 28.46
CA ASN H 208 -29.97 -5.30 28.85
C ASN H 208 -30.32 -4.20 27.80
N HIS H 209 -31.15 -3.23 28.21
CA HIS H 209 -31.62 -2.10 27.36
C HIS H 209 -31.05 -0.78 27.93
N LYS H 210 -30.08 -0.18 27.21
CA LYS H 210 -29.31 1.05 27.63
C LYS H 210 -30.13 2.36 27.55
N PRO H 211 -30.72 2.69 26.36
CA PRO H 211 -31.74 3.76 26.26
C PRO H 211 -32.93 3.85 27.28
N SER H 212 -33.21 2.82 28.11
CA SER H 212 -34.33 2.84 29.11
C SER H 212 -33.97 2.56 30.59
N ASN H 213 -32.83 1.94 30.83
CA ASN H 213 -32.51 1.29 32.13
C ASN H 213 -33.49 0.20 32.52
N THR H 214 -33.58 -0.83 31.67
CA THR H 214 -34.24 -2.09 32.01
C THR H 214 -33.26 -3.27 31.85
N LYS H 215 -33.09 -4.01 32.96
CA LYS H 215 -32.43 -5.32 32.99
C LYS H 215 -33.44 -6.36 33.55
N VAL H 216 -33.66 -7.46 32.82
CA VAL H 216 -34.36 -8.63 33.38
C VAL H 216 -33.52 -9.92 33.13
N ASP H 217 -33.39 -10.73 34.19
CA ASP H 217 -32.75 -12.05 34.19
C ASP H 217 -33.86 -13.09 34.35
N LYS H 218 -34.47 -13.51 33.23
CA LYS H 218 -35.58 -14.48 33.26
C LYS H 218 -35.07 -15.92 33.22
N LYS H 219 -35.54 -16.76 34.18
CA LYS H 219 -35.34 -18.22 34.17
C LYS H 219 -36.34 -18.94 33.21
N VAL H 220 -35.79 -19.80 32.35
CA VAL H 220 -36.52 -20.58 31.33
C VAL H 220 -36.44 -22.07 31.74
N GLU H 221 -37.61 -22.68 32.00
CA GLU H 221 -37.69 -24.08 32.44
C GLU H 221 -38.85 -24.88 31.79
N PRO H 222 -38.75 -26.24 31.74
CA PRO H 222 -39.82 -27.10 31.17
C PRO H 222 -41.16 -26.77 31.79
N LYS H 223 -42.25 -26.82 31.02
CA LYS H 223 -43.57 -26.43 31.57
C LYS H 223 -44.19 -27.49 32.49
N SER H 224 -44.82 -27.00 33.56
CA SER H 224 -45.59 -27.80 34.49
C SER H 224 -46.68 -28.67 33.77
N CYS H 225 -46.35 -29.95 33.47
CA CYS H 225 -47.29 -30.93 32.86
C CYS H 225 -47.04 -32.31 33.45
N ASP I 1 -32.27 11.66 -11.18
CA ASP I 1 -31.03 10.93 -10.79
C ASP I 1 -30.56 10.12 -11.98
N ILE I 2 -29.37 9.52 -11.87
CA ILE I 2 -28.88 8.39 -12.72
C ILE I 2 -29.12 7.05 -11.97
N GLN I 3 -30.03 6.19 -12.45
CA GLN I 3 -30.32 4.90 -11.78
C GLN I 3 -29.17 3.94 -12.01
N MET I 4 -28.68 3.34 -10.90
CA MET I 4 -27.68 2.25 -10.90
C MET I 4 -28.33 0.91 -10.49
N THR I 5 -28.15 -0.12 -11.32
CA THR I 5 -28.80 -1.43 -11.21
C THR I 5 -27.67 -2.51 -11.14
N GLN I 6 -27.87 -3.64 -10.41
CA GLN I 6 -26.82 -4.75 -10.30
C GLN I 6 -27.32 -6.21 -10.50
N SER I 7 -26.84 -6.89 -11.56
CA SER I 7 -27.44 -8.16 -12.02
C SER I 7 -27.43 -9.30 -11.00
N PRO I 8 -26.22 -9.68 -10.49
CA PRO I 8 -26.15 -10.89 -9.67
C PRO I 8 -27.06 -10.82 -8.44
N SER I 9 -27.05 -9.73 -7.68
CA SER I 9 -28.06 -9.51 -6.60
C SER I 9 -27.87 -10.37 -5.30
N PHE I 10 -28.07 -11.70 -5.37
CA PHE I 10 -27.65 -12.68 -4.32
C PHE I 10 -26.81 -13.73 -5.08
N LEU I 11 -25.61 -14.11 -4.61
CA LEU I 11 -24.73 -15.04 -5.37
C LEU I 11 -23.92 -16.00 -4.48
N SER I 12 -24.16 -17.31 -4.62
CA SER I 12 -23.46 -18.39 -3.86
C SER I 12 -22.15 -18.84 -4.52
N ALA I 13 -21.07 -18.90 -3.72
CA ALA I 13 -19.73 -19.33 -4.17
C ALA I 13 -18.77 -19.70 -3.00
N SER I 14 -17.82 -20.60 -3.27
CA SER I 14 -16.86 -21.13 -2.25
C SER I 14 -15.46 -20.48 -2.35
N VAL I 15 -14.58 -20.84 -1.40
CA VAL I 15 -13.24 -20.23 -1.27
C VAL I 15 -12.28 -20.76 -2.37
N GLY I 16 -11.98 -19.95 -3.40
CA GLY I 16 -11.14 -20.36 -4.57
C GLY I 16 -11.67 -20.05 -5.99
N ASP I 17 -12.98 -19.77 -6.07
CA ASP I 17 -13.68 -19.51 -7.33
C ASP I 17 -13.24 -18.20 -7.97
N ARG I 18 -13.43 -18.14 -9.29
CA ARG I 18 -13.34 -16.92 -10.07
C ARG I 18 -14.74 -16.25 -10.14
N VAL I 19 -15.00 -15.26 -9.28
CA VAL I 19 -16.34 -14.61 -9.18
C VAL I 19 -16.41 -13.28 -9.98
N THR I 20 -17.51 -13.09 -10.74
CA THR I 20 -17.81 -11.87 -11.52
C THR I 20 -19.18 -11.30 -11.13
N ILE I 21 -19.17 -10.04 -10.63
CA ILE I 21 -20.40 -9.22 -10.38
C ILE I 21 -20.38 -7.96 -11.28
N THR I 22 -21.55 -7.52 -11.71
CA THR I 22 -21.66 -6.41 -12.65
C THR I 22 -22.49 -5.28 -12.05
N CYS I 23 -22.41 -4.12 -12.71
CA CYS I 23 -23.11 -2.88 -12.34
C CYS I 23 -23.35 -2.08 -13.62
N ARG I 24 -24.55 -1.49 -13.76
CA ARG I 24 -25.05 -0.87 -15.02
C ARG I 24 -25.69 0.49 -14.73
N ALA I 25 -25.38 1.52 -15.53
CA ALA I 25 -25.89 2.90 -15.34
C ALA I 25 -26.79 3.37 -16.49
N SER I 26 -27.89 4.06 -16.16
CA SER I 26 -28.91 4.49 -17.15
C SER I 26 -28.40 5.47 -18.22
N GLN I 27 -27.34 6.24 -17.92
CA GLN I 27 -26.69 7.12 -18.92
C GLN I 27 -25.20 6.77 -19.13
N GLY I 28 -24.53 7.50 -20.02
CA GLY I 28 -23.10 7.41 -20.23
C GLY I 28 -22.39 8.10 -19.07
N ILE I 29 -21.31 7.46 -18.59
CA ILE I 29 -20.56 7.83 -17.35
C ILE I 29 -19.01 8.06 -17.55
N THR I 30 -18.43 7.65 -18.70
CA THR I 30 -16.97 7.42 -18.86
C THR I 30 -16.58 6.34 -17.81
N THR I 31 -15.40 6.48 -17.17
CA THR I 31 -14.98 5.60 -16.09
C THR I 31 -15.22 6.28 -14.71
N TYR I 32 -16.07 7.32 -14.62
CA TYR I 32 -16.37 7.98 -13.31
C TYR I 32 -17.23 7.09 -12.38
N LEU I 33 -16.64 5.98 -11.92
CA LEU I 33 -17.31 4.92 -11.12
C LEU I 33 -16.43 4.23 -10.05
N GLY I 34 -16.99 4.05 -8.85
CA GLY I 34 -16.30 3.40 -7.75
C GLY I 34 -16.99 2.12 -7.30
N TRP I 35 -16.22 1.23 -6.68
CA TRP I 35 -16.76 0.04 -6.01
C TRP I 35 -16.45 0.10 -4.52
N TYR I 36 -17.39 -0.38 -3.70
CA TYR I 36 -17.29 -0.34 -2.23
C TYR I 36 -17.62 -1.71 -1.63
N GLN I 37 -16.96 -2.03 -0.50
CA GLN I 37 -17.18 -3.27 0.28
C GLN I 37 -17.60 -3.00 1.72
N GLN I 38 -18.60 -3.76 2.18
CA GLN I 38 -19.13 -3.67 3.54
C GLN I 38 -19.53 -5.06 4.06
N ARG I 39 -18.86 -5.48 5.12
CA ARG I 39 -19.20 -6.70 5.85
C ARG I 39 -20.40 -6.45 6.83
N PRO I 40 -21.04 -7.54 7.38
CA PRO I 40 -22.17 -7.38 8.35
C PRO I 40 -21.85 -6.49 9.60
N GLY I 41 -22.71 -5.52 9.94
CA GLY I 41 -22.46 -4.62 11.10
C GLY I 41 -21.30 -3.62 11.02
N LYS I 42 -20.50 -3.67 9.94
CA LYS I 42 -19.28 -2.82 9.78
C LYS I 42 -19.52 -1.67 8.77
N ALA I 43 -18.62 -0.67 8.80
CA ALA I 43 -18.57 0.45 7.83
C ALA I 43 -18.11 -0.04 6.44
N PRO I 44 -18.43 0.73 5.36
CA PRO I 44 -17.85 0.44 4.03
C PRO I 44 -16.39 0.89 3.82
N GLN I 45 -15.78 0.37 2.77
CA GLN I 45 -14.39 0.63 2.44
C GLN I 45 -14.25 0.67 0.91
N LEU I 46 -13.65 1.71 0.37
CA LEU I 46 -13.48 1.78 -1.10
C LEU I 46 -12.51 0.71 -1.66
N LEU I 47 -12.93 -0.04 -2.69
CA LEU I 47 -12.05 -1.04 -3.40
C LEU I 47 -11.38 -0.54 -4.67
N ILE I 48 -12.18 0.11 -5.53
CA ILE I 48 -11.85 0.53 -6.90
C ILE I 48 -12.43 1.94 -7.16
N TYR I 49 -11.64 2.82 -7.75
CA TYR I 49 -12.10 4.13 -8.22
C TYR I 49 -11.66 4.27 -9.68
N ALA I 50 -12.20 5.28 -10.38
CA ALA I 50 -11.99 5.52 -11.82
C ALA I 50 -12.23 4.26 -12.69
N ALA I 51 -13.27 3.51 -12.35
CA ALA I 51 -13.72 2.22 -12.98
C ALA I 51 -12.82 0.99 -12.76
N SER I 52 -11.49 1.18 -12.97
CA SER I 52 -10.41 0.15 -12.77
C SER I 52 -9.20 0.51 -11.87
N SER I 53 -9.06 1.73 -11.38
CA SER I 53 -7.95 2.06 -10.49
C SER I 53 -8.17 1.41 -9.11
N LEU I 54 -7.32 0.45 -8.75
CA LEU I 54 -7.27 -0.21 -7.41
C LEU I 54 -6.88 0.76 -6.22
N GLN I 55 -7.63 0.73 -5.08
CA GLN I 55 -7.41 1.66 -3.92
C GLN I 55 -6.26 1.19 -3.02
N SER I 56 -5.58 2.14 -2.38
CA SER I 56 -4.33 1.88 -1.64
C SER I 56 -4.53 0.96 -0.42
N GLY I 57 -3.77 -0.14 -0.34
CA GLY I 57 -3.95 -1.14 0.72
C GLY I 57 -4.70 -2.40 0.31
N VAL I 58 -5.65 -2.28 -0.62
CA VAL I 58 -6.51 -3.41 -1.10
C VAL I 58 -5.72 -4.52 -1.92
N PRO I 59 -5.91 -5.85 -1.60
CA PRO I 59 -5.11 -6.92 -2.26
C PRO I 59 -5.26 -7.02 -3.81
N PRO I 60 -4.28 -7.68 -4.52
CA PRO I 60 -4.17 -7.57 -6.00
C PRO I 60 -5.21 -8.31 -6.88
N ARG I 61 -5.97 -9.22 -6.28
CA ARG I 61 -7.00 -10.02 -6.99
C ARG I 61 -8.29 -9.27 -7.42
N PHE I 62 -8.58 -8.10 -6.83
CA PHE I 62 -9.70 -7.24 -7.26
C PHE I 62 -9.39 -6.54 -8.62
N SER I 63 -10.08 -6.96 -9.71
CA SER I 63 -10.14 -6.21 -11.02
C SER I 63 -11.23 -5.12 -11.04
N GLY I 64 -11.00 -4.11 -11.86
CA GLY I 64 -12.04 -3.20 -12.30
C GLY I 64 -12.04 -3.20 -13.83
N SER I 65 -13.24 -3.13 -14.41
CA SER I 65 -13.43 -3.32 -15.84
C SER I 65 -14.68 -2.53 -16.30
N GLY I 66 -14.61 -1.98 -17.52
CA GLY I 66 -15.72 -1.22 -18.12
C GLY I 66 -15.53 0.29 -18.32
N SER I 67 -16.39 0.83 -19.18
CA SER I 67 -16.35 2.23 -19.60
C SER I 67 -17.66 2.53 -20.37
N GLY I 68 -18.39 3.58 -20.01
CA GLY I 68 -19.68 3.89 -20.64
C GLY I 68 -20.84 3.61 -19.71
N THR I 69 -21.46 2.43 -19.84
CA THR I 69 -22.63 2.02 -19.03
C THR I 69 -22.44 0.65 -18.35
N GLU I 70 -22.08 -0.42 -19.06
CA GLU I 70 -21.77 -1.72 -18.42
C GLU I 70 -20.46 -1.61 -17.61
N PHE I 71 -20.44 -2.15 -16.39
CA PHE I 71 -19.22 -2.22 -15.56
C PHE I 71 -19.09 -3.60 -14.84
N THR I 72 -17.87 -3.95 -14.40
CA THR I 72 -17.53 -5.29 -13.81
C THR I 72 -16.50 -5.22 -12.63
N LEU I 73 -16.79 -5.97 -11.56
CA LEU I 73 -15.84 -6.25 -10.47
C LEU I 73 -15.50 -7.74 -10.49
N THR I 74 -14.22 -8.10 -10.65
CA THR I 74 -13.79 -9.50 -10.76
C THR I 74 -12.75 -9.86 -9.68
N ILE I 75 -13.14 -10.75 -8.78
CA ILE I 75 -12.24 -11.29 -7.74
C ILE I 75 -11.57 -12.59 -8.25
N SER I 76 -10.25 -12.56 -8.46
CA SER I 76 -9.52 -13.69 -9.06
C SER I 76 -9.68 -14.97 -8.22
N SER I 77 -9.05 -15.04 -7.04
CA SER I 77 -9.17 -16.21 -6.13
C SER I 77 -9.85 -15.80 -4.80
N LEU I 78 -11.12 -16.17 -4.64
CA LEU I 78 -11.93 -15.77 -3.45
C LEU I 78 -11.29 -16.18 -2.11
N GLN I 79 -11.70 -15.54 -1.00
CA GLN I 79 -11.18 -15.82 0.36
C GLN I 79 -12.27 -15.66 1.45
N PRO I 80 -12.03 -16.16 2.71
CA PRO I 80 -13.06 -15.99 3.79
C PRO I 80 -13.47 -14.51 4.16
N GLU I 81 -12.53 -13.57 4.11
CA GLU I 81 -12.82 -12.14 4.37
C GLU I 81 -13.58 -11.47 3.21
N ASP I 82 -13.50 -12.03 1.99
CA ASP I 82 -14.20 -11.51 0.78
C ASP I 82 -15.71 -11.66 0.79
N PHE I 83 -16.27 -12.43 1.72
CA PHE I 83 -17.73 -12.63 1.76
C PHE I 83 -18.44 -11.44 2.39
N ALA I 84 -19.10 -10.65 1.52
CA ALA I 84 -19.72 -9.38 1.89
C ALA I 84 -20.71 -8.91 0.84
N THR I 85 -21.49 -7.90 1.19
CA THR I 85 -22.33 -7.18 0.22
C THR I 85 -21.40 -6.12 -0.43
N TYR I 86 -21.61 -5.83 -1.74
CA TYR I 86 -20.70 -4.98 -2.59
C TYR I 86 -21.47 -3.90 -3.40
N TYR I 87 -21.14 -2.61 -3.21
CA TYR I 87 -21.89 -1.48 -3.86
C TYR I 87 -21.09 -0.68 -4.92
N CYS I 88 -21.76 -0.17 -5.96
CA CYS I 88 -21.14 0.70 -6.98
C CYS I 88 -21.76 2.09 -6.92
N GLN I 89 -20.93 3.12 -7.09
CA GLN I 89 -21.35 4.54 -7.08
C GLN I 89 -20.93 5.13 -8.41
N GLN I 90 -21.75 6.03 -8.94
CA GLN I 90 -21.39 6.85 -10.09
C GLN I 90 -20.98 8.22 -9.55
N LEU I 91 -19.96 8.81 -10.16
CA LEU I 91 -19.53 10.15 -9.77
C LEU I 91 -19.38 11.03 -11.00
N ASN I 92 -20.39 10.94 -11.85
CA ASN I 92 -20.54 11.72 -13.06
C ASN I 92 -21.35 13.02 -12.81
N THR I 93 -22.57 12.87 -12.27
CA THR I 93 -23.55 13.96 -11.99
C THR I 93 -24.20 13.73 -10.59
N TYR I 94 -24.37 14.79 -9.79
CA TYR I 94 -25.15 14.76 -8.50
C TYR I 94 -26.61 14.42 -8.76
N PRO I 95 -27.32 13.65 -7.92
CA PRO I 95 -26.75 12.97 -6.76
C PRO I 95 -25.87 11.79 -7.17
N TYR I 96 -24.75 11.63 -6.45
CA TYR I 96 -23.79 10.56 -6.63
C TYR I 96 -24.37 9.26 -6.07
N THR I 97 -25.23 8.61 -6.86
CA THR I 97 -26.07 7.49 -6.42
C THR I 97 -25.30 6.13 -6.32
N PHE I 98 -25.69 5.30 -5.32
CA PHE I 98 -25.16 3.94 -5.12
C PHE I 98 -26.00 2.90 -5.90
N GLY I 99 -25.65 1.62 -5.83
CA GLY I 99 -26.46 0.53 -6.39
C GLY I 99 -27.18 -0.27 -5.30
N PRO I 100 -28.12 -1.16 -5.69
CA PRO I 100 -28.84 -1.98 -4.71
C PRO I 100 -27.95 -3.00 -3.97
N GLY I 101 -26.85 -3.42 -4.58
CA GLY I 101 -25.90 -4.31 -3.95
C GLY I 101 -25.88 -5.64 -4.66
N THR I 102 -24.78 -6.37 -4.46
CA THR I 102 -24.65 -7.81 -4.76
C THR I 102 -24.15 -8.50 -3.45
N ARG I 103 -24.97 -9.34 -2.79
CA ARG I 103 -24.55 -10.06 -1.55
C ARG I 103 -23.89 -11.41 -1.89
N LEU I 104 -22.79 -11.67 -1.19
CA LEU I 104 -21.90 -12.78 -1.49
C LEU I 104 -21.86 -13.71 -0.27
N GLU I 105 -22.40 -14.91 -0.44
CA GLU I 105 -22.54 -15.90 0.63
C GLU I 105 -21.67 -17.13 0.37
N ILE I 106 -21.39 -17.90 1.43
CA ILE I 106 -20.52 -19.08 1.36
C ILE I 106 -21.36 -20.33 0.98
N LYS I 107 -21.02 -20.97 -0.15
CA LYS I 107 -21.72 -22.16 -0.64
C LYS I 107 -21.40 -23.34 0.27
N ARG I 108 -22.29 -24.34 0.30
CA ARG I 108 -22.26 -25.41 1.29
C ARG I 108 -23.20 -26.55 0.84
N THR I 109 -22.95 -27.76 1.36
CA THR I 109 -23.88 -28.89 1.22
C THR I 109 -25.28 -28.53 1.80
N VAL I 110 -26.35 -29.06 1.20
CA VAL I 110 -27.72 -28.74 1.63
C VAL I 110 -27.98 -29.40 3.00
N ALA I 111 -28.27 -28.60 4.04
CA ALA I 111 -28.54 -29.05 5.44
C ALA I 111 -30.02 -28.85 5.79
N ALA I 112 -30.66 -29.90 6.33
CA ALA I 112 -32.10 -29.85 6.69
C ALA I 112 -32.27 -29.02 7.99
N PRO I 113 -33.40 -28.27 8.15
CA PRO I 113 -33.62 -27.60 9.46
C PRO I 113 -34.25 -28.48 10.56
N SER I 114 -33.74 -28.36 11.78
CA SER I 114 -34.42 -28.83 12.98
C SER I 114 -35.51 -27.82 13.31
N VAL I 115 -36.69 -28.32 13.64
CA VAL I 115 -37.84 -27.48 13.89
C VAL I 115 -38.31 -27.66 15.33
N PHE I 116 -38.65 -26.53 15.94
CA PHE I 116 -39.23 -26.46 17.27
C PHE I 116 -40.36 -25.43 17.28
N ILE I 117 -41.47 -25.79 17.92
CA ILE I 117 -42.60 -24.86 18.13
C ILE I 117 -42.64 -24.51 19.62
N PHE I 118 -43.08 -23.28 19.94
CA PHE I 118 -43.05 -22.74 21.32
C PHE I 118 -44.46 -22.18 21.68
N PRO I 119 -45.07 -22.69 22.80
CA PRO I 119 -46.32 -22.04 23.23
C PRO I 119 -46.08 -20.59 23.68
N PRO I 120 -47.15 -19.81 23.95
CA PRO I 120 -46.97 -18.60 24.75
C PRO I 120 -46.97 -18.96 26.23
N SER I 121 -46.21 -18.22 27.01
CA SER I 121 -46.21 -18.36 28.45
C SER I 121 -47.59 -18.02 28.97
N ASP I 122 -47.87 -18.38 30.21
CA ASP I 122 -49.08 -17.91 30.90
C ASP I 122 -48.87 -16.47 31.41
N GLU I 123 -47.62 -16.16 31.75
CA GLU I 123 -47.15 -14.83 32.14
C GLU I 123 -47.42 -13.77 31.08
N GLN I 124 -47.47 -14.17 29.81
CA GLN I 124 -47.88 -13.29 28.70
C GLN I 124 -49.41 -13.08 28.56
N LEU I 125 -50.19 -14.16 28.73
CA LEU I 125 -51.65 -14.12 28.49
C LEU I 125 -52.46 -13.20 29.47
N LYS I 126 -51.86 -12.86 30.62
CA LYS I 126 -52.39 -11.83 31.52
C LYS I 126 -52.37 -10.39 30.97
N SER I 127 -51.49 -10.09 30.00
CA SER I 127 -51.43 -8.75 29.38
C SER I 127 -52.39 -8.54 28.19
N GLY I 128 -52.97 -9.59 27.62
CA GLY I 128 -54.02 -9.45 26.60
C GLY I 128 -53.71 -9.96 25.21
N THR I 129 -52.41 -10.07 24.83
CA THR I 129 -52.00 -10.77 23.58
C THR I 129 -51.18 -12.03 23.84
N ALA I 130 -51.07 -12.86 22.80
CA ALA I 130 -50.26 -14.10 22.79
C ALA I 130 -49.36 -14.20 21.53
N SER I 131 -48.05 -14.47 21.73
CA SER I 131 -47.09 -14.75 20.65
C SER I 131 -46.65 -16.24 20.65
N VAL I 132 -46.90 -16.94 19.55
CA VAL I 132 -46.46 -18.31 19.32
C VAL I 132 -45.24 -18.21 18.40
N VAL I 133 -44.12 -18.85 18.81
CA VAL I 133 -42.82 -18.77 18.10
C VAL I 133 -42.46 -20.14 17.48
N CYS I 134 -41.92 -20.11 16.25
CA CYS I 134 -41.41 -21.29 15.55
C CYS I 134 -39.96 -21.06 15.15
N LEU I 135 -39.07 -21.95 15.58
CA LEU I 135 -37.65 -21.88 15.25
C LEU I 135 -37.31 -22.91 14.12
N LEU I 136 -36.65 -22.42 13.06
CA LEU I 136 -35.95 -23.27 12.09
C LEU I 136 -34.45 -23.10 12.39
N ASN I 137 -33.74 -24.21 12.60
CA ASN I 137 -32.35 -24.16 13.10
C ASN I 137 -31.35 -24.81 12.14
N ASN I 138 -30.24 -24.11 11.88
CA ASN I 138 -29.08 -24.62 11.10
C ASN I 138 -29.38 -25.29 9.73
N PHE I 139 -29.85 -24.47 8.76
CA PHE I 139 -30.22 -24.89 7.38
C PHE I 139 -29.51 -24.08 6.26
N TYR I 140 -29.21 -24.75 5.15
CA TYR I 140 -28.73 -24.14 3.90
C TYR I 140 -29.64 -24.66 2.75
N PRO I 141 -30.05 -23.86 1.73
CA PRO I 141 -29.80 -22.39 1.61
C PRO I 141 -30.60 -21.52 2.61
N ARG I 142 -30.63 -20.21 2.40
CA ARG I 142 -31.52 -19.31 3.17
C ARG I 142 -32.98 -19.50 2.78
N GLU I 143 -33.31 -19.73 1.48
CA GLU I 143 -34.73 -19.89 1.01
C GLU I 143 -35.50 -20.97 1.80
N ALA I 144 -36.23 -20.52 2.82
CA ALA I 144 -37.21 -21.32 3.57
C ALA I 144 -38.57 -20.60 3.58
N LYS I 145 -39.63 -21.37 3.80
CA LYS I 145 -41.01 -20.86 3.90
C LYS I 145 -41.65 -21.39 5.20
N VAL I 146 -42.33 -20.50 5.94
CA VAL I 146 -43.01 -20.85 7.19
C VAL I 146 -44.50 -20.58 7.00
N GLN I 147 -45.31 -21.62 7.20
CA GLN I 147 -46.79 -21.56 7.18
C GLN I 147 -47.38 -21.84 8.58
N TRP I 148 -48.21 -20.91 9.05
CA TRP I 148 -48.87 -20.98 10.37
C TRP I 148 -50.31 -21.56 10.27
N LYS I 149 -50.57 -22.66 10.99
CA LYS I 149 -51.86 -23.42 10.92
C LYS I 149 -52.63 -23.55 12.27
N VAL I 150 -53.66 -22.71 12.46
CA VAL I 150 -54.55 -22.76 13.63
C VAL I 150 -55.82 -23.56 13.25
N ASP I 151 -56.07 -24.69 13.92
CA ASP I 151 -57.19 -25.63 13.61
C ASP I 151 -57.21 -26.09 12.16
N ASN I 152 -56.03 -26.30 11.58
CA ASN I 152 -55.88 -26.68 10.18
C ASN I 152 -56.32 -25.58 9.13
N ALA I 153 -56.25 -24.28 9.47
CA ALA I 153 -56.62 -23.14 8.54
C ALA I 153 -55.54 -22.03 8.45
N LEU I 154 -55.06 -21.71 7.23
CA LEU I 154 -53.87 -20.84 7.00
C LEU I 154 -54.01 -19.41 7.52
N GLN I 155 -52.94 -18.86 8.08
CA GLN I 155 -52.87 -17.48 8.60
C GLN I 155 -52.20 -16.51 7.62
N SER I 156 -52.49 -15.22 7.71
CA SER I 156 -51.77 -14.15 6.94
C SER I 156 -51.91 -12.74 7.56
N GLY I 157 -50.95 -11.85 7.29
CA GLY I 157 -50.91 -10.48 7.88
C GLY I 157 -50.48 -10.37 9.34
N ASN I 158 -50.38 -11.53 10.00
CA ASN I 158 -50.30 -11.65 11.46
C ASN I 158 -48.99 -12.30 11.95
N SER I 159 -47.99 -12.39 11.08
CA SER I 159 -46.74 -12.98 11.47
C SER I 159 -45.60 -12.44 10.69
N GLN I 160 -44.49 -12.23 11.37
CA GLN I 160 -43.28 -11.69 10.76
C GLN I 160 -42.07 -12.43 11.32
N GLU I 161 -41.09 -12.67 10.45
CA GLU I 161 -39.88 -13.41 10.77
C GLU I 161 -38.63 -12.56 10.57
N SER I 162 -37.49 -13.14 10.94
CA SER I 162 -36.15 -12.54 10.72
C SER I 162 -35.10 -13.66 10.66
N VAL I 163 -34.11 -13.51 9.79
CA VAL I 163 -33.12 -14.53 9.55
C VAL I 163 -31.80 -14.05 10.15
N THR I 164 -30.99 -14.97 10.67
CA THR I 164 -29.67 -14.61 11.22
C THR I 164 -28.70 -14.45 10.05
N GLU I 165 -27.58 -13.78 10.32
CA GLU I 165 -26.49 -13.64 9.35
C GLU I 165 -25.81 -14.98 9.26
N GLN I 166 -25.36 -15.36 8.07
CA GLN I 166 -24.65 -16.62 7.92
C GLN I 166 -23.57 -16.90 9.02
N ASP I 167 -23.64 -18.10 9.63
CA ASP I 167 -22.81 -18.51 10.77
C ASP I 167 -21.33 -18.53 10.39
N SER I 168 -20.49 -18.34 11.41
CA SER I 168 -19.02 -18.29 11.28
C SER I 168 -18.39 -19.68 11.01
N LYS I 169 -18.90 -20.74 11.65
CA LYS I 169 -18.24 -22.07 11.63
C LYS I 169 -18.88 -23.12 10.70
N ASP I 170 -20.22 -23.16 10.65
CA ASP I 170 -20.99 -24.14 9.82
C ASP I 170 -21.71 -23.55 8.59
N SER I 171 -21.51 -22.25 8.27
CA SER I 171 -22.12 -21.56 7.11
C SER I 171 -23.64 -21.79 6.94
N THR I 172 -24.33 -21.90 8.07
CA THR I 172 -25.79 -22.17 8.15
C THR I 172 -26.55 -20.91 8.55
N TYR I 173 -27.88 -20.94 8.42
CA TYR I 173 -28.76 -19.84 8.86
C TYR I 173 -29.71 -20.39 9.91
N SER I 174 -30.44 -19.49 10.57
CA SER I 174 -31.60 -19.88 11.39
C SER I 174 -32.72 -18.83 11.19
N LEU I 175 -33.97 -19.25 11.36
CA LEU I 175 -35.18 -18.42 11.13
C LEU I 175 -36.11 -18.47 12.35
N SER I 176 -36.73 -17.35 12.71
CA SER I 176 -37.64 -17.28 13.86
C SER I 176 -38.91 -16.55 13.46
N SER I 177 -39.98 -17.30 13.15
CA SER I 177 -41.27 -16.73 12.78
C SER I 177 -42.14 -16.51 14.04
N THR I 178 -42.66 -15.29 14.27
CA THR I 178 -43.50 -14.97 15.46
C THR I 178 -44.97 -14.61 15.06
N LEU I 179 -45.92 -15.49 15.43
CA LEU I 179 -47.37 -15.29 15.20
C LEU I 179 -47.98 -14.41 16.32
N THR I 180 -48.57 -13.25 16.01
CA THR I 180 -49.28 -12.42 17.02
C THR I 180 -50.84 -12.43 16.86
N LEU I 181 -51.52 -12.86 17.93
CA LEU I 181 -52.98 -13.04 17.98
C LEU I 181 -53.42 -12.44 19.33
N SER I 182 -54.71 -12.13 19.50
CA SER I 182 -55.21 -11.66 20.82
C SER I 182 -55.32 -12.82 21.78
N LYS I 183 -55.55 -12.54 23.06
CA LYS I 183 -55.84 -13.60 24.01
C LYS I 183 -57.22 -14.19 23.67
N ALA I 184 -58.14 -13.38 23.13
CA ALA I 184 -59.51 -13.83 22.81
C ALA I 184 -59.60 -14.70 21.53
N ASP I 185 -58.86 -14.32 20.46
CA ASP I 185 -58.67 -15.17 19.22
C ASP I 185 -58.03 -16.54 19.63
N TYR I 186 -57.03 -16.48 20.53
CA TYR I 186 -56.18 -17.64 20.97
C TYR I 186 -56.89 -18.75 21.81
N GLU I 187 -57.76 -18.38 22.76
CA GLU I 187 -58.45 -19.39 23.63
C GLU I 187 -59.46 -20.25 22.85
N LYS I 188 -60.08 -19.72 21.78
CA LYS I 188 -61.09 -20.43 20.98
C LYS I 188 -60.56 -21.72 20.38
N HIS I 189 -59.48 -21.61 19.62
CA HIS I 189 -58.96 -22.70 18.78
C HIS I 189 -57.97 -23.59 19.60
N LYS I 190 -57.80 -24.87 19.20
CA LYS I 190 -57.02 -25.86 20.01
C LYS I 190 -55.63 -26.25 19.48
N VAL I 191 -55.56 -26.80 18.25
CA VAL I 191 -54.29 -27.29 17.63
C VAL I 191 -53.53 -26.16 16.87
N TYR I 192 -52.26 -25.89 17.25
CA TYR I 192 -51.41 -24.85 16.60
C TYR I 192 -50.13 -25.44 15.92
N ALA I 193 -50.10 -25.42 14.57
CA ALA I 193 -49.07 -26.07 13.73
C ALA I 193 -48.13 -25.05 13.04
N CYS I 194 -46.89 -25.47 12.76
CA CYS I 194 -45.87 -24.68 12.01
C CYS I 194 -45.34 -25.54 10.84
N GLU I 195 -45.88 -25.38 9.63
CA GLU I 195 -45.46 -26.20 8.47
C GLU I 195 -44.25 -25.52 7.81
N VAL I 196 -43.26 -26.33 7.36
CA VAL I 196 -41.95 -25.82 6.89
C VAL I 196 -41.45 -26.47 5.57
N THR I 197 -41.41 -25.69 4.47
CA THR I 197 -40.75 -26.09 3.18
C THR I 197 -39.23 -25.82 3.24
N HIS I 198 -38.44 -26.78 2.76
CA HIS I 198 -37.02 -26.58 2.51
C HIS I 198 -36.58 -27.66 1.52
N GLN I 199 -35.58 -27.33 0.69
CA GLN I 199 -34.98 -28.28 -0.28
C GLN I 199 -34.20 -29.49 0.34
N GLY I 200 -33.94 -29.44 1.66
CA GLY I 200 -33.26 -30.50 2.43
C GLY I 200 -34.19 -31.51 3.10
N LEU I 201 -35.49 -31.20 3.17
CA LEU I 201 -36.54 -32.14 3.58
C LEU I 201 -37.23 -32.58 2.28
N SER I 202 -37.37 -33.88 2.02
CA SER I 202 -38.17 -34.28 0.85
C SER I 202 -39.68 -33.95 1.06
N SER I 203 -40.15 -33.96 2.32
CA SER I 203 -41.56 -33.63 2.68
C SER I 203 -41.63 -32.29 3.39
N PRO I 204 -42.74 -31.52 3.17
CA PRO I 204 -43.07 -30.43 4.13
C PRO I 204 -43.23 -30.89 5.63
N VAL I 205 -42.25 -30.61 6.52
CA VAL I 205 -42.24 -30.99 7.99
C VAL I 205 -43.12 -30.00 8.86
N THR I 206 -43.90 -30.58 9.80
CA THR I 206 -44.85 -29.86 10.71
C THR I 206 -44.61 -30.24 12.21
N LYS I 207 -44.54 -29.24 13.10
CA LYS I 207 -44.52 -29.44 14.56
C LYS I 207 -45.79 -28.82 15.14
N SER I 208 -46.39 -29.48 16.13
CA SER I 208 -47.63 -29.03 16.75
C SER I 208 -47.66 -29.21 18.29
N PHE I 209 -48.43 -28.36 18.96
CA PHE I 209 -48.84 -28.61 20.34
C PHE I 209 -50.35 -28.32 20.42
N ASN I 210 -51.00 -28.78 21.50
CA ASN I 210 -52.42 -28.48 21.80
C ASN I 210 -52.54 -27.61 23.08
N ARG I 211 -52.93 -26.34 22.94
CA ARG I 211 -53.12 -25.40 24.08
C ARG I 211 -53.85 -26.04 25.26
N GLY I 212 -53.27 -25.94 26.47
CA GLY I 212 -53.83 -26.53 27.69
C GLY I 212 -53.06 -27.78 27.96
N GLU I 213 -53.73 -28.94 27.98
CA GLU I 213 -53.11 -30.25 28.28
C GLU I 213 -52.23 -30.82 27.10
N CYS I 214 -50.97 -31.13 27.41
CA CYS I 214 -50.00 -31.84 26.53
C CYS I 214 -50.60 -32.75 25.46
N ASN J 7 -6.79 31.71 0.31
CA ASN J 7 -7.77 30.59 0.22
C ASN J 7 -7.77 29.94 -1.17
N ASN J 8 -7.41 28.65 -1.23
CA ASN J 8 -7.43 27.82 -2.46
C ASN J 8 -8.27 26.54 -2.27
N THR J 9 -9.24 26.30 -3.15
CA THR J 9 -10.06 25.07 -3.08
C THR J 9 -9.85 24.07 -4.23
N TYR J 10 -9.08 24.45 -5.25
CA TYR J 10 -8.76 23.59 -6.43
C TYR J 10 -7.71 22.49 -6.09
N PRO J 11 -7.71 21.34 -6.80
CA PRO J 11 -6.67 20.33 -6.51
C PRO J 11 -5.26 20.77 -6.91
N ILE J 12 -4.32 20.81 -5.96
CA ILE J 12 -2.89 21.09 -6.23
C ILE J 12 -2.22 19.82 -6.84
N LEU J 13 -1.81 19.86 -8.11
CA LEU J 13 -1.14 18.73 -8.81
C LEU J 13 0.23 18.35 -8.19
N ASN J 14 0.26 17.26 -7.40
CA ASN J 14 1.48 16.65 -6.78
C ASN J 14 1.67 15.20 -7.23
N GLN J 15 1.07 14.90 -8.37
CA GLN J 15 0.59 13.59 -8.74
C GLN J 15 0.75 13.56 -10.25
N GLU J 16 0.67 12.39 -10.90
CA GLU J 16 0.64 12.37 -12.38
C GLU J 16 -0.61 13.11 -12.94
N LEU J 17 -0.48 13.87 -14.04
CA LEU J 17 -1.68 14.50 -14.68
C LEU J 17 -2.78 13.49 -15.12
N ARG J 18 -2.40 12.33 -15.68
CA ARG J 18 -3.30 11.18 -16.03
C ARG J 18 -4.24 10.66 -14.88
N GLU J 19 -3.75 10.80 -13.65
CA GLU J 19 -4.43 10.36 -12.43
C GLU J 19 -5.35 11.45 -11.85
N ALA J 20 -4.87 12.70 -11.81
CA ALA J 20 -5.67 13.82 -11.24
C ALA J 20 -6.93 14.21 -12.08
N ILE J 21 -6.96 13.86 -13.38
CA ILE J 21 -8.11 14.05 -14.31
C ILE J 21 -9.31 13.13 -14.03
N LYS J 22 -9.04 12.04 -13.31
CA LYS J 22 -10.03 11.15 -12.76
C LYS J 22 -10.85 11.77 -11.61
N ASN J 23 -10.31 12.79 -10.94
CA ASN J 23 -11.01 13.50 -9.85
C ASN J 23 -12.38 14.05 -10.32
N PRO J 24 -13.49 13.72 -9.59
CA PRO J 24 -14.82 14.27 -9.93
C PRO J 24 -15.08 15.78 -9.65
N ALA J 25 -14.38 16.38 -8.68
CA ALA J 25 -14.46 17.83 -8.35
C ALA J 25 -14.34 18.71 -9.57
N ILE J 26 -13.58 18.25 -10.56
CA ILE J 26 -13.25 19.00 -11.77
C ILE J 26 -13.63 18.30 -13.11
N LYS J 27 -14.63 17.41 -13.08
CA LYS J 27 -15.26 16.89 -14.29
C LYS J 27 -16.10 17.99 -14.97
N ASP J 28 -15.60 18.44 -16.13
CA ASP J 28 -16.23 19.42 -17.02
C ASP J 28 -16.63 20.66 -16.24
N LYS J 29 -15.68 21.17 -15.47
CA LYS J 29 -15.91 22.30 -14.57
C LYS J 29 -15.67 23.58 -15.29
N ASP J 30 -16.46 24.60 -14.99
CA ASP J 30 -16.39 25.90 -15.67
C ASP J 30 -15.10 26.59 -15.22
N HIS J 31 -14.23 26.89 -16.20
CA HIS J 31 -12.94 27.55 -15.98
C HIS J 31 -12.89 28.94 -16.64
N SER J 32 -14.05 29.55 -16.90
CA SER J 32 -14.15 30.91 -17.47
C SER J 32 -13.52 31.88 -16.51
N ALA J 33 -12.95 32.94 -17.06
CA ALA J 33 -12.41 34.03 -16.25
C ALA J 33 -12.31 35.27 -17.14
N PRO J 34 -13.36 36.14 -17.15
CA PRO J 34 -13.51 37.18 -18.19
C PRO J 34 -12.42 38.26 -18.11
N ASN J 35 -11.94 38.46 -16.87
CA ASN J 35 -10.97 39.47 -16.47
C ASN J 35 -9.57 38.92 -16.71
N SER J 36 -9.24 38.75 -17.98
CA SER J 36 -8.04 38.06 -18.40
C SER J 36 -7.86 38.36 -19.88
N ARG J 37 -6.76 37.90 -20.46
CA ARG J 37 -6.44 38.14 -21.87
C ARG J 37 -5.73 36.97 -22.56
N PRO J 38 -5.69 36.97 -23.91
CA PRO J 38 -4.79 36.02 -24.60
C PRO J 38 -3.28 36.33 -24.37
N ILE J 39 -2.47 35.28 -24.33
CA ILE J 39 -1.02 35.41 -24.47
C ILE J 39 -0.48 34.25 -25.32
N ASP J 40 0.17 34.59 -26.45
CA ASP J 40 0.85 33.61 -27.31
C ASP J 40 2.09 33.09 -26.58
N PHE J 41 2.57 31.94 -27.03
CA PHE J 41 3.75 31.29 -26.46
C PHE J 41 4.40 30.29 -27.42
N GLU J 42 5.70 30.07 -27.19
CA GLU J 42 6.47 29.00 -27.79
C GLU J 42 6.75 27.93 -26.70
N MET J 43 7.14 26.75 -27.18
CA MET J 43 7.58 25.62 -26.39
C MET J 43 8.85 25.11 -27.07
N LYS J 44 9.96 25.04 -26.31
CA LYS J 44 11.34 24.86 -26.83
C LYS J 44 12.18 23.84 -26.02
N LYS J 45 13.08 23.10 -26.69
CA LYS J 45 14.06 22.21 -26.02
C LYS J 45 15.24 23.00 -25.45
N LYS J 46 16.13 22.33 -24.72
CA LYS J 46 17.36 22.99 -24.17
C LYS J 46 18.33 23.67 -25.23
N ASP J 47 18.43 23.14 -26.45
CA ASP J 47 19.26 23.80 -27.51
C ASP J 47 18.57 24.99 -28.23
N GLY J 48 17.41 25.45 -27.76
CA GLY J 48 16.72 26.59 -28.39
C GLY J 48 15.74 26.28 -29.51
N THR J 49 15.83 25.09 -30.10
CA THR J 49 14.87 24.53 -31.09
C THR J 49 13.48 24.54 -30.48
N GLN J 50 12.47 24.33 -31.31
CA GLN J 50 11.12 24.07 -30.84
C GLN J 50 10.93 22.62 -30.25
N GLN J 51 10.05 22.45 -29.23
CA GLN J 51 9.55 21.14 -28.72
C GLN J 51 8.20 20.79 -29.42
N PHE J 52 8.29 19.88 -30.39
CA PHE J 52 7.24 19.64 -31.35
C PHE J 52 5.96 19.13 -30.71
N TYR J 53 6.03 18.14 -29.83
CA TYR J 53 4.83 17.57 -29.18
C TYR J 53 4.17 18.55 -28.19
N HIS J 54 4.96 19.21 -27.33
CA HIS J 54 4.44 20.21 -26.37
C HIS J 54 3.76 21.45 -26.99
N TYR J 55 4.20 21.90 -28.18
CA TYR J 55 3.49 22.95 -28.97
C TYR J 55 2.24 22.40 -29.61
N ALA J 56 2.41 21.33 -30.39
CA ALA J 56 1.34 20.68 -31.12
C ALA J 56 0.15 20.30 -30.25
N SER J 57 0.40 19.88 -29.01
CA SER J 57 -0.67 19.46 -28.09
C SER J 57 -0.91 20.38 -26.88
N SER J 58 -0.84 21.70 -27.10
CA SER J 58 -1.15 22.73 -26.09
C SER J 58 -2.15 23.72 -26.71
N VAL J 59 -3.13 24.22 -25.93
CA VAL J 59 -4.18 25.12 -26.48
C VAL J 59 -3.54 26.49 -26.81
N LYS J 60 -3.82 27.00 -28.01
CA LYS J 60 -3.34 28.28 -28.50
C LYS J 60 -4.50 29.27 -28.52
N PRO J 61 -4.38 30.44 -27.88
CA PRO J 61 -3.24 30.84 -27.07
C PRO J 61 -3.43 30.38 -25.59
N ALA J 62 -2.46 30.63 -24.71
CA ALA J 62 -2.65 30.47 -23.25
C ALA J 62 -3.48 31.65 -22.71
N ARG J 63 -3.69 31.74 -21.41
CA ARG J 63 -4.46 32.86 -20.84
C ARG J 63 -3.65 33.45 -19.66
N VAL J 64 -3.78 34.76 -19.38
CA VAL J 64 -3.23 35.40 -18.16
C VAL J 64 -4.40 35.91 -17.34
N ILE J 65 -4.65 35.31 -16.17
CA ILE J 65 -5.80 35.66 -15.31
C ILE J 65 -5.37 36.67 -14.22
N PHE J 66 -6.03 37.82 -14.19
CA PHE J 66 -5.68 38.97 -13.34
C PHE J 66 -6.40 38.96 -12.00
N THR J 67 -5.64 38.93 -10.89
CA THR J 67 -6.17 38.87 -9.52
C THR J 67 -5.62 40.06 -8.74
N ASP J 68 -6.17 40.32 -7.55
CA ASP J 68 -5.66 41.44 -6.71
C ASP J 68 -4.23 41.26 -6.11
N SER J 69 -3.57 40.08 -6.26
CA SER J 69 -2.19 39.84 -5.70
C SER J 69 -1.04 39.43 -6.65
N LYS J 70 -1.29 38.65 -7.70
CA LYS J 70 -0.18 38.16 -8.55
C LYS J 70 -0.73 37.50 -9.87
N PRO J 71 0.07 37.48 -10.98
CA PRO J 71 -0.49 37.03 -12.29
C PRO J 71 -0.48 35.51 -12.48
N GLU J 72 -1.61 34.98 -12.96
CA GLU J 72 -1.89 33.55 -13.01
C GLU J 72 -2.01 33.19 -14.51
N ILE J 73 -1.40 32.08 -14.92
CA ILE J 73 -1.47 31.58 -16.31
C ILE J 73 -2.18 30.25 -16.41
N GLU J 74 -3.19 30.21 -17.30
CA GLU J 74 -3.93 29.00 -17.67
C GLU J 74 -3.35 28.38 -18.96
N LEU J 75 -3.03 27.09 -18.89
CA LEU J 75 -2.59 26.34 -20.04
C LEU J 75 -3.57 25.19 -20.18
N GLY J 76 -4.14 25.04 -21.38
CA GLY J 76 -4.93 23.86 -21.77
C GLY J 76 -4.06 22.80 -22.44
N LEU J 77 -3.96 21.62 -21.85
CA LEU J 77 -3.09 20.54 -22.32
C LEU J 77 -3.89 19.47 -23.01
N GLN J 78 -3.79 19.35 -24.33
CA GLN J 78 -4.53 18.34 -25.07
C GLN J 78 -3.98 16.95 -24.74
N SER J 79 -4.79 15.93 -24.98
CA SER J 79 -4.42 14.54 -24.75
C SER J 79 -3.94 14.30 -23.33
N GLY J 80 -4.83 14.60 -22.38
CA GLY J 80 -4.59 14.59 -20.92
C GLY J 80 -4.38 13.25 -20.23
N GLN J 81 -5.23 12.25 -20.58
CA GLN J 81 -5.07 10.80 -20.19
C GLN J 81 -3.68 10.23 -20.53
N PHE J 82 -3.03 10.82 -21.53
CA PHE J 82 -1.70 10.42 -21.97
C PHE J 82 -0.54 11.19 -21.31
N TRP J 83 -0.78 12.33 -20.65
CA TRP J 83 0.28 13.07 -19.89
C TRP J 83 0.50 12.41 -18.53
N ARG J 84 1.76 12.09 -18.18
CA ARG J 84 2.10 11.55 -16.86
C ARG J 84 2.58 12.68 -15.93
N LYS J 85 3.88 12.94 -15.90
CA LYS J 85 4.42 13.97 -15.05
C LYS J 85 4.14 15.32 -15.68
N PHE J 86 3.81 16.33 -14.87
CA PHE J 86 3.78 17.72 -15.34
C PHE J 86 4.16 18.71 -14.23
N GLU J 87 5.36 19.29 -14.35
CA GLU J 87 5.96 20.15 -13.33
C GLU J 87 6.41 21.45 -13.96
N VAL J 88 6.23 22.57 -13.25
CA VAL J 88 6.54 23.92 -13.74
C VAL J 88 7.34 24.69 -12.66
N TYR J 89 8.41 25.34 -13.12
CA TYR J 89 9.42 25.97 -12.28
C TYR J 89 9.75 27.41 -12.80
N GLU J 90 9.99 28.37 -11.90
CA GLU J 90 10.46 29.74 -12.23
C GLU J 90 11.85 29.90 -11.64
N GLY J 91 12.88 29.78 -12.48
CA GLY J 91 14.23 29.45 -12.04
C GLY J 91 14.33 27.92 -11.80
N ASP J 92 14.64 27.55 -10.56
CA ASP J 92 14.40 26.18 -10.06
C ASP J 92 13.73 26.25 -8.65
N LYS J 93 12.67 27.08 -8.54
CA LYS J 93 11.73 27.10 -7.39
C LYS J 93 10.40 26.60 -7.94
N LYS J 94 9.91 25.46 -7.43
CA LYS J 94 8.73 24.76 -7.98
C LYS J 94 7.38 25.46 -7.67
N LEU J 95 6.79 26.01 -8.72
CA LEU J 95 5.46 26.57 -8.66
C LEU J 95 4.42 25.44 -8.49
N PRO J 96 3.47 25.57 -7.51
CA PRO J 96 2.35 24.60 -7.42
C PRO J 96 1.35 24.70 -8.61
N ILE J 97 0.88 23.57 -9.14
CA ILE J 97 0.02 23.57 -10.34
C ILE J 97 -1.41 23.14 -9.97
N LYS J 98 -2.37 24.06 -10.06
CA LYS J 98 -3.80 23.81 -9.73
C LYS J 98 -4.57 23.29 -10.95
N LEU J 99 -5.05 22.04 -10.94
CA LEU J 99 -5.88 21.50 -12.03
C LEU J 99 -7.30 22.02 -11.90
N VAL J 100 -7.78 22.79 -12.87
CA VAL J 100 -9.07 23.53 -12.80
C VAL J 100 -10.28 22.84 -13.49
N SER J 101 -9.97 22.07 -14.53
CA SER J 101 -10.97 21.39 -15.39
C SER J 101 -10.32 20.25 -16.18
N TYR J 102 -11.11 19.22 -16.48
CA TYR J 102 -10.78 18.21 -17.48
C TYR J 102 -12.03 18.05 -18.36
N ASP J 103 -11.92 18.44 -19.63
CA ASP J 103 -12.98 18.27 -20.63
C ASP J 103 -12.99 16.77 -21.05
N THR J 104 -14.06 16.06 -20.76
CA THR J 104 -14.19 14.61 -21.03
C THR J 104 -14.34 14.25 -22.52
N VAL J 105 -15.16 15.01 -23.25
CA VAL J 105 -15.38 14.83 -24.69
C VAL J 105 -14.05 14.98 -25.44
N LYS J 106 -13.36 16.11 -25.24
CA LYS J 106 -12.19 16.49 -26.05
C LYS J 106 -10.81 16.02 -25.55
N ASP J 107 -10.75 15.51 -24.31
CA ASP J 107 -9.51 15.03 -23.64
C ASP J 107 -8.49 16.15 -23.34
N TYR J 108 -8.96 17.25 -22.76
CA TYR J 108 -8.16 18.49 -22.49
C TYR J 108 -8.11 18.83 -20.97
N ALA J 109 -6.93 18.81 -20.34
CA ALA J 109 -6.73 19.33 -18.97
C ALA J 109 -6.41 20.83 -19.02
N TYR J 110 -6.92 21.61 -18.06
CA TYR J 110 -6.68 23.06 -18.00
C TYR J 110 -6.01 23.35 -16.65
N ILE J 111 -4.74 23.73 -16.70
CA ILE J 111 -3.90 23.89 -15.49
C ILE J 111 -3.61 25.36 -15.23
N ARG J 112 -3.53 25.77 -13.95
CA ARG J 112 -3.17 27.16 -13.55
C ARG J 112 -1.91 27.14 -12.69
N PHE J 113 -1.01 28.10 -12.92
CA PHE J 113 0.12 28.35 -12.01
C PHE J 113 0.35 29.86 -11.79
N SER J 114 0.44 30.30 -10.53
CA SER J 114 0.84 31.69 -10.21
C SER J 114 2.35 31.84 -10.54
N VAL J 115 2.66 32.84 -11.36
CA VAL J 115 4.01 33.15 -11.81
C VAL J 115 4.37 34.54 -11.28
N SER J 116 5.67 34.79 -11.09
CA SER J 116 6.13 36.07 -10.51
C SER J 116 5.97 37.22 -11.49
N ASN J 117 5.99 38.43 -10.96
CA ASN J 117 5.71 39.63 -11.74
C ASN J 117 6.92 40.03 -12.56
N GLY J 118 6.76 40.16 -13.89
CA GLY J 118 7.87 40.43 -14.82
C GLY J 118 8.49 39.21 -15.47
N THR J 119 7.84 38.04 -15.32
CA THR J 119 8.29 36.72 -15.87
C THR J 119 8.31 36.69 -17.41
N LYS J 120 9.48 36.41 -18.00
CA LYS J 120 9.60 36.27 -19.45
C LYS J 120 9.34 34.80 -19.91
N ALA J 121 9.84 33.79 -19.19
CA ALA J 121 9.69 32.38 -19.62
C ALA J 121 9.61 31.43 -18.41
N VAL J 122 9.42 30.12 -18.63
CA VAL J 122 9.19 29.15 -17.52
C VAL J 122 9.53 27.66 -17.87
N LYS J 123 10.33 27.01 -17.03
CA LYS J 123 10.82 25.65 -17.30
C LYS J 123 9.74 24.58 -16.98
N ILE J 124 9.70 23.51 -17.81
CA ILE J 124 8.75 22.37 -17.69
C ILE J 124 9.46 20.98 -17.75
N VAL J 125 9.62 20.34 -16.59
CA VAL J 125 9.91 18.88 -16.49
C VAL J 125 8.56 18.12 -16.64
N SER J 126 8.51 17.10 -17.51
CA SER J 126 7.26 16.38 -17.92
C SER J 126 7.47 14.96 -18.44
N SER J 127 6.38 14.22 -18.57
CA SER J 127 6.38 12.92 -19.28
C SER J 127 4.98 12.55 -19.88
N THR J 128 4.99 11.57 -20.81
CA THR J 128 3.77 10.93 -21.40
C THR J 128 3.73 9.37 -21.30
N HIS J 129 2.53 8.79 -21.48
CA HIS J 129 2.30 7.32 -21.44
C HIS J 129 2.18 6.71 -22.85
N PHE J 130 3.33 6.29 -23.40
CA PHE J 130 3.45 5.69 -24.71
C PHE J 130 4.04 4.30 -24.58
N ASN J 131 3.52 3.32 -25.34
CA ASN J 131 4.03 1.93 -25.38
C ASN J 131 4.13 1.21 -23.99
N ASN J 132 3.23 1.57 -23.07
CA ASN J 132 3.25 1.12 -21.67
C ASN J 132 4.52 1.52 -20.90
N LYS J 133 5.16 2.62 -21.32
CA LYS J 133 6.47 3.10 -20.78
C LYS J 133 6.45 4.61 -20.52
N GLU J 134 7.39 5.10 -19.72
CA GLU J 134 7.54 6.55 -19.43
C GLU J 134 8.56 7.17 -20.38
N GLU J 135 8.02 7.98 -21.29
CA GLU J 135 8.76 8.77 -22.24
C GLU J 135 9.03 10.14 -21.59
N LYS J 136 10.23 10.35 -21.04
CA LYS J 136 10.56 11.57 -20.28
C LYS J 136 10.91 12.79 -21.21
N TYR J 137 10.46 13.99 -20.87
CA TYR J 137 11.00 15.24 -21.44
C TYR J 137 11.67 16.10 -20.35
N ASP J 138 13.01 15.95 -20.21
CA ASP J 138 13.88 16.59 -19.17
C ASP J 138 13.62 18.08 -18.98
N TYR J 139 13.70 18.80 -20.11
CA TYR J 139 13.69 20.26 -20.18
C TYR J 139 12.74 20.70 -21.34
N THR J 140 11.68 21.47 -21.02
CA THR J 140 10.89 22.26 -22.01
C THR J 140 10.76 23.73 -21.49
N LEU J 141 11.19 24.73 -22.26
CA LEU J 141 11.00 26.14 -21.86
C LEU J 141 9.69 26.71 -22.47
N MET J 142 8.66 26.97 -21.64
CA MET J 142 7.48 27.69 -22.11
C MET J 142 7.79 29.17 -22.12
N GLU J 143 8.34 29.65 -23.24
CA GLU J 143 8.66 31.07 -23.44
C GLU J 143 7.41 31.82 -23.90
N PHE J 144 7.14 33.00 -23.31
CA PHE J 144 5.93 33.80 -23.64
C PHE J 144 6.26 34.90 -24.69
N ALA J 145 5.23 35.32 -25.43
CA ALA J 145 5.36 36.34 -26.46
C ALA J 145 5.86 37.68 -25.91
N GLN J 146 5.41 38.03 -24.71
CA GLN J 146 5.91 39.22 -24.00
C GLN J 146 5.91 38.99 -22.46
N PRO J 147 6.66 39.85 -21.69
CA PRO J 147 6.67 39.72 -20.21
C PRO J 147 5.28 39.76 -19.54
N ILE J 148 5.06 38.87 -18.56
CA ILE J 148 3.77 38.68 -17.85
C ILE J 148 3.66 39.56 -16.59
N TYR J 149 2.84 40.63 -16.68
CA TYR J 149 2.41 41.45 -15.53
C TYR J 149 0.87 41.23 -15.29
N ASN J 150 0.38 41.68 -14.12
CA ASN J 150 -0.94 41.28 -13.59
C ASN J 150 -2.16 42.13 -13.95
N SER J 151 -1.98 43.25 -14.67
CA SER J 151 -3.12 44.14 -15.02
C SER J 151 -3.05 44.52 -16.52
N ALA J 152 -3.56 45.69 -16.88
CA ALA J 152 -3.45 46.25 -18.23
C ALA J 152 -2.22 47.18 -18.36
N ASP J 153 -1.06 46.59 -18.63
CA ASP J 153 0.16 47.35 -19.04
C ASP J 153 1.18 46.43 -19.82
N LYS J 154 0.88 46.18 -21.11
CA LYS J 154 1.59 45.21 -21.95
C LYS J 154 1.87 45.72 -23.42
N PHE J 155 2.27 47.00 -23.54
CA PHE J 155 3.02 47.53 -24.69
C PHE J 155 2.27 47.58 -26.03
#